data_6LUF
#
_entry.id   6LUF
#
_cell.length_a   80.927
_cell.length_b   154.127
_cell.length_c   194.063
_cell.angle_alpha   90.00
_cell.angle_beta   90.00
_cell.angle_gamma   90.00
#
_symmetry.space_group_name_H-M   'P 21 21 21'
#
loop_
_entity.id
_entity.type
_entity.pdbx_description
1 polymer 'Flagellar regulatory protein C'
2 non-polymer "ADENOSINE-5'-DIPHOSPHATE"
#
_entity_poly.entity_id   1
_entity_poly.type   'polypeptide(L)'
_entity_poly.pdbx_seq_one_letter_code
;MGSSHHHHHHSSGLVPRGSHMVVADTKSLKLLALADKVAKTDANVMILGPSGSGKEVMSRYIHNASPRKEGPFIAINCAA
IPDNMLEATLFGYEKGAFTGAVQACPGKFEQAQGGTILLDEISEMDLNLQAKLLRVLQEREVERLGSRKSIKLDVRVLAT
SNRDLKQYVQAGHFREDLYARLNVFPLTWPALCERKDDIEPLANHLIERHCKKLGLPVPSIAPNAITKLLNYPWPGNVRE
LDNVVQRALILSENGHIQSEHILLEGVDWHD
;
_entity_poly.pdbx_strand_id   A,B,C,D,E,F,G
#
# COMPACT_ATOMS: atom_id res chain seq x y z
N HIS A 20 8.40 -27.96 43.45
CA HIS A 20 7.66 -29.01 44.12
C HIS A 20 6.18 -28.99 43.73
N MET A 21 5.71 -30.09 43.14
CA MET A 21 4.32 -30.20 42.69
C MET A 21 3.43 -30.96 43.66
N VAL A 22 2.25 -30.39 43.93
CA VAL A 22 1.29 -31.00 44.85
C VAL A 22 -0.03 -31.33 44.15
N VAL A 23 -0.33 -32.63 44.13
CA VAL A 23 -1.59 -33.10 43.57
C VAL A 23 -2.29 -33.97 44.61
N ALA A 24 -3.57 -34.20 44.44
CA ALA A 24 -4.35 -34.98 45.40
C ALA A 24 -5.52 -35.67 44.73
N ASP A 25 -6.05 -35.03 43.69
CA ASP A 25 -7.15 -35.61 42.95
C ASP A 25 -6.67 -36.85 42.22
N THR A 26 -7.55 -37.85 42.13
CA THR A 26 -7.21 -39.11 41.50
C THR A 26 -6.89 -38.86 40.02
N LYS A 27 -7.47 -37.80 39.46
CA LYS A 27 -7.23 -37.45 38.07
C LYS A 27 -5.84 -36.86 37.84
N SER A 28 -5.32 -36.16 38.85
CA SER A 28 -3.99 -35.59 38.78
C SER A 28 -2.94 -36.67 39.04
N LEU A 29 -3.27 -37.60 39.93
CA LEU A 29 -2.37 -38.69 40.28
C LEU A 29 -2.11 -39.59 39.07
N LYS A 30 -3.12 -39.72 38.21
CA LYS A 30 -2.98 -40.51 36.99
C LYS A 30 -2.03 -39.86 35.99
N LEU A 31 -2.02 -38.54 35.96
CA LEU A 31 -1.11 -37.81 35.06
C LEU A 31 0.34 -37.91 35.50
N LEU A 32 0.60 -37.76 36.80
CA LEU A 32 1.96 -37.91 37.32
C LEU A 32 2.45 -39.34 37.11
N ALA A 33 1.52 -40.28 37.12
CA ALA A 33 1.85 -41.67 36.84
C ALA A 33 2.41 -41.79 35.42
N LEU A 34 1.79 -41.10 34.48
CA LEU A 34 2.28 -41.06 33.10
C LEU A 34 3.56 -40.25 32.98
N ALA A 35 3.62 -39.13 33.69
CA ALA A 35 4.75 -38.22 33.63
C ALA A 35 6.05 -38.92 33.98
N ASP A 36 6.00 -39.78 34.99
CA ASP A 36 7.17 -40.51 35.43
C ASP A 36 7.67 -41.45 34.33
N LYS A 37 6.75 -41.96 33.53
CA LYS A 37 7.11 -42.90 32.48
C LYS A 37 7.85 -42.21 31.33
N VAL A 38 7.49 -40.96 31.04
CA VAL A 38 8.16 -40.23 29.96
C VAL A 38 9.41 -39.56 30.47
N ALA A 39 9.42 -39.23 31.75
CA ALA A 39 10.56 -38.57 32.37
C ALA A 39 11.81 -39.46 32.24
N LYS A 40 11.62 -40.76 32.42
CA LYS A 40 12.72 -41.71 32.33
C LYS A 40 13.34 -41.76 30.95
N THR A 41 12.57 -41.35 29.95
CA THR A 41 13.03 -41.40 28.56
C THR A 41 13.46 -40.01 28.06
N ASP A 42 13.78 -39.93 26.78
CA ASP A 42 14.19 -38.67 26.17
C ASP A 42 13.13 -38.15 25.20
N ALA A 43 11.92 -38.69 25.33
CA ALA A 43 10.85 -38.38 24.40
C ALA A 43 10.40 -36.93 24.53
N ASN A 44 9.94 -36.37 23.42
CA ASN A 44 9.39 -35.03 23.42
C ASN A 44 8.02 -35.02 24.09
N VAL A 45 7.89 -34.28 25.18
CA VAL A 45 6.62 -34.23 25.89
C VAL A 45 5.85 -32.96 25.56
N MET A 46 4.57 -33.12 25.24
CA MET A 46 3.69 -31.99 24.94
C MET A 46 2.62 -31.87 26.02
N ILE A 47 2.69 -30.79 26.79
CA ILE A 47 1.79 -30.62 27.91
C ILE A 47 0.66 -29.66 27.54
N LEU A 48 -0.54 -30.20 27.37
CA LEU A 48 -1.70 -29.38 26.99
C LEU A 48 -2.46 -28.91 28.22
N GLY A 49 -3.64 -28.33 27.99
CA GLY A 49 -4.43 -27.79 29.09
C GLY A 49 -4.63 -26.30 28.98
N PRO A 50 -5.48 -25.73 29.84
CA PRO A 50 -5.79 -24.29 29.82
C PRO A 50 -4.69 -23.46 30.45
N SER A 51 -4.78 -22.14 30.31
CA SER A 51 -3.79 -21.25 30.91
C SER A 51 -4.04 -21.15 32.40
N GLY A 52 -3.02 -21.37 33.20
CA GLY A 52 -3.18 -21.27 34.64
C GLY A 52 -3.36 -22.58 35.37
N SER A 53 -2.98 -23.70 34.76
CA SER A 53 -3.22 -24.96 35.43
C SER A 53 -1.85 -25.49 35.90
N GLY A 54 -0.82 -24.70 35.61
CA GLY A 54 0.55 -25.02 35.98
C GLY A 54 1.17 -26.08 35.09
N LYS A 55 0.92 -25.99 33.79
CA LYS A 55 1.57 -26.92 32.86
C LYS A 55 3.05 -26.57 32.64
N GLU A 56 3.74 -26.16 33.70
CA GLU A 56 5.17 -25.85 33.66
C GLU A 56 5.86 -26.51 34.82
N VAL A 57 5.23 -26.41 35.98
CA VAL A 57 5.72 -26.96 37.22
C VAL A 57 5.76 -28.47 37.05
N MET A 58 5.07 -28.95 36.01
CA MET A 58 5.12 -30.35 35.61
C MET A 58 6.29 -30.64 34.71
N SER A 59 6.67 -29.65 33.90
CA SER A 59 7.82 -29.85 33.02
C SER A 59 9.08 -29.93 33.84
N ARG A 60 9.14 -29.11 34.87
CA ARG A 60 10.26 -29.12 35.79
C ARG A 60 10.28 -30.45 36.51
N TYR A 61 9.09 -30.95 36.82
CA TYR A 61 8.96 -32.24 37.48
C TYR A 61 9.50 -33.34 36.58
N ILE A 62 9.18 -33.23 35.29
CA ILE A 62 9.67 -34.18 34.29
C ILE A 62 11.19 -34.08 34.20
N HIS A 63 11.70 -32.86 34.23
CA HIS A 63 13.14 -32.62 34.22
C HIS A 63 13.81 -33.24 35.43
N ASN A 64 13.24 -32.96 36.60
CA ASN A 64 13.80 -33.44 37.86
C ASN A 64 13.61 -34.94 38.04
N ALA A 65 12.72 -35.53 37.24
CA ALA A 65 12.50 -36.96 37.28
C ALA A 65 13.20 -37.64 36.11
N SER A 66 13.89 -36.84 35.30
CA SER A 66 14.60 -37.36 34.14
C SER A 66 16.06 -37.61 34.47
N PRO A 67 16.74 -38.47 33.69
CA PRO A 67 18.18 -38.69 33.87
C PRO A 67 19.01 -37.42 33.63
N ARG A 68 18.38 -36.36 33.12
CA ARG A 68 19.06 -35.10 32.91
C ARG A 68 18.74 -34.12 34.02
N LYS A 69 18.33 -34.65 35.16
CA LYS A 69 17.94 -33.84 36.31
C LYS A 69 19.04 -32.86 36.71
N GLU A 70 20.28 -33.34 36.71
CA GLU A 70 21.40 -32.53 37.18
C GLU A 70 21.83 -31.53 36.11
N GLY A 71 21.22 -31.65 34.93
CA GLY A 71 21.49 -30.78 33.80
C GLY A 71 20.82 -29.42 33.88
N PRO A 72 21.04 -28.57 32.88
CA PRO A 72 20.45 -27.22 32.83
C PRO A 72 18.96 -27.30 32.54
N PHE A 73 18.18 -26.35 33.04
CA PHE A 73 16.77 -26.28 32.70
C PHE A 73 16.44 -24.92 32.12
N ILE A 74 16.29 -24.85 30.81
CA ILE A 74 16.09 -23.57 30.14
C ILE A 74 14.65 -23.41 29.68
N ALA A 75 14.01 -22.33 30.14
CA ALA A 75 12.64 -22.05 29.75
C ALA A 75 12.54 -20.77 28.93
N ILE A 76 11.68 -20.78 27.93
CA ILE A 76 11.44 -19.61 27.09
C ILE A 76 9.97 -19.55 26.68
N ASN A 77 9.31 -18.44 27.01
CA ASN A 77 7.90 -18.29 26.71
C ASN A 77 7.70 -17.63 25.35
N CYS A 78 7.24 -18.40 24.38
CA CYS A 78 7.11 -17.93 23.00
C CYS A 78 6.01 -16.90 22.79
N ALA A 79 5.22 -16.66 23.83
CA ALA A 79 4.10 -15.72 23.73
C ALA A 79 4.38 -14.43 24.50
N ALA A 80 5.58 -14.32 25.06
CA ALA A 80 5.90 -13.19 25.92
C ALA A 80 7.23 -12.53 25.58
N ILE A 81 7.81 -12.90 24.44
CA ILE A 81 9.07 -12.29 24.00
C ILE A 81 8.79 -11.09 23.11
N PRO A 82 9.04 -9.88 23.65
CA PRO A 82 8.71 -8.64 22.94
C PRO A 82 9.65 -8.35 21.77
N ASP A 83 9.28 -7.34 20.98
CA ASP A 83 10.12 -6.86 19.88
C ASP A 83 10.51 -7.97 18.89
N ASN A 84 9.67 -8.99 18.78
CA ASN A 84 9.83 -10.07 17.82
C ASN A 84 11.17 -10.79 17.94
N MET A 85 11.67 -10.93 19.16
CA MET A 85 12.98 -11.51 19.40
C MET A 85 12.93 -13.00 19.72
N LEU A 86 11.79 -13.63 19.46
CA LEU A 86 11.63 -15.06 19.76
C LEU A 86 12.64 -15.93 19.00
N GLU A 87 12.69 -15.76 17.69
CA GLU A 87 13.62 -16.50 16.85
C GLU A 87 15.06 -16.22 17.25
N ALA A 88 15.36 -14.95 17.51
CA ALA A 88 16.72 -14.54 17.83
C ALA A 88 17.20 -15.13 19.15
N THR A 89 16.31 -15.26 20.12
CA THR A 89 16.68 -15.73 21.45
C THR A 89 16.79 -17.26 21.49
N LEU A 90 16.02 -17.94 20.64
CA LEU A 90 16.05 -19.40 20.58
C LEU A 90 17.32 -19.94 19.95
N PHE A 91 17.65 -19.43 18.78
CA PHE A 91 18.77 -19.95 18.00
C PHE A 91 20.06 -19.20 18.27
N GLY A 92 19.94 -17.98 18.79
CA GLY A 92 21.10 -17.13 18.98
C GLY A 92 21.48 -16.47 17.67
N TYR A 93 22.44 -15.55 17.73
CA TYR A 93 22.84 -14.80 16.55
C TYR A 93 24.26 -14.28 16.67
N GLU A 94 24.91 -14.11 15.52
CA GLU A 94 26.21 -13.47 15.46
C GLU A 94 26.05 -11.98 15.20
N LYS A 95 27.10 -11.21 15.45
CA LYS A 95 27.06 -9.76 15.27
C LYS A 95 26.72 -9.40 13.84
N GLY A 96 25.59 -8.71 13.66
CA GLY A 96 25.18 -8.24 12.35
C GLY A 96 24.13 -9.10 11.68
N ALA A 97 23.56 -10.06 12.41
CA ALA A 97 22.56 -10.96 11.85
C ALA A 97 21.26 -10.23 11.52
N PHE A 98 21.03 -9.11 12.20
CA PHE A 98 19.87 -8.27 11.95
C PHE A 98 20.10 -6.87 12.50
N THR A 99 19.33 -5.91 12.02
CA THR A 99 19.42 -4.54 12.52
C THR A 99 19.05 -4.52 13.99
N GLY A 100 20.05 -4.34 14.84
CA GLY A 100 19.86 -4.37 16.28
C GLY A 100 20.82 -5.34 16.93
N ALA A 101 21.42 -6.20 16.12
CA ALA A 101 22.41 -7.16 16.61
C ALA A 101 23.78 -6.49 16.72
N VAL A 102 24.06 -5.88 17.86
CA VAL A 102 25.33 -5.20 18.06
C VAL A 102 26.38 -6.19 18.56
N GLN A 103 25.93 -7.29 19.14
CA GLN A 103 26.83 -8.28 19.72
C GLN A 103 26.45 -9.70 19.29
N ALA A 104 27.34 -10.65 19.55
CA ALA A 104 26.99 -12.06 19.39
C ALA A 104 26.27 -12.56 20.64
N CYS A 105 25.47 -13.61 20.48
CA CYS A 105 24.66 -14.12 21.59
C CYS A 105 24.25 -15.58 21.40
N PRO A 106 24.53 -16.42 22.41
CA PRO A 106 24.13 -17.83 22.36
C PRO A 106 22.62 -18.02 22.48
N GLY A 107 22.10 -19.04 21.82
CA GLY A 107 20.67 -19.32 21.84
C GLY A 107 20.25 -20.14 23.03
N LYS A 108 18.95 -20.24 23.26
CA LYS A 108 18.41 -20.98 24.39
C LYS A 108 18.70 -22.47 24.25
N PHE A 109 18.83 -22.94 23.01
CA PHE A 109 19.19 -24.32 22.75
C PHE A 109 20.62 -24.61 23.21
N GLU A 110 21.51 -23.64 23.01
CA GLU A 110 22.90 -23.77 23.46
C GLU A 110 22.96 -23.77 24.98
N GLN A 111 22.14 -22.92 25.60
CA GLN A 111 22.13 -22.81 27.05
C GLN A 111 21.59 -24.07 27.70
N ALA A 112 20.79 -24.83 26.95
CA ALA A 112 20.14 -26.03 27.48
C ALA A 112 20.92 -27.29 27.15
N GLN A 113 22.18 -27.14 26.77
CA GLN A 113 23.01 -28.28 26.39
C GLN A 113 23.16 -29.28 27.53
N GLY A 114 22.84 -30.55 27.25
CA GLY A 114 22.93 -31.61 28.23
C GLY A 114 21.77 -31.64 29.22
N GLY A 115 20.79 -30.76 29.01
CA GLY A 115 19.65 -30.68 29.89
C GLY A 115 18.31 -30.69 29.18
N THR A 116 17.40 -29.82 29.63
CA THR A 116 16.05 -29.79 29.12
C THR A 116 15.64 -28.36 28.76
N ILE A 117 15.02 -28.18 27.60
CA ILE A 117 14.50 -26.89 27.22
C ILE A 117 12.97 -26.93 27.18
N LEU A 118 12.34 -25.85 27.60
CA LEU A 118 10.88 -25.77 27.60
C LEU A 118 10.38 -24.68 26.66
N LEU A 119 9.69 -25.09 25.60
CA LEU A 119 9.10 -24.14 24.66
C LEU A 119 7.66 -23.84 25.07
N ASP A 120 7.52 -22.84 25.93
CA ASP A 120 6.22 -22.47 26.50
C ASP A 120 5.34 -21.80 25.46
N GLU A 121 4.08 -22.24 25.39
CA GLU A 121 3.10 -21.73 24.42
C GLU A 121 3.64 -21.77 22.99
N ILE A 122 4.00 -22.96 22.53
CA ILE A 122 4.69 -23.15 21.26
C ILE A 122 3.80 -22.82 20.06
N SER A 123 2.51 -22.65 20.31
CA SER A 123 1.56 -22.36 19.24
C SER A 123 1.70 -20.94 18.69
N GLU A 124 2.64 -20.18 19.24
CA GLU A 124 2.79 -18.77 18.87
C GLU A 124 3.96 -18.55 17.93
N MET A 125 4.63 -19.63 17.54
CA MET A 125 5.70 -19.53 16.56
C MET A 125 5.09 -19.32 15.18
N ASP A 126 5.65 -18.40 14.41
CA ASP A 126 5.23 -18.22 13.03
C ASP A 126 5.58 -19.50 12.25
N LEU A 127 4.93 -19.71 11.12
CA LEU A 127 5.13 -20.93 10.35
C LEU A 127 6.60 -21.14 9.97
N ASN A 128 7.32 -20.05 9.77
CA ASN A 128 8.72 -20.11 9.40
C ASN A 128 9.61 -20.56 10.55
N LEU A 129 9.33 -20.03 11.74
CA LEU A 129 10.11 -20.37 12.93
C LEU A 129 9.90 -21.85 13.27
N GLN A 130 8.71 -22.36 12.94
CA GLN A 130 8.40 -23.77 13.15
C GLN A 130 9.23 -24.64 12.21
N ALA A 131 9.53 -24.12 11.03
CA ALA A 131 10.34 -24.83 10.06
C ALA A 131 11.79 -24.90 10.54
N LYS A 132 12.22 -23.84 11.24
CA LYS A 132 13.57 -23.81 11.80
C LYS A 132 13.67 -24.76 12.98
N LEU A 133 12.62 -24.79 13.79
CA LEU A 133 12.55 -25.68 14.95
C LEU A 133 12.53 -27.14 14.51
N LEU A 134 11.85 -27.42 13.40
CA LEU A 134 11.77 -28.78 12.88
C LEU A 134 13.16 -29.33 12.53
N ARG A 135 13.96 -28.52 11.84
CA ARG A 135 15.30 -28.94 11.45
C ARG A 135 16.15 -29.25 12.68
N VAL A 136 15.96 -28.46 13.73
CA VAL A 136 16.69 -28.67 14.97
C VAL A 136 16.32 -30.02 15.57
N LEU A 137 15.03 -30.31 15.59
CA LEU A 137 14.54 -31.57 16.12
C LEU A 137 15.00 -32.76 15.29
N GLN A 138 15.05 -32.59 13.97
CA GLN A 138 15.45 -33.67 13.08
C GLN A 138 16.96 -33.94 13.09
N GLU A 139 17.73 -32.88 12.87
CA GLU A 139 19.19 -33.03 12.74
C GLU A 139 19.93 -32.98 14.07
N ARG A 140 19.23 -32.61 15.14
CA ARG A 140 19.83 -32.44 16.46
C ARG A 140 21.01 -31.48 16.39
N GLU A 141 20.80 -30.37 15.70
CA GLU A 141 21.82 -29.34 15.52
C GLU A 141 21.17 -27.98 15.47
N VAL A 142 21.90 -26.95 15.89
CA VAL A 142 21.37 -25.61 15.81
C VAL A 142 22.42 -24.71 15.19
N GLU A 143 21.98 -23.65 14.54
CA GLU A 143 22.89 -22.66 14.00
C GLU A 143 22.37 -21.26 14.26
N ARG A 144 23.24 -20.41 14.80
CA ARG A 144 22.84 -19.05 15.14
C ARG A 144 22.54 -18.27 13.87
N LEU A 145 21.73 -17.22 14.02
CA LEU A 145 21.42 -16.36 12.89
C LEU A 145 22.68 -15.67 12.38
N GLY A 146 22.91 -15.79 11.07
CA GLY A 146 24.08 -15.16 10.48
C GLY A 146 25.33 -16.02 10.58
N SER A 147 25.17 -17.23 11.14
CA SER A 147 26.25 -18.19 11.24
C SER A 147 25.86 -19.37 10.36
N ARG A 148 26.84 -19.91 9.65
CA ARG A 148 26.58 -21.02 8.76
C ARG A 148 27.06 -22.30 9.45
N LYS A 149 27.72 -22.09 10.58
CA LYS A 149 28.31 -23.17 11.38
C LYS A 149 27.30 -23.78 12.34
N SER A 150 27.04 -25.07 12.16
CA SER A 150 26.06 -25.80 12.97
C SER A 150 26.66 -26.28 14.28
N ILE A 151 25.83 -26.29 15.32
CA ILE A 151 26.26 -26.69 16.66
C ILE A 151 25.53 -27.96 17.11
N LYS A 152 26.29 -28.99 17.44
CA LYS A 152 25.70 -30.25 17.88
C LYS A 152 24.90 -30.09 19.16
N LEU A 153 23.70 -30.64 19.18
CA LEU A 153 22.79 -30.45 20.33
C LEU A 153 22.40 -31.76 21.00
N ASP A 154 22.66 -31.83 22.30
CA ASP A 154 22.15 -32.91 23.13
C ASP A 154 21.14 -32.32 24.10
N VAL A 155 19.91 -32.10 23.60
CA VAL A 155 18.89 -31.40 24.37
C VAL A 155 17.54 -32.11 24.35
N ARG A 156 16.95 -32.32 25.53
CA ARG A 156 15.62 -32.89 25.64
C ARG A 156 14.55 -31.79 25.55
N VAL A 157 13.55 -32.00 24.70
CA VAL A 157 12.57 -30.96 24.41
C VAL A 157 11.22 -31.18 25.07
N LEU A 158 10.76 -30.17 25.80
CA LEU A 158 9.40 -30.14 26.32
C LEU A 158 8.68 -28.94 25.72
N ALA A 159 7.37 -29.02 25.57
CA ALA A 159 6.61 -27.91 25.02
C ALA A 159 5.20 -27.83 25.61
N THR A 160 4.62 -26.64 25.57
CA THR A 160 3.27 -26.43 26.11
C THR A 160 2.41 -25.65 25.12
N SER A 161 1.10 -25.78 25.25
CA SER A 161 0.15 -25.02 24.45
C SER A 161 -1.24 -25.07 25.09
N ASN A 162 -1.95 -23.95 25.09
CA ASN A 162 -3.31 -23.95 25.63
C ASN A 162 -4.37 -23.98 24.54
N ARG A 163 -4.01 -24.48 23.36
CA ARG A 163 -4.96 -24.61 22.26
C ARG A 163 -4.78 -25.97 21.59
N ASP A 164 -5.88 -26.52 21.10
CA ASP A 164 -5.85 -27.80 20.39
C ASP A 164 -5.00 -27.72 19.14
N LEU A 165 -3.75 -28.17 19.25
CA LEU A 165 -2.78 -28.09 18.16
C LEU A 165 -3.21 -28.84 16.91
N LYS A 166 -3.97 -29.92 17.10
CA LYS A 166 -4.43 -30.74 15.98
C LYS A 166 -5.32 -29.94 15.03
N GLN A 167 -6.32 -29.26 15.59
CA GLN A 167 -7.20 -28.42 14.77
C GLN A 167 -6.46 -27.15 14.35
N TYR A 168 -5.45 -26.77 15.13
CA TYR A 168 -4.62 -25.63 14.79
C TYR A 168 -3.76 -25.97 13.57
N VAL A 169 -3.36 -27.24 13.48
CA VAL A 169 -2.70 -27.75 12.29
C VAL A 169 -3.68 -27.73 11.13
N GLN A 170 -4.90 -28.17 11.41
CA GLN A 170 -5.96 -28.20 10.41
C GLN A 170 -6.33 -26.80 9.94
N ALA A 171 -6.09 -25.80 10.78
CA ALA A 171 -6.34 -24.41 10.42
C ALA A 171 -5.18 -23.85 9.59
N GLY A 172 -4.10 -24.62 9.50
CA GLY A 172 -2.95 -24.23 8.70
C GLY A 172 -2.04 -23.21 9.35
N HIS A 173 -2.07 -23.16 10.67
CA HIS A 173 -1.25 -22.21 11.42
C HIS A 173 -0.12 -22.94 12.14
N PHE A 174 -0.09 -24.26 12.00
CA PHE A 174 0.94 -25.07 12.63
C PHE A 174 1.30 -26.23 11.71
N ARG A 175 2.59 -26.49 11.60
CA ARG A 175 3.08 -27.55 10.72
C ARG A 175 2.68 -28.93 11.23
N GLU A 176 2.13 -29.75 10.35
CA GLU A 176 1.66 -31.08 10.73
C GLU A 176 2.83 -31.97 11.16
N ASP A 177 3.97 -31.81 10.50
CA ASP A 177 5.14 -32.63 10.78
C ASP A 177 5.73 -32.28 12.14
N LEU A 178 5.71 -30.98 12.47
CA LEU A 178 6.18 -30.53 13.77
C LEU A 178 5.23 -31.01 14.87
N TYR A 179 3.93 -30.95 14.59
CA TYR A 179 2.93 -31.39 15.54
C TYR A 179 3.06 -32.88 15.79
N ALA A 180 3.43 -33.62 14.74
CA ALA A 180 3.50 -35.07 14.83
C ALA A 180 4.79 -35.52 15.49
N ARG A 181 5.73 -34.60 15.65
CA ARG A 181 7.01 -34.93 16.26
C ARG A 181 6.93 -34.55 17.73
N LEU A 182 5.94 -33.73 18.05
CA LEU A 182 5.77 -33.25 19.41
C LEU A 182 4.61 -33.94 20.09
N ASN A 183 3.83 -34.70 19.32
CA ASN A 183 2.63 -35.34 19.84
C ASN A 183 2.85 -36.84 20.01
N VAL A 184 4.07 -37.21 20.38
CA VAL A 184 4.40 -38.60 20.64
C VAL A 184 3.75 -39.02 21.95
N PHE A 185 3.85 -38.14 22.94
CA PHE A 185 3.33 -38.42 24.26
C PHE A 185 2.69 -37.18 24.86
N PRO A 186 1.46 -36.85 24.41
CA PRO A 186 0.78 -35.66 24.93
C PRO A 186 0.23 -35.89 26.34
N LEU A 187 0.28 -34.85 27.16
CA LEU A 187 -0.32 -34.89 28.50
C LEU A 187 -1.24 -33.69 28.67
N THR A 188 -2.50 -33.94 29.00
CA THR A 188 -3.45 -32.85 29.12
C THR A 188 -3.75 -32.59 30.58
N TRP A 189 -3.17 -31.51 31.07
CA TRP A 189 -3.34 -31.01 32.41
C TRP A 189 -4.68 -30.29 32.47
N PRO A 190 -5.66 -30.84 33.20
CA PRO A 190 -7.05 -30.35 33.16
C PRO A 190 -7.30 -29.07 33.94
N ALA A 191 -8.47 -28.46 33.71
CA ALA A 191 -8.86 -27.26 34.44
C ALA A 191 -8.99 -27.56 35.93
N LEU A 192 -8.99 -26.52 36.74
CA LEU A 192 -9.04 -26.70 38.19
C LEU A 192 -10.37 -27.28 38.65
N CYS A 193 -11.44 -26.96 37.94
CA CYS A 193 -12.78 -27.40 38.32
C CYS A 193 -13.06 -28.84 37.92
N GLU A 194 -12.19 -29.41 37.09
CA GLU A 194 -12.32 -30.81 36.71
C GLU A 194 -11.42 -31.68 37.58
N ARG A 195 -10.68 -31.03 38.47
CA ARG A 195 -9.84 -31.74 39.44
C ARG A 195 -9.97 -31.09 40.82
N LYS A 196 -11.19 -31.03 41.34
CA LYS A 196 -11.49 -30.24 42.52
C LYS A 196 -10.74 -30.66 43.79
N ASP A 197 -10.27 -31.90 43.82
CA ASP A 197 -9.55 -32.38 44.99
C ASP A 197 -8.15 -31.77 45.08
N ASP A 198 -7.74 -31.09 44.02
CA ASP A 198 -6.45 -30.41 44.01
C ASP A 198 -6.53 -29.07 44.72
N ILE A 199 -7.74 -28.54 44.84
CA ILE A 199 -7.94 -27.15 45.26
C ILE A 199 -7.48 -26.86 46.70
N GLU A 200 -7.92 -27.65 47.66
CA GLU A 200 -7.53 -27.43 49.05
C GLU A 200 -6.01 -27.58 49.29
N PRO A 201 -5.39 -28.68 48.80
CA PRO A 201 -3.93 -28.74 49.03
C PRO A 201 -3.18 -27.61 48.33
N LEU A 202 -3.71 -27.17 47.18
CA LEU A 202 -3.09 -26.14 46.38
C LEU A 202 -3.16 -24.78 47.07
N ALA A 203 -4.32 -24.48 47.64
CA ALA A 203 -4.56 -23.23 48.36
C ALA A 203 -3.59 -23.09 49.52
N ASN A 204 -3.52 -24.12 50.36
CA ASN A 204 -2.61 -24.13 51.51
C ASN A 204 -1.15 -24.00 51.10
N HIS A 205 -0.80 -24.51 49.92
CA HIS A 205 0.57 -24.44 49.44
C HIS A 205 0.93 -23.00 49.07
N LEU A 206 -0.02 -22.33 48.43
CA LEU A 206 0.17 -20.93 48.03
C LEU A 206 0.24 -20.00 49.23
N ILE A 207 -0.57 -20.30 50.25
CA ILE A 207 -0.52 -19.57 51.50
C ILE A 207 0.87 -19.74 52.09
N GLU A 208 1.36 -20.98 52.04
CA GLU A 208 2.64 -21.34 52.65
C GLU A 208 3.82 -20.66 51.96
N ARG A 209 3.78 -20.51 50.65
CA ARG A 209 4.92 -19.95 49.93
C ARG A 209 5.06 -18.44 50.15
N HIS A 210 3.94 -17.77 50.43
CA HIS A 210 3.97 -16.34 50.68
C HIS A 210 4.37 -16.01 52.12
N CYS A 211 4.00 -16.87 53.05
CA CYS A 211 4.39 -16.69 54.44
C CYS A 211 5.88 -17.04 54.58
N LYS A 212 6.35 -18.00 53.79
CA LYS A 212 7.77 -18.35 53.78
C LYS A 212 8.59 -17.30 53.05
N LYS A 213 7.95 -16.54 52.17
CA LYS A 213 8.68 -15.50 51.43
C LYS A 213 8.82 -14.23 52.28
N LEU A 214 8.03 -14.11 53.34
CA LEU A 214 8.12 -12.91 54.17
C LEU A 214 8.38 -13.25 55.63
N GLY A 215 8.90 -14.45 55.89
CA GLY A 215 9.24 -14.88 57.24
C GLY A 215 8.09 -14.84 58.23
N LEU A 216 6.87 -14.93 57.74
CA LEU A 216 5.69 -14.94 58.60
C LEU A 216 5.23 -16.36 58.90
N PRO A 217 4.62 -16.56 60.08
CA PRO A 217 4.02 -17.86 60.34
C PRO A 217 2.80 -18.07 59.45
N VAL A 218 2.63 -19.28 58.92
CA VAL A 218 1.52 -19.57 58.04
C VAL A 218 0.25 -19.76 58.86
N PRO A 219 -0.84 -19.08 58.47
CA PRO A 219 -2.11 -19.17 59.18
C PRO A 219 -2.99 -20.29 58.64
N SER A 220 -4.04 -20.64 59.38
CA SER A 220 -4.96 -21.66 58.93
C SER A 220 -6.07 -21.06 58.09
N ILE A 221 -6.84 -21.91 57.42
CA ILE A 221 -7.93 -21.45 56.58
C ILE A 221 -9.25 -22.10 57.05
N ALA A 222 -10.25 -21.26 57.30
CA ALA A 222 -11.53 -21.71 57.86
C ALA A 222 -12.26 -22.71 56.96
N PRO A 223 -13.02 -23.63 57.59
CA PRO A 223 -13.84 -24.61 56.87
C PRO A 223 -14.80 -23.94 55.90
N ASN A 224 -15.40 -22.83 56.32
CA ASN A 224 -16.32 -22.08 55.49
C ASN A 224 -15.59 -21.46 54.30
N ALA A 225 -14.31 -21.18 54.49
CA ALA A 225 -13.47 -20.61 53.44
C ALA A 225 -13.09 -21.64 52.39
N ILE A 226 -12.80 -22.86 52.85
CA ILE A 226 -12.48 -23.96 51.95
C ILE A 226 -13.67 -24.27 51.04
N THR A 227 -14.86 -24.38 51.62
CA THR A 227 -16.06 -24.66 50.85
C THR A 227 -16.31 -23.57 49.81
N LYS A 228 -16.04 -22.33 50.20
CA LYS A 228 -16.21 -21.19 49.29
C LYS A 228 -15.21 -21.32 48.14
N LEU A 229 -14.04 -21.86 48.45
CA LEU A 229 -12.98 -22.06 47.46
C LEU A 229 -13.29 -23.25 46.54
N LEU A 230 -13.93 -24.27 47.08
CA LEU A 230 -14.23 -25.48 46.32
C LEU A 230 -15.37 -25.29 45.33
N ASN A 231 -16.31 -24.43 45.66
CA ASN A 231 -17.50 -24.24 44.83
C ASN A 231 -17.41 -23.07 43.86
N TYR A 232 -16.18 -22.66 43.57
CA TYR A 232 -15.94 -21.69 42.53
C TYR A 232 -15.33 -22.43 41.34
N PRO A 233 -15.85 -22.18 40.13
CA PRO A 233 -15.40 -22.89 38.92
C PRO A 233 -13.96 -22.59 38.51
N TRP A 234 -13.38 -21.52 39.04
CA TRP A 234 -12.00 -21.13 38.73
C TRP A 234 -11.73 -21.08 37.23
N PRO A 235 -12.23 -20.03 36.55
CA PRO A 235 -12.01 -19.90 35.11
C PRO A 235 -10.57 -19.55 34.78
N GLY A 236 -9.84 -19.02 35.76
CA GLY A 236 -8.45 -18.64 35.57
C GLY A 236 -7.58 -19.71 36.18
N ASN A 237 -8.23 -20.75 36.71
CA ASN A 237 -7.55 -21.88 37.34
C ASN A 237 -6.56 -21.44 38.42
N VAL A 238 -5.43 -22.12 38.52
CA VAL A 238 -4.53 -21.95 39.66
C VAL A 238 -3.96 -20.54 39.75
N ARG A 239 -3.85 -19.85 38.61
CA ARG A 239 -3.29 -18.51 38.60
C ARG A 239 -4.29 -17.52 39.22
N GLU A 240 -5.55 -17.93 39.29
CA GLU A 240 -6.57 -17.11 39.95
C GLU A 240 -6.63 -17.49 41.41
N LEU A 241 -6.53 -18.78 41.69
CA LEU A 241 -6.43 -19.28 43.05
C LEU A 241 -5.32 -18.58 43.81
N ASP A 242 -4.21 -18.34 43.11
CA ASP A 242 -3.07 -17.65 43.70
C ASP A 242 -3.44 -16.21 44.03
N ASN A 243 -4.24 -15.59 43.17
CA ASN A 243 -4.69 -14.22 43.39
C ASN A 243 -5.65 -14.11 44.57
N VAL A 244 -6.66 -14.97 44.58
CA VAL A 244 -7.65 -14.99 45.66
C VAL A 244 -6.98 -15.18 47.01
N VAL A 245 -5.95 -16.03 47.03
CA VAL A 245 -5.19 -16.31 48.25
C VAL A 245 -4.38 -15.10 48.69
N GLN A 246 -3.66 -14.49 47.75
CA GLN A 246 -2.87 -13.29 48.03
C GLN A 246 -3.78 -12.18 48.55
N ARG A 247 -4.97 -12.12 47.97
CA ARG A 247 -5.98 -11.16 48.37
C ARG A 247 -6.45 -11.44 49.79
N ALA A 248 -6.71 -12.72 50.07
CA ALA A 248 -7.15 -13.14 51.39
C ALA A 248 -6.10 -12.86 52.47
N LEU A 249 -4.84 -13.09 52.12
CA LEU A 249 -3.74 -12.84 53.05
C LEU A 249 -3.62 -11.34 53.38
N ILE A 250 -3.94 -10.50 52.40
CA ILE A 250 -3.91 -9.05 52.60
C ILE A 250 -5.05 -8.64 53.53
N LEU A 251 -6.24 -9.19 53.26
CA LEU A 251 -7.42 -8.87 54.04
C LEU A 251 -7.33 -9.38 55.49
N SER A 252 -6.83 -10.60 55.65
CA SER A 252 -6.69 -11.19 56.98
C SER A 252 -5.44 -10.69 57.70
N GLU A 253 -4.67 -9.84 57.02
CA GLU A 253 -3.41 -9.35 57.55
C GLU A 253 -2.52 -10.49 58.01
N ASN A 254 -2.41 -11.49 57.15
CA ASN A 254 -1.58 -12.68 57.37
C ASN A 254 -2.07 -13.50 58.56
N GLY A 255 -3.35 -13.32 58.89
CA GLY A 255 -3.98 -14.06 59.97
C GLY A 255 -4.89 -15.18 59.48
N HIS A 256 -5.65 -15.76 60.39
CA HIS A 256 -6.61 -16.81 60.06
C HIS A 256 -7.58 -16.34 58.98
N ILE A 257 -7.62 -17.07 57.87
CA ILE A 257 -8.46 -16.71 56.73
C ILE A 257 -9.90 -17.20 56.89
N GLN A 258 -10.85 -16.28 56.84
CA GLN A 258 -12.26 -16.62 56.99
C GLN A 258 -13.00 -16.51 55.66
N SER A 259 -14.21 -17.05 55.62
CA SER A 259 -15.07 -17.04 54.43
C SER A 259 -15.42 -15.61 53.94
N GLU A 260 -14.80 -14.62 54.56
CA GLU A 260 -15.11 -13.21 54.32
C GLU A 260 -13.92 -12.52 53.68
N HIS A 261 -12.75 -13.17 53.75
CA HIS A 261 -11.54 -12.68 53.11
C HIS A 261 -11.41 -13.23 51.70
N ILE A 262 -12.26 -14.20 51.37
CA ILE A 262 -12.22 -14.81 50.05
C ILE A 262 -13.19 -14.12 49.10
N LEU A 263 -12.64 -13.25 48.26
CA LEU A 263 -13.41 -12.55 47.24
C LEU A 263 -13.10 -13.14 45.86
N LEU A 264 -14.12 -13.66 45.16
CA LEU A 264 -13.89 -14.22 43.84
C LEU A 264 -14.34 -13.23 42.76
N GLU A 265 -15.30 -13.66 41.93
CA GLU A 265 -15.86 -12.80 40.89
C GLU A 265 -17.36 -13.01 40.77
N GLY A 266 -18.06 -12.96 41.90
CA GLY A 266 -19.51 -13.14 41.92
C GLY A 266 -20.23 -12.36 43.02
N HIS B 20 -3.80 15.57 49.11
CA HIS B 20 -4.70 15.49 50.25
C HIS B 20 -5.93 14.67 49.87
N MET B 21 -6.22 13.64 50.65
CA MET B 21 -7.35 12.77 50.34
C MET B 21 -8.58 13.23 51.12
N VAL B 22 -9.49 13.90 50.45
CA VAL B 22 -10.68 14.39 51.12
C VAL B 22 -11.85 13.51 50.75
N VAL B 23 -12.28 12.73 51.72
CA VAL B 23 -13.46 11.87 51.56
C VAL B 23 -14.36 12.06 52.77
N ALA B 24 -15.62 11.65 52.63
CA ALA B 24 -16.58 11.79 53.72
C ALA B 24 -17.66 10.74 53.60
N ASP B 25 -17.97 10.35 52.37
CA ASP B 25 -18.98 9.34 52.14
C ASP B 25 -18.49 8.00 52.67
N THR B 26 -19.40 7.24 53.26
CA THR B 26 -19.08 5.98 53.90
C THR B 26 -18.57 4.97 52.88
N LYS B 27 -19.03 5.14 51.64
CA LYS B 27 -18.69 4.24 50.56
C LYS B 27 -17.24 4.51 50.16
N SER B 28 -16.80 5.75 50.35
CA SER B 28 -15.41 6.14 50.13
C SER B 28 -14.54 5.74 51.31
N LEU B 29 -15.10 5.83 52.52
CA LEU B 29 -14.38 5.50 53.75
C LEU B 29 -14.06 4.01 53.79
N LYS B 30 -14.95 3.19 53.25
CA LYS B 30 -14.72 1.76 53.18
C LYS B 30 -13.61 1.43 52.19
N LEU B 31 -13.51 2.24 51.13
CA LEU B 31 -12.43 2.07 50.15
C LEU B 31 -11.07 2.44 50.73
N LEU B 32 -11.02 3.55 51.46
CA LEU B 32 -9.79 3.97 52.12
C LEU B 32 -9.40 2.95 53.18
N ALA B 33 -10.40 2.28 53.73
CA ALA B 33 -10.17 1.21 54.68
C ALA B 33 -9.40 0.08 54.00
N LEU B 34 -9.78 -0.24 52.77
CA LEU B 34 -9.08 -1.26 51.99
C LEU B 34 -7.70 -0.76 51.58
N ALA B 35 -7.62 0.52 51.23
CA ALA B 35 -6.37 1.12 50.78
C ALA B 35 -5.27 0.97 51.83
N ASP B 36 -5.65 1.15 53.09
CA ASP B 36 -4.72 1.04 54.20
C ASP B 36 -4.18 -0.37 54.35
N LYS B 37 -5.00 -1.36 54.00
CA LYS B 37 -4.60 -2.75 54.15
C LYS B 37 -3.52 -3.15 53.14
N VAL B 38 -3.61 -2.62 51.92
CA VAL B 38 -2.63 -2.96 50.88
C VAL B 38 -1.39 -2.09 50.92
N ALA B 39 -1.54 -0.86 51.40
CA ALA B 39 -0.44 0.06 51.46
C ALA B 39 0.69 -0.53 52.31
N LYS B 40 0.31 -1.21 53.38
CA LYS B 40 1.27 -1.83 54.29
C LYS B 40 2.11 -2.89 53.58
N THR B 41 1.59 -3.43 52.48
CA THR B 41 2.28 -4.47 51.73
C THR B 41 2.96 -3.93 50.48
N ASP B 42 3.50 -4.84 49.68
CA ASP B 42 4.16 -4.48 48.43
C ASP B 42 3.32 -4.95 47.25
N ALA B 43 2.05 -5.23 47.51
CA ALA B 43 1.18 -5.79 46.49
C ALA B 43 0.91 -4.78 45.39
N ASN B 44 0.74 -5.28 44.17
CA ASN B 44 0.39 -4.45 43.03
C ASN B 44 -1.07 -4.01 43.10
N VAL B 45 -1.30 -2.70 43.19
CA VAL B 45 -2.66 -2.20 43.30
C VAL B 45 -3.18 -1.68 41.97
N MET B 46 -4.39 -2.10 41.63
CA MET B 46 -5.07 -1.67 40.41
C MET B 46 -6.27 -0.81 40.77
N ILE B 47 -6.18 0.47 40.46
CA ILE B 47 -7.25 1.40 40.83
C ILE B 47 -8.14 1.71 39.64
N LEU B 48 -9.36 1.18 39.67
CA LEU B 48 -10.31 1.39 38.59
C LEU B 48 -11.25 2.56 38.90
N GLY B 49 -12.29 2.70 38.08
CA GLY B 49 -13.23 3.80 38.21
C GLY B 49 -13.20 4.68 36.99
N PRO B 50 -14.15 5.63 36.88
CA PRO B 50 -14.13 6.48 35.67
C PRO B 50 -13.05 7.53 35.76
N SER B 51 -12.76 8.20 34.65
CA SER B 51 -11.74 9.25 34.64
C SER B 51 -12.22 10.56 35.24
N GLY B 52 -11.44 11.11 36.16
CA GLY B 52 -11.81 12.34 36.81
C GLY B 52 -12.41 12.08 38.18
N SER B 53 -12.11 10.91 38.74
CA SER B 53 -12.69 10.48 40.00
C SER B 53 -11.72 10.43 41.18
N GLY B 54 -10.51 10.91 40.97
CA GLY B 54 -9.49 10.91 42.01
C GLY B 54 -8.84 9.57 42.26
N LYS B 55 -8.59 8.81 41.19
CA LYS B 55 -7.86 7.55 41.28
C LYS B 55 -6.38 7.74 41.51
N GLU B 56 -5.89 8.87 41.01
CA GLU B 56 -4.49 9.23 41.09
C GLU B 56 -4.20 9.68 42.51
N VAL B 57 -5.14 10.45 43.04
CA VAL B 57 -5.03 10.99 44.38
C VAL B 57 -5.06 9.90 45.46
N MET B 58 -5.55 8.72 45.11
CA MET B 58 -5.53 7.59 46.04
C MET B 58 -4.19 6.84 45.93
N SER B 59 -3.58 6.93 44.75
CA SER B 59 -2.28 6.31 44.53
C SER B 59 -1.26 6.99 45.43
N ARG B 60 -1.42 8.31 45.57
CA ARG B 60 -0.56 9.09 46.44
C ARG B 60 -0.82 8.70 47.89
N TYR B 61 -2.10 8.44 48.20
CA TYR B 61 -2.48 8.01 49.54
C TYR B 61 -1.88 6.65 49.85
N ILE B 62 -1.89 5.77 48.86
CA ILE B 62 -1.32 4.44 49.01
C ILE B 62 0.18 4.55 49.24
N HIS B 63 0.82 5.44 48.49
CA HIS B 63 2.26 5.66 48.66
C HIS B 63 2.59 6.20 50.05
N ASN B 64 1.84 7.21 50.49
CA ASN B 64 2.09 7.85 51.77
C ASN B 64 1.73 6.96 52.96
N ALA B 65 0.94 5.91 52.69
CA ALA B 65 0.53 4.98 53.73
C ALA B 65 1.36 3.70 53.67
N SER B 66 2.30 3.65 52.73
CA SER B 66 3.14 2.47 52.56
C SER B 66 4.44 2.67 53.32
N PRO B 67 5.14 1.58 53.66
CA PRO B 67 6.45 1.71 54.31
C PRO B 67 7.48 2.44 53.43
N ARG B 68 7.11 2.67 52.18
CA ARG B 68 7.99 3.37 51.26
C ARG B 68 7.51 4.81 51.09
N LYS B 69 6.83 5.31 52.13
CA LYS B 69 6.29 6.66 52.16
C LYS B 69 7.37 7.69 51.87
N GLU B 70 8.54 7.48 52.48
CA GLU B 70 9.64 8.42 52.39
C GLU B 70 10.39 8.28 51.06
N GLY B 71 10.00 7.26 50.29
CA GLY B 71 10.60 7.00 48.99
C GLY B 71 10.08 7.91 47.90
N PRO B 72 10.62 7.75 46.68
CA PRO B 72 10.19 8.55 45.53
C PRO B 72 8.81 8.13 45.03
N PHE B 73 8.05 9.07 44.47
CA PHE B 73 6.77 8.74 43.86
C PHE B 73 6.74 9.22 42.42
N ILE B 74 6.91 8.28 41.49
CA ILE B 74 7.03 8.63 40.09
C ILE B 74 5.75 8.27 39.34
N ALA B 75 5.16 9.27 38.67
CA ALA B 75 3.94 9.06 37.93
C ALA B 75 4.15 9.25 36.43
N ILE B 76 3.48 8.42 35.64
CA ILE B 76 3.52 8.53 34.18
C ILE B 76 2.16 8.18 33.60
N ASN B 77 1.58 9.12 32.86
CA ASN B 77 0.26 8.93 32.28
C ASN B 77 0.40 8.34 30.88
N CYS B 78 0.03 7.08 30.73
CA CYS B 78 0.25 6.34 29.49
C CYS B 78 -0.62 6.80 28.33
N ALA B 79 -1.54 7.72 28.58
CA ALA B 79 -2.45 8.19 27.54
C ALA B 79 -2.10 9.61 27.09
N ALA B 80 -1.03 10.15 27.63
CA ALA B 80 -0.69 11.56 27.39
C ALA B 80 0.78 11.76 26.99
N ILE B 81 1.49 10.67 26.71
CA ILE B 81 2.88 10.77 26.30
C ILE B 81 2.98 10.89 24.78
N PRO B 82 3.33 12.08 24.28
CA PRO B 82 3.31 12.36 22.84
C PRO B 82 4.42 11.67 22.07
N ASP B 83 4.33 11.72 20.74
CA ASP B 83 5.35 11.20 19.85
C ASP B 83 5.71 9.75 20.13
N ASN B 84 4.75 9.00 20.67
CA ASN B 84 4.90 7.57 20.94
C ASN B 84 6.10 7.27 21.84
N MET B 85 6.33 8.15 22.81
CA MET B 85 7.49 8.05 23.68
C MET B 85 7.17 7.31 24.98
N LEU B 86 6.03 6.62 25.02
CA LEU B 86 5.60 5.90 26.22
C LEU B 86 6.63 4.85 26.60
N GLU B 87 6.96 3.98 25.65
CA GLU B 87 7.94 2.92 25.87
C GLU B 87 9.30 3.50 26.22
N ALA B 88 9.72 4.53 25.49
CA ALA B 88 11.05 5.11 25.64
C ALA B 88 11.26 5.79 26.99
N THR B 89 10.21 6.45 27.50
CA THR B 89 10.35 7.18 28.76
C THR B 89 10.20 6.24 29.94
N LEU B 90 9.44 5.16 29.73
CA LEU B 90 9.21 4.16 30.77
C LEU B 90 10.46 3.34 31.06
N PHE B 91 11.07 2.81 30.00
CA PHE B 91 12.22 1.92 30.15
C PHE B 91 13.56 2.66 30.09
N GLY B 92 13.53 3.85 29.50
CA GLY B 92 14.74 4.61 29.27
C GLY B 92 15.45 4.12 28.03
N TYR B 93 16.50 4.83 27.62
CA TYR B 93 17.21 4.47 26.40
C TYR B 93 18.65 4.98 26.39
N GLU B 94 19.50 4.29 25.65
CA GLU B 94 20.86 4.74 25.43
C GLU B 94 20.89 5.57 24.16
N LYS B 95 21.96 6.34 23.97
CA LYS B 95 22.10 7.19 22.79
C LYS B 95 22.09 6.35 21.52
N GLY B 96 21.08 6.59 20.68
CA GLY B 96 20.99 5.91 19.39
C GLY B 96 20.06 4.71 19.35
N ALA B 97 19.29 4.49 20.41
CA ALA B 97 18.38 3.36 20.47
C ALA B 97 17.24 3.49 19.47
N PHE B 98 16.96 4.72 19.07
CA PHE B 98 15.92 5.02 18.09
C PHE B 98 16.16 6.38 17.46
N THR B 99 15.52 6.62 16.31
CA THR B 99 15.66 7.89 15.62
C THR B 99 15.15 9.03 16.50
N GLY B 100 16.08 9.81 17.04
CA GLY B 100 15.73 10.90 17.94
C GLY B 100 16.48 10.85 19.25
N ALA B 101 17.11 9.71 19.55
CA ALA B 101 17.85 9.55 20.78
C ALA B 101 19.24 10.18 20.69
N VAL B 102 19.33 11.46 21.03
CA VAL B 102 20.59 12.18 20.99
C VAL B 102 21.35 11.98 22.30
N GLN B 103 20.62 11.62 23.34
CA GLN B 103 21.20 11.45 24.67
C GLN B 103 20.76 10.14 25.30
N ALA B 104 21.43 9.77 26.40
CA ALA B 104 20.96 8.68 27.24
C ALA B 104 19.91 9.22 28.21
N CYS B 105 19.03 8.34 28.69
CA CYS B 105 17.94 8.77 29.55
C CYS B 105 17.43 7.64 30.42
N PRO B 106 17.39 7.86 31.74
CA PRO B 106 16.88 6.87 32.68
C PRO B 106 15.38 6.69 32.53
N GLY B 107 14.88 5.49 32.78
CA GLY B 107 13.46 5.24 32.65
C GLY B 107 12.74 5.64 33.93
N LYS B 108 11.42 5.71 33.88
CA LYS B 108 10.62 6.12 35.03
C LYS B 108 10.75 5.09 36.15
N PHE B 109 11.03 3.84 35.78
CA PHE B 109 11.27 2.78 36.76
C PHE B 109 12.54 3.02 37.56
N GLU B 110 13.58 3.54 36.90
CA GLU B 110 14.83 3.84 37.58
C GLU B 110 14.64 5.00 38.56
N GLN B 111 13.86 5.99 38.15
CA GLN B 111 13.61 7.16 38.97
C GLN B 111 12.81 6.79 40.21
N ALA B 112 12.07 5.69 40.11
CA ALA B 112 11.19 5.23 41.18
C ALA B 112 11.88 4.19 42.06
N GLN B 113 13.20 4.12 41.97
CA GLN B 113 13.97 3.14 42.74
C GLN B 113 13.76 3.33 44.24
N GLY B 114 13.36 2.26 44.92
CA GLY B 114 13.12 2.31 46.35
C GLY B 114 11.80 2.94 46.74
N GLY B 115 10.99 3.30 45.75
CA GLY B 115 9.72 3.95 46.00
C GLY B 115 8.54 3.32 45.29
N THR B 116 7.68 4.16 44.72
CA THR B 116 6.46 3.70 44.07
C THR B 116 6.33 4.32 42.69
N ILE B 117 5.95 3.51 41.71
CA ILE B 117 5.68 4.02 40.36
C ILE B 117 4.20 3.91 40.07
N LEU B 118 3.66 4.91 39.38
CA LEU B 118 2.25 4.91 39.02
C LEU B 118 2.08 4.88 37.51
N LEU B 119 1.55 3.76 37.00
CA LEU B 119 1.27 3.64 35.58
C LEU B 119 -0.16 4.03 35.30
N ASP B 120 -0.36 5.33 35.08
CA ASP B 120 -1.69 5.90 34.87
C ASP B 120 -2.25 5.51 33.51
N GLU B 121 -3.53 5.12 33.51
CA GLU B 121 -4.21 4.69 32.29
C GLU B 121 -3.42 3.60 31.57
N ILE B 122 -3.15 2.50 32.28
CA ILE B 122 -2.29 1.45 31.76
C ILE B 122 -2.92 0.72 30.58
N SER B 123 -4.21 0.97 30.37
CA SER B 123 -4.97 0.31 29.32
C SER B 123 -4.59 0.81 27.92
N GLU B 124 -3.66 1.77 27.86
CA GLU B 124 -3.28 2.39 26.59
C GLU B 124 -1.94 1.89 26.06
N MET B 125 -1.32 0.95 26.77
CA MET B 125 -0.10 0.35 26.27
C MET B 125 -0.42 -0.62 25.14
N ASP B 126 0.33 -0.54 24.04
CA ASP B 126 0.19 -1.50 22.95
C ASP B 126 0.57 -2.89 23.46
N LEU B 127 0.12 -3.93 22.77
CA LEU B 127 0.36 -5.30 23.21
C LEU B 127 1.84 -5.61 23.39
N ASN B 128 2.70 -4.98 22.60
CA ASN B 128 4.13 -5.21 22.69
C ASN B 128 4.74 -4.59 23.94
N LEU B 129 4.31 -3.37 24.26
CA LEU B 129 4.80 -2.67 25.45
C LEU B 129 4.35 -3.41 26.71
N GLN B 130 3.19 -4.06 26.63
CA GLN B 130 2.67 -4.84 27.73
C GLN B 130 3.55 -6.06 28.00
N ALA B 131 4.12 -6.60 26.93
CA ALA B 131 5.00 -7.75 27.05
C ALA B 131 6.32 -7.37 27.71
N LYS B 132 6.77 -6.15 27.46
CA LYS B 132 8.00 -5.64 28.07
C LYS B 132 7.76 -5.34 29.54
N LEU B 133 6.58 -4.80 29.84
CA LEU B 133 6.20 -4.50 31.22
C LEU B 133 6.06 -5.77 32.04
N LEU B 134 5.52 -6.81 31.42
CA LEU B 134 5.33 -8.09 32.09
C LEU B 134 6.65 -8.69 32.56
N ARG B 135 7.64 -8.69 31.67
CA ARG B 135 8.94 -9.25 32.00
C ARG B 135 9.58 -8.48 33.16
N VAL B 136 9.34 -7.17 33.19
CA VAL B 136 9.85 -6.32 34.27
C VAL B 136 9.24 -6.70 35.61
N LEU B 137 7.93 -6.91 35.62
CA LEU B 137 7.23 -7.29 36.84
C LEU B 137 7.66 -8.67 37.34
N GLN B 138 7.91 -9.57 36.40
CA GLN B 138 8.30 -10.94 36.73
C GLN B 138 9.75 -11.03 37.20
N GLU B 139 10.66 -10.44 36.44
CA GLU B 139 12.10 -10.56 36.70
C GLU B 139 12.60 -9.56 37.73
N ARG B 140 11.74 -8.62 38.13
CA ARG B 140 12.09 -7.56 39.07
C ARG B 140 13.32 -6.77 38.58
N GLU B 141 13.41 -6.60 37.25
CA GLU B 141 14.52 -5.87 36.64
C GLU B 141 14.08 -5.22 35.33
N VAL B 142 14.79 -4.16 34.93
CA VAL B 142 14.45 -3.43 33.72
C VAL B 142 15.68 -3.28 32.81
N GLU B 143 15.44 -3.11 31.50
CA GLU B 143 16.53 -2.91 30.57
C GLU B 143 16.19 -1.73 29.67
N ARG B 144 17.12 -0.81 29.51
CA ARG B 144 16.87 0.37 28.70
C ARG B 144 16.74 -0.02 27.22
N LEU B 145 16.03 0.80 26.45
CA LEU B 145 15.94 0.59 25.01
C LEU B 145 17.34 0.75 24.41
N GLY B 146 17.76 -0.23 23.64
CA GLY B 146 19.07 -0.20 23.02
C GLY B 146 20.13 -0.70 23.97
N SER B 147 19.69 -1.15 25.14
CA SER B 147 20.60 -1.70 26.14
C SER B 147 20.33 -3.16 26.46
N ARG B 148 21.41 -3.91 26.67
CA ARG B 148 21.33 -5.31 27.08
C ARG B 148 21.62 -5.47 28.57
N LYS B 149 22.02 -4.37 29.21
CA LYS B 149 22.35 -4.41 30.63
C LYS B 149 21.09 -4.24 31.48
N SER B 150 20.80 -5.27 32.28
CA SER B 150 19.60 -5.25 33.13
C SER B 150 19.86 -4.53 34.45
N ILE B 151 18.86 -3.81 34.93
CA ILE B 151 18.98 -3.05 36.17
C ILE B 151 18.01 -3.58 37.23
N LYS B 152 18.55 -4.01 38.36
CA LYS B 152 17.72 -4.57 39.44
C LYS B 152 16.80 -3.49 40.01
N LEU B 153 15.53 -3.83 40.19
CA LEU B 153 14.51 -2.86 40.61
C LEU B 153 13.84 -3.19 41.93
N ASP B 154 13.85 -2.24 42.86
CA ASP B 154 13.06 -2.34 44.07
C ASP B 154 11.95 -1.29 43.96
N VAL B 155 10.91 -1.63 43.20
CA VAL B 155 9.85 -0.68 42.89
C VAL B 155 8.47 -1.28 43.11
N ARG B 156 7.65 -0.57 43.87
CA ARG B 156 6.25 -0.96 44.09
C ARG B 156 5.40 -0.37 42.97
N VAL B 157 4.56 -1.19 42.35
CA VAL B 157 3.83 -0.77 41.17
C VAL B 157 2.35 -0.52 41.44
N LEU B 158 1.88 0.67 41.08
CA LEU B 158 0.47 0.99 41.09
C LEU B 158 0.03 1.31 39.66
N ALA B 159 -1.23 1.05 39.35
CA ALA B 159 -1.74 1.33 38.01
C ALA B 159 -3.21 1.71 38.04
N THR B 160 -3.65 2.43 37.01
CA THR B 160 -5.05 2.86 36.89
C THR B 160 -5.60 2.58 35.50
N SER B 161 -6.92 2.51 35.40
CA SER B 161 -7.61 2.33 34.12
C SER B 161 -9.07 2.74 34.25
N ASN B 162 -9.60 3.42 33.24
CA ASN B 162 -11.01 3.81 33.26
C ASN B 162 -11.88 2.91 32.39
N ARG B 163 -11.40 1.70 32.13
CA ARG B 163 -12.13 0.72 31.35
C ARG B 163 -12.04 -0.65 32.01
N ASP B 164 -13.09 -1.44 31.87
CA ASP B 164 -13.11 -2.81 32.39
C ASP B 164 -12.01 -3.63 31.72
N LEU B 165 -10.89 -3.78 32.41
CA LEU B 165 -9.72 -4.47 31.85
C LEU B 165 -10.00 -5.92 31.46
N LYS B 166 -10.90 -6.57 32.20
CA LYS B 166 -11.24 -7.96 31.92
C LYS B 166 -11.83 -8.12 30.52
N GLN B 167 -12.79 -7.27 30.18
CA GLN B 167 -13.41 -7.32 28.86
C GLN B 167 -12.41 -6.83 27.81
N TYR B 168 -11.49 -5.98 28.23
CA TYR B 168 -10.45 -5.48 27.33
C TYR B 168 -9.47 -6.61 27.01
N VAL B 169 -9.25 -7.49 27.98
CA VAL B 169 -8.48 -8.70 27.76
C VAL B 169 -9.22 -9.59 26.79
N GLN B 170 -10.52 -9.73 27.04
CA GLN B 170 -11.40 -10.53 26.22
C GLN B 170 -11.52 -9.95 24.82
N ALA B 171 -11.29 -8.64 24.70
CA ALA B 171 -11.32 -7.96 23.42
C ALA B 171 -10.01 -8.18 22.67
N GLY B 172 -9.05 -8.77 23.36
CA GLY B 172 -7.77 -9.11 22.75
C GLY B 172 -6.87 -7.91 22.62
N HIS B 173 -7.13 -6.89 23.44
CA HIS B 173 -6.35 -5.66 23.39
C HIS B 173 -5.47 -5.54 24.63
N PHE B 174 -5.58 -6.53 25.51
CA PHE B 174 -4.79 -6.55 26.74
C PHE B 174 -4.43 -7.99 27.08
N ARG B 175 -3.17 -8.19 27.49
CA ARG B 175 -2.67 -9.53 27.83
C ARG B 175 -3.37 -10.08 29.07
N GLU B 176 -3.83 -11.32 29.00
CA GLU B 176 -4.54 -11.92 30.12
C GLU B 176 -3.61 -12.11 31.31
N ASP B 177 -2.36 -12.46 31.03
CA ASP B 177 -1.39 -12.71 32.09
C ASP B 177 -0.98 -11.45 32.83
N LEU B 178 -0.82 -10.34 32.10
CA LEU B 178 -0.50 -9.06 32.73
C LEU B 178 -1.66 -8.56 33.57
N TYR B 179 -2.87 -8.74 33.07
CA TYR B 179 -4.05 -8.29 33.80
C TYR B 179 -4.16 -9.03 35.13
N ALA B 180 -3.76 -10.30 35.12
CA ALA B 180 -3.89 -11.15 36.30
C ALA B 180 -2.76 -10.95 37.31
N ARG B 181 -1.72 -10.23 36.91
CA ARG B 181 -0.57 -9.98 37.77
C ARG B 181 -0.81 -8.63 38.44
N LEU B 182 -1.73 -7.88 37.86
CA LEU B 182 -2.07 -6.56 38.35
C LEU B 182 -3.42 -6.57 39.08
N ASN B 183 -4.14 -7.67 38.99
CA ASN B 183 -5.50 -7.73 39.53
C ASN B 183 -5.55 -8.54 40.82
N VAL B 184 -4.50 -8.46 41.62
CA VAL B 184 -4.46 -9.11 42.91
C VAL B 184 -5.37 -8.37 43.86
N PHE B 185 -5.32 -7.05 43.80
CA PHE B 185 -6.09 -6.22 44.71
C PHE B 185 -6.68 -5.01 44.00
N PRO B 186 -7.76 -5.21 43.25
CA PRO B 186 -8.37 -4.08 42.56
C PRO B 186 -9.13 -3.16 43.52
N LEU B 187 -9.07 -1.86 43.27
CA LEU B 187 -9.87 -0.90 44.03
C LEU B 187 -10.64 -0.01 43.06
N THR B 188 -11.96 0.01 43.20
CA THR B 188 -12.81 0.75 42.26
C THR B 188 -13.42 2.01 42.87
N TRP B 189 -12.94 3.16 42.40
CA TRP B 189 -13.42 4.47 42.80
C TRP B 189 -14.77 4.74 42.13
N PRO B 190 -15.86 4.84 42.90
CA PRO B 190 -17.15 4.98 42.22
C PRO B 190 -17.34 6.39 41.67
N ALA B 191 -18.35 6.58 40.83
CA ALA B 191 -18.63 7.91 40.29
C ALA B 191 -19.01 8.86 41.41
N LEU B 192 -18.95 10.16 41.15
CA LEU B 192 -19.21 11.15 42.18
C LEU B 192 -20.66 11.10 42.66
N CYS B 193 -21.56 10.73 41.74
CA CYS B 193 -22.98 10.71 42.06
C CYS B 193 -23.36 9.45 42.84
N GLU B 194 -22.43 8.50 42.91
CA GLU B 194 -22.65 7.30 43.71
C GLU B 194 -22.01 7.44 45.08
N ARG B 195 -21.35 8.58 45.30
CA ARG B 195 -20.77 8.91 46.60
C ARG B 195 -21.05 10.39 46.92
N LYS B 196 -22.34 10.74 46.94
CA LYS B 196 -22.77 12.14 46.97
C LYS B 196 -22.31 12.93 48.19
N ASP B 197 -21.98 12.23 49.28
CA ASP B 197 -21.54 12.91 50.49
C ASP B 197 -20.13 13.47 50.35
N ASP B 198 -19.44 13.11 49.28
CA ASP B 198 -18.09 13.63 49.04
C ASP B 198 -18.14 15.03 48.43
N ILE B 199 -19.27 15.39 47.84
CA ILE B 199 -19.36 16.60 47.02
C ILE B 199 -19.10 17.91 47.78
N GLU B 200 -19.78 18.13 48.90
CA GLU B 200 -19.56 19.35 49.66
C GLU B 200 -18.14 19.50 50.20
N PRO B 201 -17.60 18.47 50.88
CA PRO B 201 -16.22 18.64 51.35
C PRO B 201 -15.24 18.79 50.20
N LEU B 202 -15.52 18.12 49.09
CA LEU B 202 -14.65 18.13 47.93
C LEU B 202 -14.67 19.51 47.28
N ALA B 203 -15.88 20.07 47.17
CA ALA B 203 -16.07 21.40 46.59
C ALA B 203 -15.29 22.46 47.37
N ASN B 204 -15.46 22.47 48.68
CA ASN B 204 -14.73 23.42 49.53
C ASN B 204 -13.22 23.23 49.41
N HIS B 205 -12.80 21.99 49.17
CA HIS B 205 -11.38 21.70 49.02
C HIS B 205 -10.84 22.24 47.70
N LEU B 206 -11.62 22.07 46.64
CA LEU B 206 -11.21 22.52 45.31
C LEU B 206 -11.13 24.05 45.26
N ILE B 207 -12.04 24.72 45.95
CA ILE B 207 -12.00 26.18 46.07
C ILE B 207 -10.75 26.65 46.79
N GLU B 208 -10.44 26.00 47.91
CA GLU B 208 -9.38 26.44 48.80
C GLU B 208 -8.01 26.35 48.16
N ARG B 209 -7.74 25.26 47.44
CA ARG B 209 -6.42 25.06 46.87
C ARG B 209 -6.23 25.96 45.66
N HIS B 210 -7.33 26.33 45.02
CA HIS B 210 -7.26 27.21 43.85
C HIS B 210 -7.11 28.67 44.27
N CYS B 211 -7.73 29.04 45.40
CA CYS B 211 -7.60 30.40 45.90
C CYS B 211 -6.23 30.62 46.54
N LYS B 212 -5.70 29.56 47.15
CA LYS B 212 -4.38 29.63 47.78
C LYS B 212 -3.27 29.60 46.73
N LYS B 213 -3.60 29.06 45.55
CA LYS B 213 -2.64 28.99 44.44
C LYS B 213 -2.57 30.33 43.72
N LEU B 214 -3.54 31.20 43.98
CA LEU B 214 -3.56 32.52 43.35
C LEU B 214 -3.60 33.64 44.37
N GLY B 215 -3.17 33.35 45.60
CA GLY B 215 -3.08 34.34 46.65
C GLY B 215 -4.39 35.06 46.96
N LEU B 216 -5.51 34.42 46.65
CA LEU B 216 -6.81 35.01 46.92
C LEU B 216 -7.37 34.47 48.24
N PRO B 217 -8.16 35.28 48.96
CA PRO B 217 -8.84 34.73 50.14
C PRO B 217 -9.95 33.75 49.74
N VAL B 218 -10.04 32.63 50.44
CA VAL B 218 -11.03 31.61 50.13
C VAL B 218 -12.42 31.90 50.72
N PRO B 219 -13.46 31.83 49.88
CA PRO B 219 -14.88 32.02 50.22
C PRO B 219 -15.64 30.72 50.52
N SER B 220 -16.82 30.86 51.12
CA SER B 220 -17.72 29.75 51.39
C SER B 220 -18.74 29.53 50.27
N ILE B 221 -19.53 28.47 50.38
CA ILE B 221 -20.56 28.16 49.38
C ILE B 221 -21.95 28.16 50.03
N ALA B 222 -22.86 28.94 49.45
CA ALA B 222 -24.22 29.09 49.98
C ALA B 222 -24.95 27.76 50.02
N PRO B 223 -25.88 27.60 50.98
CA PRO B 223 -26.67 26.37 51.10
C PRO B 223 -27.43 26.01 49.81
N ASN B 224 -28.01 27.01 49.16
CA ASN B 224 -28.74 26.78 47.92
C ASN B 224 -27.79 26.36 46.79
N ALA B 225 -26.54 26.81 46.89
CA ALA B 225 -25.52 26.45 45.92
C ALA B 225 -25.05 25.01 46.14
N ILE B 226 -24.94 24.62 47.40
CA ILE B 226 -24.56 23.26 47.76
C ILE B 226 -25.59 22.26 47.26
N THR B 227 -26.87 22.55 47.50
CA THR B 227 -27.96 21.69 47.05
C THR B 227 -27.96 21.57 45.53
N LYS B 228 -27.60 22.66 44.85
CA LYS B 228 -27.52 22.66 43.40
C LYS B 228 -26.43 21.71 42.93
N LEU B 229 -25.36 21.63 43.71
CA LEU B 229 -24.23 20.74 43.40
C LEU B 229 -24.57 19.28 43.65
N LEU B 230 -25.41 19.03 44.65
CA LEU B 230 -25.76 17.67 45.02
C LEU B 230 -26.70 17.00 44.01
N ASN B 231 -27.55 17.80 43.38
CA ASN B 231 -28.56 17.25 42.49
C ASN B 231 -28.14 17.28 41.02
N TYR B 232 -26.84 17.38 40.80
CA TYR B 232 -26.27 17.22 39.46
C TYR B 232 -25.54 15.87 39.43
N PRO B 233 -25.77 15.07 38.39
CA PRO B 233 -25.18 13.71 38.27
C PRO B 233 -23.66 13.68 38.09
N TRP B 234 -23.04 14.80 37.72
CA TRP B 234 -21.59 14.88 37.52
C TRP B 234 -21.03 13.79 36.60
N PRO B 235 -21.25 13.92 35.28
CA PRO B 235 -20.72 12.94 34.32
C PRO B 235 -19.21 13.04 34.16
N GLY B 236 -18.64 14.18 34.51
CA GLY B 236 -17.20 14.40 34.42
C GLY B 236 -16.58 14.25 35.80
N ASN B 237 -17.43 13.92 36.76
CA ASN B 237 -17.06 13.73 38.16
C ASN B 237 -16.31 14.95 38.70
N VAL B 238 -15.36 14.74 39.61
CA VAL B 238 -14.77 15.86 40.34
C VAL B 238 -13.98 16.81 39.43
N ARG B 239 -13.47 16.32 38.29
CA ARG B 239 -12.69 17.18 37.41
C ARG B 239 -13.64 18.19 36.78
N GLU B 240 -14.93 17.87 36.83
CA GLU B 240 -15.97 18.76 36.34
C GLU B 240 -16.36 19.70 37.47
N LEU B 241 -16.50 19.14 38.67
CA LEU B 241 -16.73 19.92 39.88
C LEU B 241 -15.66 20.99 40.04
N ASP B 242 -14.42 20.64 39.70
CA ASP B 242 -13.31 21.57 39.80
C ASP B 242 -13.49 22.74 38.86
N ASN B 243 -14.01 22.47 37.66
CA ASN B 243 -14.29 23.51 36.68
C ASN B 243 -15.45 24.40 37.10
N VAL B 244 -16.55 23.77 37.51
CA VAL B 244 -17.74 24.48 37.96
C VAL B 244 -17.37 25.47 39.06
N VAL B 245 -16.47 25.04 39.93
CA VAL B 245 -16.00 25.86 41.04
C VAL B 245 -15.16 27.04 40.58
N GLN B 246 -14.19 26.78 39.71
CA GLN B 246 -13.32 27.84 39.19
C GLN B 246 -14.15 28.87 38.44
N ARG B 247 -15.15 28.37 37.71
CA ARG B 247 -16.08 29.23 36.99
C ARG B 247 -16.90 30.07 37.96
N ALA B 248 -17.40 29.43 39.02
CA ALA B 248 -18.21 30.10 40.03
C ALA B 248 -17.41 31.20 40.71
N LEU B 249 -16.13 30.94 40.97
CA LEU B 249 -15.24 31.92 41.59
C LEU B 249 -15.04 33.15 40.71
N ILE B 250 -15.09 32.94 39.39
CA ILE B 250 -14.96 34.05 38.45
C ILE B 250 -16.22 34.92 38.46
N LEU B 251 -17.40 34.31 38.44
CA LEU B 251 -18.65 35.07 38.47
C LEU B 251 -18.84 35.78 39.79
N SER B 252 -18.49 35.12 40.89
CA SER B 252 -18.65 35.71 42.21
C SER B 252 -17.54 36.70 42.51
N GLU B 253 -16.60 36.82 41.56
CA GLU B 253 -15.43 37.69 41.72
C GLU B 253 -14.74 37.39 43.04
N ASN B 254 -14.53 36.10 43.27
CA ASN B 254 -13.85 35.56 44.45
C ASN B 254 -14.59 35.79 45.77
N GLY B 255 -15.89 36.00 45.69
CA GLY B 255 -16.73 36.15 46.87
C GLY B 255 -17.54 34.90 47.17
N HIS B 256 -18.47 35.01 48.11
CA HIS B 256 -19.35 33.89 48.45
C HIS B 256 -20.13 33.38 47.23
N ILE B 257 -20.02 32.09 46.99
CA ILE B 257 -20.64 31.44 45.85
C ILE B 257 -22.13 31.13 46.09
N GLN B 258 -22.98 31.67 45.24
CA GLN B 258 -24.42 31.48 45.35
C GLN B 258 -24.91 30.55 44.27
N SER B 259 -26.14 30.08 44.39
CA SER B 259 -26.74 29.16 43.41
C SER B 259 -26.84 29.75 42.00
N GLU B 260 -26.28 30.94 41.81
CA GLU B 260 -26.41 31.69 40.56
C GLU B 260 -25.04 31.78 39.89
N HIS B 261 -24.01 31.54 40.68
CA HIS B 261 -22.65 31.49 40.17
C HIS B 261 -22.32 30.07 39.75
N ILE B 262 -23.18 29.14 40.15
CA ILE B 262 -22.99 27.75 39.78
C ILE B 262 -23.80 27.45 38.52
N LEU B 263 -23.10 27.46 37.39
CA LEU B 263 -23.68 27.14 36.08
C LEU B 263 -23.19 25.74 35.69
N LEU B 264 -24.10 24.80 35.44
CA LEU B 264 -23.64 23.45 35.10
C LEU B 264 -23.63 23.08 33.62
N GLU B 265 -24.48 22.13 33.25
CA GLU B 265 -24.57 21.69 31.87
C GLU B 265 -26.03 21.50 31.43
N GLY B 266 -26.86 22.51 31.69
CA GLY B 266 -28.25 22.45 31.34
C GLY B 266 -29.06 23.53 32.02
N MET C 21 -13.72 47.35 19.74
CA MET C 21 -14.85 46.43 19.75
C MET C 21 -16.14 47.24 19.92
N VAL C 22 -17.09 47.05 19.01
CA VAL C 22 -18.36 47.78 19.08
C VAL C 22 -19.57 46.85 19.12
N VAL C 23 -20.30 46.89 20.23
CA VAL C 23 -21.53 46.12 20.37
C VAL C 23 -22.66 47.04 20.81
N ALA C 24 -23.90 46.58 20.66
CA ALA C 24 -25.06 47.39 21.01
C ALA C 24 -26.24 46.51 21.42
N ASP C 25 -26.30 45.31 20.87
CA ASP C 25 -27.38 44.38 21.21
C ASP C 25 -27.24 43.98 22.69
N THR C 26 -28.37 43.82 23.37
CA THR C 26 -28.36 43.56 24.80
C THR C 26 -27.70 42.21 25.11
N LYS C 27 -27.83 41.26 24.19
CA LYS C 27 -27.26 39.95 24.39
C LYS C 27 -25.74 40.00 24.20
N SER C 28 -25.29 40.94 23.40
CA SER C 28 -23.86 41.14 23.19
C SER C 28 -23.25 41.87 24.38
N LEU C 29 -24.01 42.80 24.97
CA LEU C 29 -23.54 43.55 26.13
C LEU C 29 -23.36 42.61 27.32
N LYS C 30 -24.21 41.60 27.39
CA LYS C 30 -24.12 40.60 28.44
C LYS C 30 -22.87 39.75 28.25
N LEU C 31 -22.47 39.54 27.00
CA LEU C 31 -21.25 38.81 26.69
C LEU C 31 -20.01 39.59 27.12
N LEU C 32 -20.00 40.90 26.83
CA LEU C 32 -18.90 41.74 27.27
C LEU C 32 -18.86 41.85 28.78
N ALA C 33 -20.05 41.75 29.38
CA ALA C 33 -20.17 41.77 30.83
C ALA C 33 -19.43 40.59 31.44
N LEU C 34 -19.58 39.41 30.84
CA LEU C 34 -18.86 38.25 31.33
C LEU C 34 -17.37 38.37 31.01
N ALA C 35 -17.07 38.91 29.83
CA ALA C 35 -15.69 39.06 29.35
C ALA C 35 -14.85 39.86 30.33
N ASP C 36 -15.43 40.92 30.90
CA ASP C 36 -14.74 41.77 31.84
C ASP C 36 -14.33 41.01 33.10
N LYS C 37 -15.17 40.05 33.49
CA LYS C 37 -14.92 39.29 34.71
C LYS C 37 -13.75 38.32 34.59
N VAL C 38 -13.58 37.73 33.41
CA VAL C 38 -12.51 36.76 33.21
C VAL C 38 -11.20 37.43 32.87
N ALA C 39 -11.29 38.60 32.23
CA ALA C 39 -10.11 39.35 31.83
C ALA C 39 -9.26 39.64 33.07
N LYS C 40 -9.93 39.98 34.16
CA LYS C 40 -9.27 40.30 35.42
C LYS C 40 -8.49 39.10 35.97
N THR C 41 -8.88 37.90 35.54
CA THR C 41 -8.25 36.67 36.01
C THR C 41 -7.25 36.09 35.02
N ASP C 42 -6.75 34.90 35.33
CA ASP C 42 -5.82 34.20 34.46
C ASP C 42 -6.44 32.95 33.84
N ALA C 43 -7.76 32.86 33.90
CA ALA C 43 -8.47 31.66 33.45
C ALA C 43 -8.36 31.45 31.94
N ASN C 44 -8.35 30.18 31.53
CA ASN C 44 -8.36 29.85 30.11
C ASN C 44 -9.73 30.13 29.52
N VAL C 45 -9.78 31.05 28.55
CA VAL C 45 -11.06 31.39 27.93
C VAL C 45 -11.23 30.70 26.59
N MET C 46 -12.39 30.08 26.39
CA MET C 46 -12.73 29.42 25.14
C MET C 46 -13.87 30.15 24.47
N ILE C 47 -13.58 30.79 23.34
CA ILE C 47 -14.58 31.59 22.66
C ILE C 47 -15.19 30.82 21.49
N LEU C 48 -16.45 30.41 21.64
CA LEU C 48 -17.14 29.68 20.61
C LEU C 48 -17.95 30.64 19.74
N GLY C 49 -18.80 30.09 18.89
CA GLY C 49 -19.58 30.90 17.96
C GLY C 49 -19.18 30.54 16.55
N PRO C 50 -19.92 31.03 15.55
CA PRO C 50 -19.54 30.63 14.20
C PRO C 50 -18.31 31.39 13.73
N SER C 51 -17.72 30.95 12.63
CA SER C 51 -16.58 31.66 12.07
C SER C 51 -17.03 32.87 11.29
N GLY C 52 -16.41 34.01 11.57
CA GLY C 52 -16.73 35.24 10.87
C GLY C 52 -17.68 36.13 11.66
N SER C 53 -17.74 35.90 12.96
CA SER C 53 -18.65 36.68 13.81
C SER C 53 -17.80 37.52 14.77
N GLY C 54 -16.47 37.48 14.56
CA GLY C 54 -15.55 38.24 15.38
C GLY C 54 -15.13 37.74 16.75
N LYS C 55 -14.73 36.47 16.85
CA LYS C 55 -14.20 35.94 18.12
C LYS C 55 -12.82 36.45 18.48
N GLU C 56 -12.03 36.87 17.50
CA GLU C 56 -10.67 37.32 17.78
C GLU C 56 -10.65 38.72 18.38
N VAL C 57 -11.49 39.60 17.85
CA VAL C 57 -11.57 40.96 18.36
C VAL C 57 -12.07 41.00 19.80
N MET C 58 -12.66 39.90 20.26
CA MET C 58 -13.04 39.79 21.66
C MET C 58 -11.85 39.27 22.46
N SER C 59 -10.97 38.51 21.81
CA SER C 59 -9.77 38.01 22.47
C SER C 59 -8.83 39.16 22.82
N ARG C 60 -8.69 40.12 21.89
CA ARG C 60 -7.89 41.31 22.17
C ARG C 60 -8.55 42.17 23.24
N TYR C 61 -9.87 42.21 23.24
CA TYR C 61 -10.59 42.97 24.24
C TYR C 61 -10.28 42.42 25.63
N ILE C 62 -10.23 41.09 25.72
CA ILE C 62 -9.91 40.42 26.98
C ILE C 62 -8.48 40.75 27.41
N HIS C 63 -7.56 40.76 26.44
CA HIS C 63 -6.16 41.07 26.72
C HIS C 63 -5.99 42.47 27.28
N ASN C 64 -6.63 43.45 26.62
CA ASN C 64 -6.51 44.84 27.04
C ASN C 64 -7.26 45.14 28.33
N ALA C 65 -8.14 44.24 28.73
CA ALA C 65 -8.89 44.40 29.97
C ALA C 65 -8.27 43.53 31.06
N SER C 66 -7.19 42.84 30.70
CA SER C 66 -6.49 41.94 31.62
C SER C 66 -5.30 42.66 32.25
N PRO C 67 -4.83 42.15 33.40
CA PRO C 67 -3.61 42.71 34.01
C PRO C 67 -2.38 42.58 33.12
N ARG C 68 -2.53 41.85 32.02
CA ARG C 68 -1.44 41.66 31.06
C ARG C 68 -1.63 42.58 29.87
N LYS C 69 -2.32 43.68 30.11
CA LYS C 69 -2.65 44.66 29.07
C LYS C 69 -1.41 45.10 28.28
N GLU C 70 -0.34 45.45 29.00
CA GLU C 70 0.86 45.97 28.38
C GLU C 70 1.77 44.87 27.84
N GLY C 71 1.41 43.63 28.10
CA GLY C 71 2.19 42.50 27.64
C GLY C 71 1.97 42.19 26.17
N PRO C 72 2.68 41.19 25.64
CA PRO C 72 2.56 40.80 24.23
C PRO C 72 1.25 40.07 23.94
N PHE C 73 0.76 40.21 22.71
CA PHE C 73 -0.43 39.48 22.28
C PHE C 73 -0.12 38.66 21.04
N ILE C 74 0.03 37.36 21.21
CA ILE C 74 0.44 36.48 20.11
C ILE C 74 -0.72 35.65 19.60
N ALA C 75 -1.00 35.76 18.31
CA ALA C 75 -2.09 35.01 17.69
C ALA C 75 -1.56 34.00 16.67
N ILE C 76 -2.18 32.82 16.63
CA ILE C 76 -1.84 31.80 15.66
C ILE C 76 -3.07 31.01 15.23
N ASN C 77 -3.32 30.98 13.92
CA ASN C 77 -4.50 30.30 13.39
C ASN C 77 -4.18 28.84 13.05
N CYS C 78 -4.74 27.93 13.84
CA CYS C 78 -4.40 26.51 13.70
C CYS C 78 -4.99 25.91 12.41
N ALA C 79 -5.80 26.68 11.70
CA ALA C 79 -6.44 26.20 10.48
C ALA C 79 -5.85 26.85 9.25
N ALA C 80 -4.83 27.68 9.44
CA ALA C 80 -4.27 28.46 8.35
C ALA C 80 -2.75 28.37 8.26
N ILE C 81 -2.16 27.47 9.05
CA ILE C 81 -0.71 27.28 9.00
C ILE C 81 -0.36 26.19 8.00
N PRO C 82 0.22 26.59 6.86
CA PRO C 82 0.52 25.69 5.75
C PRO C 82 1.68 24.75 6.02
N ASP C 83 1.88 23.79 5.14
CA ASP C 83 3.01 22.86 5.19
C ASP C 83 3.11 22.12 6.53
N ASN C 84 1.97 21.97 7.20
CA ASN C 84 1.88 21.22 8.44
C ASN C 84 2.83 21.75 9.50
N MET C 85 3.02 23.07 9.52
CA MET C 85 3.98 23.70 10.42
C MET C 85 3.35 24.19 11.71
N LEU C 86 2.13 23.72 11.99
CA LEU C 86 1.41 24.15 13.19
C LEU C 86 2.18 23.78 14.45
N GLU C 87 2.57 22.52 14.56
CA GLU C 87 3.33 22.04 15.70
C GLU C 87 4.67 22.77 15.81
N ALA C 88 5.32 22.95 14.67
CA ALA C 88 6.64 23.56 14.61
C ALA C 88 6.60 25.02 15.02
N THR C 89 5.53 25.72 14.68
CA THR C 89 5.44 27.15 14.94
C THR C 89 5.04 27.43 16.39
N LEU C 90 4.27 26.53 16.98
CA LEU C 90 3.83 26.68 18.36
C LEU C 90 4.97 26.46 19.34
N PHE C 91 5.68 25.35 19.18
CA PHE C 91 6.70 24.94 20.14
C PHE C 91 8.08 25.45 19.76
N GLY C 92 8.27 25.79 18.49
CA GLY C 92 9.57 26.19 18.01
C GLY C 92 10.42 24.95 17.76
N TYR C 93 11.61 25.15 17.20
CA TYR C 93 12.47 24.03 16.87
C TYR C 93 13.93 24.42 16.83
N GLU C 94 14.80 23.45 17.12
CA GLU C 94 16.24 23.66 16.98
C GLU C 94 16.66 23.20 15.60
N LYS C 95 17.84 23.61 15.15
CA LYS C 95 18.33 23.24 13.83
C LYS C 95 18.46 21.73 13.70
N GLY C 96 17.69 21.15 12.78
CA GLY C 96 17.75 19.73 12.50
C GLY C 96 16.67 18.88 13.13
N ALA C 97 15.66 19.52 13.72
CA ALA C 97 14.59 18.79 14.38
C ALA C 97 13.70 18.05 13.38
N PHE C 98 13.70 18.52 12.14
CA PHE C 98 12.95 17.90 11.06
C PHE C 98 13.50 18.32 9.71
N THR C 99 13.17 17.56 8.68
CA THR C 99 13.62 17.88 7.33
C THR C 99 13.05 19.23 6.91
N GLY C 100 13.91 20.25 6.88
CA GLY C 100 13.49 21.60 6.56
C GLY C 100 13.96 22.59 7.61
N ALA C 101 14.39 22.08 8.77
CA ALA C 101 14.86 22.94 9.83
C ALA C 101 16.31 23.35 9.59
N VAL C 102 16.49 24.45 8.86
CA VAL C 102 17.81 24.95 8.53
C VAL C 102 18.32 25.87 9.64
N GLN C 103 17.39 26.36 10.45
CA GLN C 103 17.72 27.29 11.52
C GLN C 103 17.05 26.89 12.82
N ALA C 104 17.46 27.52 13.92
CA ALA C 104 16.72 27.44 15.17
C ALA C 104 15.59 28.47 15.13
N CYS C 105 14.53 28.24 15.88
CA CYS C 105 13.37 29.13 15.84
C CYS C 105 12.54 29.07 17.11
N PRO C 106 12.27 30.24 17.71
CA PRO C 106 11.43 30.32 18.91
C PRO C 106 9.96 30.01 18.60
N GLY C 107 9.27 29.41 19.56
CA GLY C 107 7.87 29.06 19.39
C GLY C 107 6.97 30.24 19.75
N LYS C 108 5.69 30.12 19.39
CA LYS C 108 4.72 31.18 19.65
C LYS C 108 4.49 31.39 21.15
N PHE C 109 4.64 30.33 21.93
CA PHE C 109 4.52 30.42 23.39
C PHE C 109 5.65 31.25 23.99
N GLU C 110 6.85 31.12 23.42
CA GLU C 110 7.99 31.89 23.88
C GLU C 110 7.76 33.37 23.57
N GLN C 111 7.18 33.62 22.40
CA GLN C 111 6.89 34.99 21.97
C GLN C 111 5.80 35.64 22.82
N ALA C 112 4.98 34.80 23.44
CA ALA C 112 3.84 35.29 24.22
C ALA C 112 4.17 35.36 25.71
N GLN C 113 5.45 35.34 26.04
CA GLN C 113 5.90 35.36 27.43
C GLN C 113 5.43 36.63 28.15
N GLY C 114 4.75 36.45 29.28
CA GLY C 114 4.26 37.57 30.05
C GLY C 114 3.01 38.22 29.46
N GLY C 115 2.50 37.62 28.40
CA GLY C 115 1.32 38.15 27.73
C GLY C 115 0.23 37.12 27.49
N THR C 116 -0.33 37.16 26.29
CA THR C 116 -1.45 36.29 25.94
C THR C 116 -1.21 35.60 24.60
N ILE C 117 -1.50 34.30 24.55
CA ILE C 117 -1.43 33.57 23.29
C ILE C 117 -2.85 33.17 22.88
N LEU C 118 -3.13 33.25 21.59
CA LEU C 118 -4.44 32.91 21.06
C LEU C 118 -4.38 31.75 20.07
N LEU C 119 -4.97 30.62 20.44
CA LEU C 119 -5.04 29.47 19.53
C LEU C 119 -6.35 29.49 18.74
N ASP C 120 -6.32 30.18 17.60
CA ASP C 120 -7.50 30.35 16.76
C ASP C 120 -7.86 29.03 16.10
N GLU C 121 -9.14 28.68 16.13
CA GLU C 121 -9.63 27.42 15.56
C GLU C 121 -8.86 26.21 16.10
N ILE C 122 -8.86 26.05 17.42
CA ILE C 122 -8.04 25.05 18.08
C ILE C 122 -8.51 23.63 17.77
N SER C 123 -9.68 23.52 17.16
CA SER C 123 -10.27 22.23 16.83
C SER C 123 -9.55 21.51 15.68
N GLU C 124 -8.51 22.14 15.14
CA GLU C 124 -7.82 21.60 13.97
C GLU C 124 -6.50 20.90 14.30
N MET C 125 -6.16 20.86 15.59
CA MET C 125 -4.96 20.15 16.03
C MET C 125 -5.16 18.64 15.98
N ASP C 126 -4.17 17.91 15.46
CA ASP C 126 -4.22 16.45 15.49
C ASP C 126 -4.18 15.99 16.95
N LEU C 127 -4.61 14.76 17.20
CA LEU C 127 -4.68 14.25 18.56
C LEU C 127 -3.35 14.31 19.29
N ASN C 128 -2.25 14.19 18.54
CA ASN C 128 -0.92 14.22 19.12
C ASN C 128 -0.51 15.62 19.57
N LEU C 129 -0.80 16.63 18.76
CA LEU C 129 -0.46 18.00 19.09
C LEU C 129 -1.26 18.44 20.31
N GLN C 130 -2.45 17.88 20.47
CA GLN C 130 -3.30 18.17 21.61
C GLN C 130 -2.66 17.63 22.89
N ALA C 131 -1.97 16.50 22.76
CA ALA C 131 -1.28 15.90 23.91
C ALA C 131 -0.08 16.73 24.33
N LYS C 132 0.59 17.33 23.35
CA LYS C 132 1.75 18.17 23.63
C LYS C 132 1.30 19.50 24.24
N LEU C 133 0.21 20.04 23.73
CA LEU C 133 -0.37 21.28 24.25
C LEU C 133 -0.84 21.07 25.68
N LEU C 134 -1.41 19.90 25.95
CA LEU C 134 -1.92 19.58 27.27
C LEU C 134 -0.81 19.62 28.33
N ARG C 135 0.33 19.03 28.03
CA ARG C 135 1.46 19.02 28.95
CA ARG C 135 1.43 19.02 28.99
C ARG C 135 1.99 20.43 29.17
N VAL C 136 1.86 21.26 28.14
CA VAL C 136 2.27 22.66 28.25
C VAL C 136 1.38 23.39 29.24
N LEU C 137 0.07 23.18 29.12
CA LEU C 137 -0.89 23.82 30.02
C LEU C 137 -0.74 23.33 31.46
N GLN C 138 -0.42 22.06 31.62
CA GLN C 138 -0.29 21.47 32.95
C GLN C 138 1.02 21.88 33.63
N GLU C 139 2.13 21.72 32.93
CA GLU C 139 3.45 21.99 33.53
C GLU C 139 3.85 23.46 33.42
N ARG C 140 3.09 24.24 32.65
CA ARG C 140 3.42 25.64 32.40
C ARG C 140 4.84 25.75 31.86
N GLU C 141 5.18 24.83 30.97
CA GLU C 141 6.51 24.76 30.38
C GLU C 141 6.40 24.31 28.93
N VAL C 142 7.37 24.72 28.10
CA VAL C 142 7.37 24.34 26.69
C VAL C 142 8.74 23.82 26.30
N GLU C 143 8.79 22.95 25.29
CA GLU C 143 10.05 22.44 24.79
C GLU C 143 10.06 22.51 23.27
N ARG C 144 11.14 23.05 22.71
CA ARG C 144 11.24 23.18 21.27
C ARG C 144 11.37 21.80 20.65
N LEU C 145 10.98 21.68 19.38
CA LEU C 145 11.16 20.43 18.66
C LEU C 145 12.66 20.16 18.53
N GLY C 146 13.07 18.96 18.93
CA GLY C 146 14.47 18.56 18.87
C GLY C 146 15.25 18.99 20.11
N SER C 147 14.55 19.59 21.06
CA SER C 147 15.17 20.00 22.32
C SER C 147 14.52 19.28 23.49
N ARG C 148 15.32 18.93 24.50
CA ARG C 148 14.79 18.29 25.69
C ARG C 148 14.71 19.34 26.81
N LYS C 149 15.21 20.54 26.49
CA LYS C 149 15.28 21.63 27.46
C LYS C 149 13.95 22.39 27.58
N SER C 150 13.42 22.40 28.80
CA SER C 150 12.15 23.06 29.08
C SER C 150 12.32 24.55 29.33
N ILE C 151 11.34 25.33 28.89
CA ILE C 151 11.37 26.77 29.05
C ILE C 151 10.21 27.18 29.95
N LYS C 152 10.51 27.83 31.06
CA LYS C 152 9.46 28.24 32.01
C LYS C 152 8.51 29.26 31.37
N LEU C 153 7.21 29.04 31.51
CA LEU C 153 6.22 29.86 30.82
C LEU C 153 5.23 30.58 31.74
N ASP C 154 5.16 31.90 31.57
CA ASP C 154 4.11 32.70 32.21
C ASP C 154 3.19 33.26 31.12
N VAL C 155 2.25 32.45 30.65
CA VAL C 155 1.41 32.82 29.51
C VAL C 155 -0.08 32.57 29.74
N ARG C 156 -0.90 33.58 29.47
CA ARG C 156 -2.35 33.44 29.55
C ARG C 156 -2.89 32.90 28.22
N VAL C 157 -3.71 31.87 28.29
CA VAL C 157 -4.16 31.16 27.10
C VAL C 157 -5.61 31.43 26.71
N LEU C 158 -5.80 31.84 25.46
CA LEU C 158 -7.13 31.97 24.87
C LEU C 158 -7.26 31.04 23.67
N ALA C 159 -8.47 30.58 23.39
CA ALA C 159 -8.70 29.71 22.24
C ALA C 159 -10.09 29.91 21.65
N THR C 160 -10.23 29.57 20.36
CA THR C 160 -11.51 29.69 19.67
C THR C 160 -11.82 28.41 18.89
N SER C 161 -13.10 28.20 18.59
CA SER C 161 -13.53 27.06 17.79
C SER C 161 -14.93 27.29 17.23
N ASN C 162 -15.13 26.87 15.98
CA ASN C 162 -16.44 26.96 15.36
C ASN C 162 -17.14 25.61 15.36
N ARG C 163 -16.78 24.79 16.35
CA ARG C 163 -17.38 23.47 16.53
C ARG C 163 -17.74 23.24 17.99
N ASP C 164 -18.85 22.55 18.22
CA ASP C 164 -19.20 22.15 19.57
C ASP C 164 -18.15 21.14 20.03
N LEU C 165 -17.17 21.62 20.79
CA LEU C 165 -16.02 20.79 21.16
C LEU C 165 -16.41 19.55 21.96
N LYS C 166 -17.48 19.66 22.74
CA LYS C 166 -17.96 18.51 23.53
C LYS C 166 -18.36 17.37 22.60
N GLN C 167 -19.11 17.72 21.55
CA GLN C 167 -19.55 16.73 20.56
C GLN C 167 -18.35 16.28 19.74
N TYR C 168 -17.36 17.16 19.62
CA TYR C 168 -16.12 16.86 18.92
C TYR C 168 -15.28 15.89 19.76
N VAL C 169 -15.37 16.04 21.08
CA VAL C 169 -14.73 15.10 22.01
C VAL C 169 -15.36 13.73 21.94
N GLN C 170 -16.70 13.71 21.96
CA GLN C 170 -17.45 12.47 21.92
C GLN C 170 -17.24 11.74 20.60
N ALA C 171 -16.88 12.49 19.56
CA ALA C 171 -16.60 11.92 18.25
C ALA C 171 -15.19 11.32 18.21
N GLY C 172 -14.42 11.56 19.27
CA GLY C 172 -13.08 11.02 19.37
C GLY C 172 -12.04 11.77 18.57
N HIS C 173 -12.31 13.05 18.31
CA HIS C 173 -11.38 13.88 17.54
C HIS C 173 -10.69 14.89 18.44
N PHE C 174 -11.08 14.90 19.71
CA PHE C 174 -10.51 15.84 20.65
C PHE C 174 -10.37 15.22 22.03
N ARG C 175 -9.23 15.47 22.68
CA ARG C 175 -8.97 14.92 24.00
C ARG C 175 -9.92 15.54 25.02
N GLU C 176 -10.56 14.71 25.83
CA GLU C 176 -11.54 15.20 26.80
C GLU C 176 -10.87 16.05 27.87
N ASP C 177 -9.66 15.67 28.27
CA ASP C 177 -8.94 16.38 29.32
C ASP C 177 -8.49 17.76 28.85
N LEU C 178 -8.07 17.86 27.59
CA LEU C 178 -7.71 19.16 27.03
C LEU C 178 -8.96 20.03 26.91
N TYR C 179 -10.05 19.42 26.46
CA TYR C 179 -11.32 20.14 26.31
C TYR C 179 -11.84 20.62 27.65
N ALA C 180 -11.63 19.83 28.69
CA ALA C 180 -12.16 20.13 30.01
C ALA C 180 -11.29 21.14 30.73
N ARG C 181 -10.10 21.38 30.20
CA ARG C 181 -9.17 22.30 30.84
C ARG C 181 -9.31 23.67 30.18
N LEU C 182 -9.94 23.67 29.01
CA LEU C 182 -10.12 24.90 28.25
C LEU C 182 -11.55 25.39 28.36
N ASN C 183 -12.42 24.55 28.92
CA ASN C 183 -13.84 24.86 29.00
C ASN C 183 -14.24 25.24 30.42
N VAL C 184 -13.32 25.90 31.11
CA VAL C 184 -13.59 26.40 32.45
C VAL C 184 -14.54 27.58 32.33
N PHE C 185 -14.29 28.43 31.35
CA PHE C 185 -15.09 29.62 31.14
C PHE C 185 -15.34 29.86 29.65
N PRO C 186 -16.28 29.12 29.07
CA PRO C 186 -16.60 29.29 27.65
C PRO C 186 -17.41 30.56 27.39
N LEU C 187 -17.15 31.20 26.25
CA LEU C 187 -17.94 32.35 25.82
C LEU C 187 -18.43 32.12 24.40
N THR C 188 -19.75 32.15 24.20
CA THR C 188 -20.29 31.88 22.88
C THR C 188 -20.78 33.15 22.22
N TRP C 189 -19.99 33.61 21.26
CA TRP C 189 -20.32 34.77 20.46
C TRP C 189 -21.33 34.37 19.38
N PRO C 190 -22.56 34.88 19.45
CA PRO C 190 -23.63 34.39 18.57
C PRO C 190 -23.54 34.91 17.14
N ALA C 191 -24.33 34.30 16.25
CA ALA C 191 -24.38 34.73 14.86
C ALA C 191 -24.90 36.17 14.77
N LEU C 192 -24.69 36.82 13.64
CA LEU C 192 -25.07 38.21 13.49
C LEU C 192 -26.59 38.42 13.51
N CYS C 193 -27.32 37.42 13.02
CA CYS C 193 -28.78 37.54 12.92
C CYS C 193 -29.50 37.28 14.24
N GLU C 194 -28.77 36.79 15.23
CA GLU C 194 -29.33 36.57 16.56
C GLU C 194 -29.04 37.75 17.48
N ARG C 195 -28.29 38.71 16.96
CA ARG C 195 -27.97 39.94 17.68
C ARG C 195 -28.10 41.13 16.73
N LYS C 196 -29.29 41.28 16.15
CA LYS C 196 -29.50 42.21 15.04
C LYS C 196 -29.24 43.67 15.37
N ASP C 197 -29.27 44.04 16.64
CA ASP C 197 -29.01 45.42 17.03
C ASP C 197 -27.55 45.79 16.85
N ASP C 198 -26.70 44.80 16.61
CA ASP C 198 -25.29 45.05 16.37
C ASP C 198 -25.00 45.50 14.95
N ILE C 199 -25.92 45.21 14.04
CA ILE C 199 -25.65 45.35 12.60
C ILE C 199 -25.38 46.80 12.18
N GLU C 200 -26.27 47.72 12.53
CA GLU C 200 -26.06 49.12 12.16
C GLU C 200 -24.79 49.72 12.79
N PRO C 201 -24.57 49.55 14.11
CA PRO C 201 -23.33 50.10 14.66
C PRO C 201 -22.10 49.45 14.03
N LEU C 202 -22.23 48.18 13.67
CA LEU C 202 -21.13 47.40 13.09
C LEU C 202 -20.82 47.89 11.67
N ALA C 203 -21.88 48.14 10.90
CA ALA C 203 -21.75 48.62 9.53
C ALA C 203 -21.03 49.97 9.47
N ASN C 204 -21.47 50.91 10.30
CA ASN C 204 -20.84 52.23 10.37
C ASN C 204 -19.37 52.15 10.77
N HIS C 205 -19.02 51.14 11.55
CA HIS C 205 -17.64 50.95 11.98
C HIS C 205 -16.78 50.50 10.81
N LEU C 206 -17.33 49.58 10.02
CA LEU C 206 -16.63 49.04 8.86
C LEU C 206 -16.48 50.08 7.74
N ILE C 207 -17.50 50.89 7.54
CA ILE C 207 -17.45 51.99 6.58
C ILE C 207 -16.37 52.98 6.99
N GLU C 208 -16.36 53.31 8.28
CA GLU C 208 -15.51 54.35 8.81
C GLU C 208 -14.03 53.99 8.73
N ARG C 209 -13.68 52.73 9.00
CA ARG C 209 -12.29 52.32 9.05
C ARG C 209 -11.69 52.17 7.66
N HIS C 210 -12.55 51.94 6.66
CA HIS C 210 -12.09 51.82 5.29
C HIS C 210 -11.86 53.19 4.64
N CYS C 211 -12.67 54.17 5.04
CA CYS C 211 -12.51 55.53 4.53
C CYS C 211 -11.31 56.20 5.18
N LYS C 212 -11.05 55.83 6.43
CA LYS C 212 -9.92 56.36 7.19
C LYS C 212 -8.59 55.79 6.69
N LYS C 213 -8.66 54.63 6.03
CA LYS C 213 -7.46 53.99 5.49
C LYS C 213 -7.05 54.64 4.18
N LEU C 214 -7.96 55.40 3.58
CA LEU C 214 -7.69 56.05 2.30
C LEU C 214 -7.88 57.56 2.37
N GLY C 215 -7.83 58.10 3.59
CA GLY C 215 -7.95 59.53 3.79
C GLY C 215 -9.22 60.16 3.25
N LEU C 216 -10.28 59.38 3.11
CA LEU C 216 -11.57 59.88 2.66
C LEU C 216 -12.48 60.23 3.83
N PRO C 217 -13.36 61.23 3.63
CA PRO C 217 -14.42 61.53 4.60
C PRO C 217 -15.43 60.38 4.60
N VAL C 218 -15.94 60.03 5.78
CA VAL C 218 -16.88 58.92 5.88
C VAL C 218 -18.25 59.37 5.39
N PRO C 219 -18.88 58.54 4.55
CA PRO C 219 -20.20 58.90 4.02
C PRO C 219 -21.31 58.40 4.93
N SER C 220 -22.51 58.92 4.75
CA SER C 220 -23.64 58.45 5.53
C SER C 220 -24.29 57.28 4.79
N ILE C 221 -25.17 56.57 5.47
CA ILE C 221 -25.85 55.44 4.88
C ILE C 221 -27.36 55.64 4.95
N ALA C 222 -28.03 55.53 3.79
CA ALA C 222 -29.46 55.79 3.70
C ALA C 222 -30.27 54.85 4.59
N PRO C 223 -31.41 55.34 5.10
CA PRO C 223 -32.33 54.55 5.93
C PRO C 223 -32.76 53.25 5.26
N ASN C 224 -33.05 53.32 3.96
CA ASN C 224 -33.46 52.15 3.21
C ASN C 224 -32.34 51.13 3.09
N ALA C 225 -31.10 51.60 3.13
CA ALA C 225 -29.93 50.73 3.05
C ALA C 225 -29.74 49.98 4.37
N ILE C 226 -29.98 50.66 5.47
CA ILE C 226 -29.90 50.06 6.80
C ILE C 226 -30.91 48.94 6.96
N THR C 227 -32.16 49.23 6.59
CA THR C 227 -33.24 48.25 6.66
C THR C 227 -32.92 47.03 5.78
N LYS C 228 -32.29 47.29 4.64
CA LYS C 228 -31.91 46.22 3.72
C LYS C 228 -30.87 45.31 4.38
N LEU C 229 -29.99 45.91 5.18
CA LEU C 229 -28.96 45.17 5.89
C LEU C 229 -29.51 44.39 7.09
N LEU C 230 -30.52 44.95 7.74
CA LEU C 230 -31.07 44.36 8.96
C LEU C 230 -31.88 43.10 8.70
N ASN C 231 -32.53 43.02 7.54
CA ASN C 231 -33.41 41.90 7.26
C ASN C 231 -32.73 40.81 6.44
N TYR C 232 -31.40 40.78 6.47
CA TYR C 232 -30.64 39.70 5.88
C TYR C 232 -30.06 38.82 6.99
N PRO C 233 -30.19 37.50 6.84
CA PRO C 233 -29.77 36.54 7.87
C PRO C 233 -28.25 36.48 8.12
N TRP C 234 -27.47 37.01 7.19
CA TRP C 234 -26.01 37.03 7.31
C TRP C 234 -25.42 35.67 7.66
N PRO C 235 -25.39 34.75 6.68
CA PRO C 235 -24.83 33.42 6.93
C PRO C 235 -23.32 33.47 7.10
N GLY C 236 -22.70 34.54 6.63
CA GLY C 236 -21.27 34.70 6.75
C GLY C 236 -20.97 35.64 7.90
N ASN C 237 -22.04 36.10 8.56
CA ASN C 237 -21.95 36.99 9.69
C ASN C 237 -21.12 38.23 9.38
N VAL C 238 -20.35 38.70 10.35
CA VAL C 238 -19.69 39.99 10.25
C VAL C 238 -18.65 40.01 9.12
N ARG C 239 -18.10 38.85 8.78
CA ARG C 239 -17.09 38.79 7.74
C ARG C 239 -17.75 38.98 6.37
N GLU C 240 -19.07 38.80 6.32
CA GLU C 240 -19.83 39.03 5.10
C GLU C 240 -20.30 40.48 5.01
N LEU C 241 -20.77 40.99 6.15
CA LEU C 241 -21.14 42.39 6.29
C LEU C 241 -19.99 43.30 5.86
N ASP C 242 -18.78 42.89 6.20
CA ASP C 242 -17.59 43.63 5.86
C ASP C 242 -17.42 43.67 4.34
N ASN C 243 -17.77 42.57 3.69
CA ASN C 243 -17.71 42.49 2.22
C ASN C 243 -18.78 43.35 1.57
N VAL C 244 -20.02 43.21 2.04
CA VAL C 244 -21.15 43.97 1.51
C VAL C 244 -20.86 45.47 1.56
N VAL C 245 -20.23 45.90 2.65
CA VAL C 245 -19.90 47.31 2.84
C VAL C 245 -18.82 47.77 1.87
N GLN C 246 -17.74 46.99 1.73
CA GLN C 246 -16.66 47.35 0.80
C GLN C 246 -17.18 47.48 -0.61
N ARG C 247 -18.06 46.56 -0.97
CA ARG C 247 -18.70 46.55 -2.27
C ARG C 247 -19.58 47.78 -2.41
N ALA C 248 -20.34 48.08 -1.35
CA ALA C 248 -21.21 49.26 -1.36
C ALA C 248 -20.39 50.54 -1.52
N LEU C 249 -19.24 50.61 -0.86
CA LEU C 249 -18.37 51.77 -0.97
C LEU C 249 -17.79 51.93 -2.38
N ILE C 250 -17.56 50.81 -3.05
CA ILE C 250 -17.06 50.84 -4.43
C ILE C 250 -18.15 51.34 -5.35
N LEU C 251 -19.36 50.82 -5.17
CA LEU C 251 -20.49 51.18 -6.00
C LEU C 251 -20.92 52.63 -5.82
N SER C 252 -20.92 53.09 -4.57
CA SER C 252 -21.30 54.47 -4.26
C SER C 252 -20.16 55.45 -4.55
N GLU C 253 -19.02 54.90 -4.98
CA GLU C 253 -17.81 55.67 -5.22
C GLU C 253 -17.46 56.51 -4.00
N ASN C 254 -17.49 55.86 -2.84
CA ASN C 254 -17.19 56.48 -1.54
C ASN C 254 -18.20 57.56 -1.18
N GLY C 255 -19.39 57.49 -1.80
CA GLY C 255 -20.46 58.42 -1.53
C GLY C 255 -21.56 57.87 -0.64
N HIS C 256 -22.66 58.61 -0.55
CA HIS C 256 -23.83 58.20 0.22
C HIS C 256 -24.30 56.82 -0.24
N ILE C 257 -24.35 55.85 0.68
CA ILE C 257 -24.73 54.50 0.33
C ILE C 257 -26.25 54.32 0.35
N GLN C 258 -26.84 53.98 -0.79
CA GLN C 258 -28.29 53.79 -0.87
C GLN C 258 -28.68 52.33 -1.09
N SER C 259 -29.97 52.04 -0.90
CA SER C 259 -30.52 50.69 -1.06
C SER C 259 -30.38 50.16 -2.48
N GLU C 260 -29.18 50.27 -3.04
CA GLU C 260 -28.91 49.89 -4.42
C GLU C 260 -27.43 49.62 -4.58
N HIS C 261 -26.65 50.12 -3.63
CA HIS C 261 -25.22 49.84 -3.58
C HIS C 261 -25.00 48.61 -2.71
N ILE C 262 -26.05 48.22 -2.00
CA ILE C 262 -26.00 47.05 -1.13
C ILE C 262 -26.51 45.85 -1.90
N LEU C 263 -25.57 45.03 -2.38
CA LEU C 263 -25.91 43.81 -3.08
C LEU C 263 -25.68 42.62 -2.16
N LEU C 264 -26.75 41.89 -1.89
CA LEU C 264 -26.73 40.72 -1.02
C LEU C 264 -26.77 39.45 -1.87
N GLU C 265 -27.95 38.87 -1.98
CA GLU C 265 -28.14 37.67 -2.79
C GLU C 265 -29.34 37.86 -3.74
N GLY C 266 -29.33 38.98 -4.44
CA GLY C 266 -30.38 39.31 -5.39
C GLY C 266 -29.89 40.14 -6.56
N MET D 21 -9.95 44.66 -26.19
CA MET D 21 -11.28 44.30 -25.71
C MET D 21 -12.41 44.87 -26.56
N VAL D 22 -13.32 44.00 -27.00
CA VAL D 22 -14.46 44.41 -27.80
C VAL D 22 -15.80 43.91 -27.24
N VAL D 23 -16.68 44.82 -26.83
CA VAL D 23 -18.03 44.45 -26.39
C VAL D 23 -19.06 45.28 -27.13
N ALA D 24 -20.31 44.83 -27.12
CA ALA D 24 -21.38 45.53 -27.83
C ALA D 24 -22.75 45.31 -27.22
N ASP D 25 -22.95 44.14 -26.62
CA ASP D 25 -24.23 43.81 -26.01
C ASP D 25 -24.50 44.68 -24.79
N THR D 26 -25.78 45.00 -24.59
CA THR D 26 -26.18 45.90 -23.52
C THR D 26 -25.84 45.27 -22.17
N LYS D 27 -25.83 43.94 -22.13
CA LYS D 27 -25.51 43.19 -20.93
C LYS D 27 -24.02 43.23 -20.61
N SER D 28 -23.20 43.28 -21.65
CA SER D 28 -21.76 43.35 -21.49
C SER D 28 -21.29 44.76 -21.14
N LEU D 29 -21.97 45.76 -21.69
CA LEU D 29 -21.63 47.15 -21.44
C LEU D 29 -21.86 47.49 -19.97
N LYS D 30 -22.87 46.85 -19.39
CA LYS D 30 -23.16 47.04 -17.97
C LYS D 30 -22.06 46.43 -17.10
N LEU D 31 -21.46 45.35 -17.59
CA LEU D 31 -20.35 44.73 -16.87
C LEU D 31 -19.09 45.58 -16.89
N LEU D 32 -18.76 46.13 -18.06
CA LEU D 32 -17.62 47.03 -18.16
C LEU D 32 -17.87 48.30 -17.36
N ALA D 33 -19.14 48.67 -17.22
CA ALA D 33 -19.53 49.80 -16.39
C ALA D 33 -19.13 49.50 -14.96
N LEU D 34 -19.34 48.26 -14.54
CA LEU D 34 -18.94 47.81 -13.21
C LEU D 34 -17.42 47.69 -13.11
N ALA D 35 -16.81 47.19 -14.18
CA ALA D 35 -15.36 46.98 -14.23
C ALA D 35 -14.60 48.27 -13.96
N ASP D 36 -15.09 49.37 -14.52
CA ASP D 36 -14.46 50.67 -14.37
C ASP D 36 -14.49 51.13 -12.91
N LYS D 37 -15.54 50.76 -12.18
CA LYS D 37 -15.69 51.18 -10.79
C LYS D 37 -14.69 50.52 -9.84
N VAL D 38 -14.34 49.26 -10.10
CA VAL D 38 -13.40 48.58 -9.22
C VAL D 38 -11.98 48.90 -9.63
N ALA D 39 -11.80 49.19 -10.91
CA ALA D 39 -10.50 49.52 -11.45
C ALA D 39 -9.90 50.72 -10.72
N LYS D 40 -10.76 51.67 -10.37
CA LYS D 40 -10.32 52.88 -9.68
C LYS D 40 -9.70 52.55 -8.33
N THR D 41 -10.08 51.42 -7.77
CA THR D 41 -9.60 51.00 -6.46
C THR D 41 -8.54 49.93 -6.53
N ASP D 42 -8.17 49.40 -5.37
CA ASP D 42 -7.18 48.34 -5.27
C ASP D 42 -7.83 47.04 -4.87
N ALA D 43 -9.16 46.97 -5.05
CA ALA D 43 -9.95 45.85 -4.59
C ALA D 43 -9.64 44.55 -5.34
N ASN D 44 -9.77 43.44 -4.64
CA ASN D 44 -9.61 42.12 -5.26
C ASN D 44 -10.81 41.79 -6.13
N VAL D 45 -10.58 41.60 -7.42
CA VAL D 45 -11.67 41.29 -8.34
C VAL D 45 -11.71 39.80 -8.66
N MET D 46 -12.90 39.22 -8.56
CA MET D 46 -13.10 37.81 -8.89
C MET D 46 -13.98 37.70 -10.12
N ILE D 47 -13.39 37.24 -11.21
CA ILE D 47 -14.10 37.18 -12.48
C ILE D 47 -14.59 35.76 -12.78
N LEU D 48 -15.91 35.59 -12.70
CA LEU D 48 -16.51 34.28 -12.94
C LEU D 48 -16.96 34.14 -14.38
N GLY D 49 -17.75 33.09 -14.65
CA GLY D 49 -18.18 32.81 -16.01
C GLY D 49 -17.68 31.47 -16.50
N PRO D 50 -18.16 31.02 -17.67
CA PRO D 50 -17.81 29.72 -18.22
C PRO D 50 -16.42 29.68 -18.84
N SER D 51 -16.16 28.64 -19.64
CA SER D 51 -14.86 28.46 -20.29
C SER D 51 -14.62 29.38 -21.50
N GLY D 52 -13.48 30.04 -21.48
CA GLY D 52 -13.05 30.93 -22.54
C GLY D 52 -14.06 31.93 -23.10
N SER D 53 -14.59 32.78 -22.24
CA SER D 53 -15.61 33.74 -22.63
C SER D 53 -14.99 35.15 -22.62
N GLY D 54 -13.67 35.18 -22.48
CA GLY D 54 -12.89 36.40 -22.46
C GLY D 54 -12.83 37.17 -21.16
N LYS D 55 -12.72 36.45 -20.06
CA LYS D 55 -12.53 37.08 -18.76
C LYS D 55 -11.13 37.61 -18.53
N GLU D 56 -10.16 37.02 -19.20
CA GLU D 56 -8.78 37.41 -18.97
C GLU D 56 -8.56 38.77 -19.58
N VAL D 57 -9.08 38.97 -20.78
CA VAL D 57 -8.97 40.25 -21.47
C VAL D 57 -9.78 41.31 -20.71
N MET D 58 -10.68 40.88 -19.84
CA MET D 58 -11.42 41.79 -18.95
C MET D 58 -10.61 42.14 -17.72
N SER D 59 -9.76 41.20 -17.30
CA SER D 59 -8.83 41.44 -16.21
C SER D 59 -7.78 42.43 -16.70
N ARG D 60 -7.37 42.27 -17.95
CA ARG D 60 -6.40 43.17 -18.57
C ARG D 60 -7.01 44.56 -18.68
N TYR D 61 -8.30 44.58 -18.98
CA TYR D 61 -9.06 45.83 -19.07
C TYR D 61 -9.07 46.52 -17.71
N ILE D 62 -9.21 45.72 -16.66
CA ILE D 62 -9.18 46.22 -15.28
C ILE D 62 -7.81 46.83 -14.97
N HIS D 63 -6.75 46.15 -15.41
CA HIS D 63 -5.40 46.66 -15.22
C HIS D 63 -5.19 47.99 -15.91
N ASN D 64 -5.59 48.08 -17.17
CA ASN D 64 -5.40 49.29 -17.95
C ASN D 64 -6.30 50.42 -17.48
N ALA D 65 -7.31 50.08 -16.69
CA ALA D 65 -8.21 51.09 -16.14
C ALA D 65 -7.87 51.42 -14.69
N SER D 66 -6.84 50.78 -14.15
CA SER D 66 -6.43 50.99 -12.77
C SER D 66 -5.29 52.00 -12.69
N PRO D 67 -5.10 52.63 -11.52
CA PRO D 67 -3.95 53.52 -11.31
C PRO D 67 -2.60 52.81 -11.46
N ARG D 68 -2.63 51.48 -11.57
CA ARG D 68 -1.42 50.69 -11.76
C ARG D 68 -1.28 50.32 -13.23
N LYS D 69 -1.90 51.11 -14.09
CA LYS D 69 -1.91 50.87 -15.53
C LYS D 69 -0.51 50.70 -16.10
N GLU D 70 0.39 51.60 -15.70
CA GLU D 70 1.72 51.64 -16.28
C GLU D 70 2.64 50.59 -15.66
N GLY D 71 2.14 49.91 -14.63
CA GLY D 71 2.88 48.86 -13.96
C GLY D 71 2.88 47.55 -14.73
N PRO D 72 3.57 46.53 -14.19
CA PRO D 72 3.65 45.20 -14.82
C PRO D 72 2.35 44.43 -14.68
N PHE D 73 2.06 43.56 -15.65
CA PHE D 73 0.89 42.69 -15.59
C PHE D 73 1.26 41.22 -15.71
N ILE D 74 1.25 40.50 -14.60
CA ILE D 74 1.70 39.12 -14.55
C ILE D 74 0.52 38.14 -14.45
N ALA D 75 0.46 37.22 -15.41
CA ALA D 75 -0.59 36.22 -15.44
C ALA D 75 -0.04 34.81 -15.24
N ILE D 76 -0.80 33.98 -14.53
CA ILE D 76 -0.43 32.59 -14.31
C ILE D 76 -1.67 31.70 -14.27
N ASN D 77 -1.70 30.68 -15.12
CA ASN D 77 -2.86 29.79 -15.17
C ASN D 77 -2.67 28.60 -14.23
N CYS D 78 -3.45 28.58 -13.14
CA CYS D 78 -3.27 27.59 -12.09
C CYS D 78 -3.70 26.18 -12.51
N ALA D 79 -4.29 26.07 -13.70
CA ALA D 79 -4.76 24.78 -14.18
C ALA D 79 -3.91 24.25 -15.33
N ALA D 80 -2.84 24.97 -15.66
CA ALA D 80 -2.05 24.62 -16.84
C ALA D 80 -0.56 24.56 -16.54
N ILE D 81 -0.20 24.61 -15.27
CA ILE D 81 1.20 24.52 -14.87
C ILE D 81 1.58 23.07 -14.58
N PRO D 82 2.37 22.46 -15.48
CA PRO D 82 2.70 21.03 -15.39
C PRO D 82 3.70 20.74 -14.27
N ASP D 83 3.92 19.44 -14.01
CA ASP D 83 4.92 18.98 -13.04
C ASP D 83 4.71 19.56 -11.64
N ASN D 84 3.47 19.91 -11.31
CA ASN D 84 3.09 20.38 -9.99
C ASN D 84 3.90 21.62 -9.56
N MET D 85 4.20 22.48 -10.53
CA MET D 85 5.05 23.64 -10.27
C MET D 85 4.23 24.90 -9.97
N LEU D 86 2.95 24.73 -9.69
CA LEU D 86 2.09 25.87 -9.40
C LEU D 86 2.58 26.62 -8.17
N GLU D 87 2.78 25.89 -7.08
CA GLU D 87 3.28 26.48 -5.84
C GLU D 87 4.66 27.10 -6.06
N ALA D 88 5.50 26.38 -6.78
CA ALA D 88 6.88 26.81 -7.00
C ALA D 88 6.99 28.09 -7.81
N THR D 89 6.11 28.24 -8.81
CA THR D 89 6.18 29.38 -9.72
C THR D 89 5.55 30.64 -9.11
N LEU D 90 4.56 30.46 -8.25
CA LEU D 90 3.90 31.58 -7.60
C LEU D 90 4.76 32.26 -6.54
N PHE D 91 5.32 31.46 -5.63
CA PHE D 91 6.04 31.98 -4.49
C PHE D 91 7.53 32.12 -4.77
N GLY D 92 8.01 31.36 -5.76
CA GLY D 92 9.43 31.29 -6.04
C GLY D 92 10.12 30.33 -5.09
N TYR D 93 11.39 30.07 -5.33
CA TYR D 93 12.12 29.11 -4.51
C TYR D 93 13.62 29.41 -4.51
N GLU D 94 14.28 29.01 -3.43
CA GLU D 94 15.74 29.11 -3.37
C GLU D 94 16.36 27.81 -3.85
N LYS D 95 17.65 27.84 -4.17
CA LYS D 95 18.34 26.65 -4.63
C LYS D 95 18.31 25.57 -3.55
N GLY D 96 17.67 24.45 -3.86
CA GLY D 96 17.61 23.32 -2.95
C GLY D 96 16.33 23.21 -2.16
N ALA D 97 15.33 24.03 -2.50
CA ALA D 97 14.07 24.04 -1.78
C ALA D 97 13.26 22.77 -1.99
N PHE D 98 13.50 22.09 -3.10
CA PHE D 98 12.82 20.83 -3.41
C PHE D 98 13.62 20.08 -4.46
N THR D 99 13.36 18.78 -4.60
CA THR D 99 14.05 17.98 -5.60
C THR D 99 13.75 18.52 -6.99
N GLY D 100 14.73 19.18 -7.59
CA GLY D 100 14.57 19.80 -8.90
C GLY D 100 14.97 21.26 -8.92
N ALA D 101 15.12 21.85 -7.75
CA ALA D 101 15.53 23.25 -7.65
C ALA D 101 17.05 23.39 -7.80
N VAL D 102 17.50 23.54 -9.04
CA VAL D 102 18.92 23.67 -9.32
C VAL D 102 19.35 25.13 -9.16
N GLN D 103 18.39 26.03 -9.24
CA GLN D 103 18.67 27.46 -9.15
C GLN D 103 17.70 28.15 -8.19
N ALA D 104 18.01 29.38 -7.82
CA ALA D 104 17.03 30.22 -7.13
C ALA D 104 16.14 30.88 -8.18
N CYS D 105 14.93 31.26 -7.79
CA CYS D 105 13.99 31.80 -8.77
C CYS D 105 12.93 32.68 -8.14
N PRO D 106 12.78 33.91 -8.66
CA PRO D 106 11.74 34.82 -8.15
C PRO D 106 10.35 34.33 -8.51
N GLY D 107 9.37 34.59 -7.64
CA GLY D 107 8.01 34.16 -7.87
C GLY D 107 7.23 35.15 -8.70
N LYS D 108 6.06 34.72 -9.16
CA LYS D 108 5.21 35.55 -10.01
C LYS D 108 4.67 36.75 -9.23
N PHE D 109 4.55 36.61 -7.91
CA PHE D 109 4.16 37.74 -7.07
C PHE D 109 5.26 38.81 -7.06
N GLU D 110 6.51 38.38 -7.09
CA GLU D 110 7.63 39.30 -7.12
C GLU D 110 7.67 40.06 -8.45
N GLN D 111 7.37 39.35 -9.53
CA GLN D 111 7.40 39.94 -10.86
C GLN D 111 6.29 40.98 -11.03
N ALA D 112 5.24 40.85 -10.23
CA ALA D 112 4.08 41.73 -10.34
C ALA D 112 4.13 42.89 -9.37
N GLN D 113 5.32 43.14 -8.83
CA GLN D 113 5.51 44.21 -7.85
C GLN D 113 5.13 45.58 -8.45
N GLY D 114 4.26 46.29 -7.76
CA GLY D 114 3.82 47.60 -8.22
C GLY D 114 2.79 47.54 -9.34
N GLY D 115 2.35 46.34 -9.68
CA GLY D 115 1.38 46.17 -10.76
C GLY D 115 0.18 45.31 -10.40
N THR D 116 -0.20 44.43 -11.32
CA THR D 116 -1.38 43.58 -11.14
C THR D 116 -1.06 42.12 -11.48
N ILE D 117 -1.52 41.21 -10.64
CA ILE D 117 -1.35 39.78 -10.92
C ILE D 117 -2.70 39.09 -11.18
N LEU D 118 -2.70 38.15 -12.11
CA LEU D 118 -3.90 37.39 -12.44
C LEU D 118 -3.74 35.91 -12.12
N LEU D 119 -4.51 35.44 -11.15
CA LEU D 119 -4.52 34.02 -10.78
C LEU D 119 -5.63 33.28 -11.53
N ASP D 120 -5.30 32.80 -12.73
CA ASP D 120 -6.24 32.13 -13.61
C ASP D 120 -6.66 30.75 -13.10
N GLU D 121 -7.96 30.46 -13.14
CA GLU D 121 -8.51 29.20 -12.66
C GLU D 121 -8.06 28.91 -11.24
N ILE D 122 -8.34 29.84 -10.33
CA ILE D 122 -7.83 29.75 -8.96
C ILE D 122 -8.45 28.60 -8.19
N SER D 123 -9.50 28.01 -8.75
CA SER D 123 -10.21 26.90 -8.11
C SER D 123 -9.39 25.61 -8.11
N GLU D 124 -8.20 25.65 -8.69
CA GLU D 124 -7.38 24.45 -8.85
C GLU D 124 -6.23 24.36 -7.86
N MET D 125 -6.13 25.32 -6.96
CA MET D 125 -5.13 25.25 -5.92
C MET D 125 -5.56 24.23 -4.87
N ASP D 126 -4.64 23.36 -4.47
CA ASP D 126 -4.92 22.43 -3.38
C ASP D 126 -5.14 23.22 -2.09
N LEU D 127 -5.79 22.61 -1.10
CA LEU D 127 -6.12 23.30 0.14
C LEU D 127 -4.88 23.91 0.81
N ASN D 128 -3.74 23.28 0.62
CA ASN D 128 -2.49 23.77 1.21
C ASN D 128 -1.98 25.02 0.52
N LEU D 129 -2.03 25.02 -0.81
CA LEU D 129 -1.57 26.15 -1.60
C LEU D 129 -2.47 27.37 -1.36
N GLN D 130 -3.75 27.11 -1.09
CA GLN D 130 -4.70 28.18 -0.79
C GLN D 130 -4.37 28.83 0.54
N ALA D 131 -3.86 28.03 1.48
CA ALA D 131 -3.49 28.51 2.80
C ALA D 131 -2.28 29.42 2.73
N LYS D 132 -1.38 29.12 1.80
CA LYS D 132 -0.19 29.94 1.61
C LYS D 132 -0.58 31.23 0.93
N LEU D 133 -1.52 31.14 -0.01
CA LEU D 133 -2.04 32.31 -0.70
C LEU D 133 -2.76 33.25 0.26
N LEU D 134 -3.49 32.67 1.21
CA LEU D 134 -4.21 33.46 2.19
C LEU D 134 -3.27 34.32 3.01
N ARG D 135 -2.17 33.74 3.48
CA ARG D 135 -1.20 34.46 4.27
C ARG D 135 -0.60 35.64 3.51
N VAL D 136 -0.38 35.45 2.21
CA VAL D 136 0.14 36.51 1.35
C VAL D 136 -0.87 37.64 1.22
N LEU D 137 -2.13 37.28 1.00
CA LEU D 137 -3.19 38.26 0.85
C LEU D 137 -3.41 39.04 2.14
N GLN D 138 -3.30 38.35 3.28
CA GLN D 138 -3.51 38.98 4.58
C GLN D 138 -2.34 39.85 5.00
N GLU D 139 -1.13 39.27 4.96
CA GLU D 139 0.06 39.93 5.45
C GLU D 139 0.75 40.85 4.42
N ARG D 140 0.30 40.77 3.17
CA ARG D 140 0.92 41.54 2.09
C ARG D 140 2.42 41.29 2.00
N GLU D 141 2.80 40.03 2.17
CA GLU D 141 4.19 39.61 2.11
C GLU D 141 4.28 38.21 1.51
N VAL D 142 5.41 37.92 0.87
CA VAL D 142 5.61 36.60 0.30
C VAL D 142 6.98 36.08 0.70
N GLU D 143 7.12 34.76 0.82
CA GLU D 143 8.40 34.15 1.11
C GLU D 143 8.60 32.93 0.23
N ARG D 144 9.79 32.84 -0.37
CA ARG D 144 10.10 31.79 -1.33
C ARG D 144 10.13 30.41 -0.68
N LEU D 145 9.93 29.38 -1.49
CA LEU D 145 10.04 28.02 -1.01
C LEU D 145 11.47 27.78 -0.55
N GLY D 146 11.61 27.29 0.69
CA GLY D 146 12.93 27.03 1.23
C GLY D 146 13.53 28.29 1.82
N SER D 147 12.75 29.37 1.80
CA SER D 147 13.20 30.64 2.36
C SER D 147 12.34 31.06 3.55
N ARG D 148 12.98 31.64 4.55
CA ARG D 148 12.29 32.16 5.72
C ARG D 148 12.18 33.68 5.64
N LYS D 149 12.83 34.25 4.65
CA LYS D 149 12.86 35.70 4.45
C LYS D 149 11.63 36.21 3.69
N SER D 150 10.84 37.05 4.34
CA SER D 150 9.62 37.60 3.74
C SER D 150 9.89 38.85 2.90
N ILE D 151 9.14 38.98 1.81
CA ILE D 151 9.29 40.11 0.90
C ILE D 151 8.01 40.97 0.84
N LYS D 152 8.16 42.26 1.15
CA LYS D 152 7.03 43.19 1.14
C LYS D 152 6.40 43.31 -0.25
N LEU D 153 5.08 43.23 -0.32
CA LEU D 153 4.38 43.20 -1.61
C LEU D 153 3.37 44.33 -1.82
N ASP D 154 3.55 45.06 -2.92
CA ASP D 154 2.56 46.02 -3.37
C ASP D 154 1.97 45.53 -4.69
N VAL D 155 1.02 44.60 -4.60
CA VAL D 155 0.46 43.95 -5.79
C VAL D 155 -1.07 43.88 -5.72
N ARG D 156 -1.72 44.32 -6.79
CA ARG D 156 -3.17 44.21 -6.88
C ARG D 156 -3.52 42.84 -7.45
N VAL D 157 -4.45 42.15 -6.79
CA VAL D 157 -4.73 40.76 -7.14
C VAL D 157 -6.05 40.59 -7.88
N LEU D 158 -5.99 39.95 -9.03
CA LEU D 158 -7.17 39.55 -9.77
C LEU D 158 -7.21 38.03 -9.87
N ALA D 159 -8.40 37.46 -9.93
CA ALA D 159 -8.51 36.01 -10.05
C ALA D 159 -9.73 35.62 -10.87
N THR D 160 -9.69 34.42 -11.44
CA THR D 160 -10.78 33.90 -12.25
C THR D 160 -11.13 32.48 -11.84
N SER D 161 -12.36 32.07 -12.16
CA SER D 161 -12.80 30.71 -11.90
C SER D 161 -14.04 30.38 -12.72
N ASN D 162 -14.08 29.18 -13.28
CA ASN D 162 -15.26 28.73 -13.99
C ASN D 162 -16.08 27.74 -13.16
N ARG D 163 -15.97 27.90 -11.84
CA ARG D 163 -16.72 27.10 -10.88
C ARG D 163 -17.37 28.00 -9.83
N ASP D 164 -18.57 27.63 -9.41
CA ASP D 164 -19.24 28.33 -8.33
C ASP D 164 -18.40 28.11 -7.08
N LEU D 165 -17.56 29.10 -6.77
CA LEU D 165 -16.62 28.97 -5.65
C LEU D 165 -17.35 28.77 -4.33
N LYS D 166 -18.55 29.33 -4.23
CA LYS D 166 -19.37 29.19 -3.03
C LYS D 166 -19.69 27.72 -2.80
N GLN D 167 -20.13 27.05 -3.85
CA GLN D 167 -20.47 25.63 -3.78
C GLN D 167 -19.21 24.77 -3.66
N TYR D 168 -18.11 25.27 -4.20
CA TYR D 168 -16.83 24.56 -4.12
C TYR D 168 -16.30 24.63 -2.70
N VAL D 169 -16.57 25.75 -2.03
CA VAL D 169 -16.24 25.91 -0.62
C VAL D 169 -17.10 24.95 0.20
N GLN D 170 -18.38 24.89 -0.11
CA GLN D 170 -19.32 24.01 0.58
C GLN D 170 -18.98 22.55 0.35
N ALA D 171 -18.34 22.25 -0.77
CA ALA D 171 -17.94 20.88 -1.10
C ALA D 171 -16.64 20.52 -0.38
N GLY D 172 -16.01 21.50 0.25
CA GLY D 172 -14.81 21.30 1.03
C GLY D 172 -13.54 21.21 0.22
N HIS D 173 -13.56 21.78 -0.98
CA HIS D 173 -12.39 21.76 -1.85
C HIS D 173 -11.75 23.14 -1.94
N PHE D 174 -12.37 24.11 -1.25
CA PHE D 174 -11.87 25.47 -1.25
C PHE D 174 -12.08 26.11 0.12
N ARG D 175 -11.07 26.85 0.58
CA ARG D 175 -11.12 27.50 1.88
C ARG D 175 -12.18 28.59 1.92
N GLU D 176 -13.03 28.58 2.95
CA GLU D 176 -14.10 29.55 3.06
C GLU D 176 -13.56 30.95 3.28
N ASP D 177 -12.46 31.06 4.03
CA ASP D 177 -11.85 32.34 4.34
C ASP D 177 -11.19 32.98 3.13
N LEU D 178 -10.56 32.16 2.29
CA LEU D 178 -9.95 32.64 1.06
C LEU D 178 -11.00 33.13 0.07
N TYR D 179 -12.09 32.38 -0.04
CA TYR D 179 -13.17 32.72 -0.95
C TYR D 179 -13.82 34.05 -0.55
N ALA D 180 -13.92 34.29 0.75
CA ALA D 180 -14.61 35.47 1.26
C ALA D 180 -13.74 36.72 1.20
N ARG D 181 -12.45 36.53 0.94
CA ARG D 181 -11.50 37.63 0.88
C ARG D 181 -11.34 38.04 -0.59
N LEU D 182 -11.77 37.14 -1.46
CA LEU D 182 -11.70 37.35 -2.90
C LEU D 182 -13.06 37.69 -3.48
N ASN D 183 -14.11 37.59 -2.65
CA ASN D 183 -15.48 37.77 -3.12
C ASN D 183 -16.02 39.13 -2.71
N VAL D 184 -15.13 40.13 -2.71
CA VAL D 184 -15.53 41.50 -2.41
C VAL D 184 -16.32 42.06 -3.59
N PHE D 185 -15.83 41.81 -4.79
CA PHE D 185 -16.45 42.34 -5.99
C PHE D 185 -16.44 41.33 -7.12
N PRO D 186 -17.35 40.35 -7.07
CA PRO D 186 -17.39 39.36 -8.15
C PRO D 186 -17.95 39.93 -9.45
N LEU D 187 -17.41 39.48 -10.58
CA LEU D 187 -17.93 39.86 -11.89
C LEU D 187 -18.21 38.61 -12.72
N THR D 188 -19.44 38.48 -13.19
CA THR D 188 -19.84 37.28 -13.92
C THR D 188 -20.01 37.53 -15.43
N TRP D 189 -19.07 37.00 -16.20
CA TRP D 189 -19.10 37.05 -17.65
C TRP D 189 -20.10 36.00 -18.13
N PRO D 190 -21.21 36.43 -18.75
CA PRO D 190 -22.20 35.39 -19.10
C PRO D 190 -21.78 34.60 -20.31
N ALA D 191 -22.45 33.49 -20.59
CA ALA D 191 -22.14 32.68 -21.77
C ALA D 191 -22.35 33.51 -23.03
N LEU D 192 -21.80 33.04 -24.15
CA LEU D 192 -21.88 33.80 -25.39
C LEU D 192 -23.31 33.92 -25.90
N CYS D 193 -24.12 32.91 -25.64
CA CYS D 193 -25.50 32.89 -26.13
C CYS D 193 -26.43 33.74 -25.28
N GLU D 194 -25.96 34.18 -24.12
CA GLU D 194 -26.73 35.08 -23.27
C GLU D 194 -26.32 36.52 -23.52
N ARG D 195 -25.34 36.72 -24.40
CA ARG D 195 -24.94 38.06 -24.81
C ARG D 195 -24.71 38.07 -26.33
N LYS D 196 -25.77 37.73 -27.06
CA LYS D 196 -25.70 37.45 -28.49
C LYS D 196 -25.25 38.65 -29.34
N ASP D 197 -25.41 39.86 -28.81
CA ASP D 197 -25.00 41.04 -29.56
C ASP D 197 -23.48 41.16 -29.62
N ASP D 198 -22.79 40.35 -28.85
CA ASP D 198 -21.33 40.35 -28.86
C ASP D 198 -20.78 39.53 -30.03
N ILE D 199 -21.61 38.64 -30.57
CA ILE D 199 -21.13 37.63 -31.51
C ILE D 199 -20.58 38.20 -32.82
N GLU D 200 -21.35 39.06 -33.48
CA GLU D 200 -20.88 39.64 -34.75
C GLU D 200 -19.62 40.51 -34.58
N PRO D 201 -19.61 41.44 -33.61
CA PRO D 201 -18.37 42.22 -33.46
C PRO D 201 -17.17 41.36 -33.09
N LEU D 202 -17.43 40.30 -32.32
CA LEU D 202 -16.39 39.41 -31.83
C LEU D 202 -15.80 38.58 -32.96
N ALA D 203 -16.66 38.09 -33.84
CA ALA D 203 -16.23 37.32 -35.00
C ALA D 203 -15.30 38.15 -35.86
N ASN D 204 -15.72 39.37 -36.19
CA ASN D 204 -14.91 40.27 -36.98
C ASN D 204 -13.58 40.62 -36.32
N HIS D 205 -13.55 40.64 -34.99
CA HIS D 205 -12.32 40.94 -34.28
C HIS D 205 -11.36 39.76 -34.40
N LEU D 206 -11.90 38.56 -34.27
CA LEU D 206 -11.11 37.34 -34.37
C LEU D 206 -10.60 37.13 -35.79
N ILE D 207 -11.43 37.47 -36.78
CA ILE D 207 -11.01 37.41 -38.17
C ILE D 207 -9.86 38.38 -38.42
N GLU D 208 -10.00 39.59 -37.91
CA GLU D 208 -9.04 40.65 -38.18
C GLU D 208 -7.67 40.37 -37.56
N ARG D 209 -7.65 39.90 -36.32
CA ARG D 209 -6.38 39.68 -35.63
C ARG D 209 -5.68 38.41 -36.09
N HIS D 210 -6.45 37.45 -36.61
CA HIS D 210 -5.84 36.22 -37.09
C HIS D 210 -5.22 36.43 -38.46
N CYS D 211 -5.85 37.29 -39.26
CA CYS D 211 -5.32 37.60 -40.57
C CYS D 211 -4.13 38.56 -40.48
N LYS D 212 -4.15 39.44 -39.49
CA LYS D 212 -3.06 40.40 -39.33
C LYS D 212 -1.80 39.78 -38.72
N LYS D 213 -1.97 38.68 -37.99
CA LYS D 213 -0.81 38.00 -37.39
C LYS D 213 -0.14 37.08 -38.41
N LEU D 214 -0.80 36.84 -39.54
CA LEU D 214 -0.25 35.99 -40.59
C LEU D 214 -0.12 36.74 -41.91
N GLY D 215 -0.07 38.07 -41.83
CA GLY D 215 0.13 38.91 -43.01
C GLY D 215 -0.87 38.74 -44.14
N LEU D 216 -2.06 38.27 -43.80
CA LEU D 216 -3.12 38.12 -44.80
C LEU D 216 -4.05 39.33 -44.79
N PRO D 217 -4.63 39.66 -45.95
CA PRO D 217 -5.67 40.71 -45.94
C PRO D 217 -6.93 40.22 -45.25
N VAL D 218 -7.56 41.07 -44.43
CA VAL D 218 -8.76 40.65 -43.69
C VAL D 218 -10.01 40.70 -44.57
N PRO D 219 -10.78 39.61 -44.59
CA PRO D 219 -12.03 39.55 -45.35
C PRO D 219 -13.23 39.95 -44.51
N SER D 220 -14.35 40.25 -45.16
CA SER D 220 -15.59 40.52 -44.44
C SER D 220 -16.36 39.21 -44.32
N ILE D 221 -17.44 39.24 -43.54
CA ILE D 221 -18.25 38.04 -43.34
C ILE D 221 -19.70 38.26 -43.79
N ALA D 222 -20.17 37.37 -44.66
CA ALA D 222 -21.49 37.48 -45.28
C ALA D 222 -22.63 37.47 -44.27
N PRO D 223 -23.74 38.15 -44.59
CA PRO D 223 -24.94 38.21 -43.75
C PRO D 223 -25.50 36.84 -43.39
N ASN D 224 -25.55 35.92 -44.35
CA ASN D 224 -26.05 34.57 -44.07
C ASN D 224 -25.12 33.80 -43.15
N ALA D 225 -23.85 34.16 -43.18
CA ALA D 225 -22.86 33.56 -42.31
C ALA D 225 -23.06 34.09 -40.90
N ILE D 226 -23.37 35.37 -40.80
CA ILE D 226 -23.67 36.01 -39.52
C ILE D 226 -24.90 35.38 -38.87
N THR D 227 -25.95 35.19 -39.65
CA THR D 227 -27.18 34.59 -39.15
C THR D 227 -26.93 33.17 -38.63
N LYS D 228 -26.07 32.45 -39.32
CA LYS D 228 -25.72 31.08 -38.93
C LYS D 228 -24.99 31.08 -37.59
N LEU D 229 -24.17 32.12 -37.37
CA LEU D 229 -23.44 32.26 -36.12
C LEU D 229 -24.32 32.67 -34.95
N LEU D 230 -25.34 33.47 -35.21
CA LEU D 230 -26.20 33.97 -34.14
C LEU D 230 -27.10 32.87 -33.59
N ASN D 231 -27.48 31.93 -34.45
CA ASN D 231 -28.41 30.89 -34.05
C ASN D 231 -27.71 29.61 -33.62
N TYR D 232 -26.45 29.74 -33.25
CA TYR D 232 -25.70 28.63 -32.64
C TYR D 232 -25.54 28.95 -31.14
N PRO D 233 -25.80 27.95 -30.28
CA PRO D 233 -25.76 28.14 -28.83
C PRO D 233 -24.37 28.40 -28.25
N TRP D 234 -23.32 28.11 -29.01
CA TRP D 234 -21.94 28.29 -28.57
C TRP D 234 -21.66 27.70 -27.18
N PRO D 235 -21.58 26.36 -27.11
CA PRO D 235 -21.28 25.72 -25.82
C PRO D 235 -19.83 25.93 -25.40
N GLY D 236 -18.97 26.25 -26.36
CA GLY D 236 -17.57 26.49 -26.08
C GLY D 236 -17.30 27.98 -26.06
N ASN D 237 -18.37 28.75 -26.24
CA ASN D 237 -18.31 30.21 -26.24
C ASN D 237 -17.28 30.75 -27.23
N VAL D 238 -16.63 31.84 -26.87
CA VAL D 238 -15.80 32.57 -27.83
C VAL D 238 -14.57 31.78 -28.31
N ARG D 239 -14.07 30.87 -27.47
CA ARG D 239 -12.89 30.10 -27.86
C ARG D 239 -13.30 29.10 -28.94
N GLU D 240 -14.61 28.89 -29.07
CA GLU D 240 -15.14 28.02 -30.11
C GLU D 240 -15.36 28.87 -31.37
N LEU D 241 -15.88 30.08 -31.18
CA LEU D 241 -16.04 31.05 -32.26
C LEU D 241 -14.73 31.30 -33.00
N ASP D 242 -13.64 31.37 -32.26
CA ASP D 242 -12.33 31.61 -32.86
C ASP D 242 -11.96 30.45 -33.77
N ASN D 243 -12.30 29.24 -33.35
CA ASN D 243 -12.03 28.05 -34.15
C ASN D 243 -12.88 28.03 -35.42
N VAL D 244 -14.18 28.25 -35.24
CA VAL D 244 -15.13 28.28 -36.35
C VAL D 244 -14.68 29.28 -37.41
N VAL D 245 -14.19 30.43 -36.94
CA VAL D 245 -13.71 31.48 -37.83
C VAL D 245 -12.42 31.08 -38.56
N GLN D 246 -11.45 30.59 -37.80
CA GLN D 246 -10.17 30.15 -38.38
C GLN D 246 -10.43 29.03 -39.36
N ARG D 247 -11.41 28.19 -39.03
CA ARG D 247 -11.83 27.11 -39.92
C ARG D 247 -12.40 27.71 -41.20
N ALA D 248 -13.26 28.71 -41.03
CA ALA D 248 -13.91 29.38 -42.15
C ALA D 248 -12.91 30.08 -43.05
N LEU D 249 -11.88 30.66 -42.45
CA LEU D 249 -10.84 31.35 -43.20
C LEU D 249 -10.07 30.37 -44.09
N ILE D 250 -9.93 29.13 -43.63
CA ILE D 250 -9.27 28.10 -44.43
C ILE D 250 -10.14 27.68 -45.61
N LEU D 251 -11.44 27.45 -45.37
CA LEU D 251 -12.34 27.05 -46.44
C LEU D 251 -12.52 28.13 -47.49
N SER D 252 -12.64 29.38 -47.04
CA SER D 252 -12.82 30.50 -47.95
C SER D 252 -11.49 30.91 -48.57
N GLU D 253 -10.42 30.26 -48.14
CA GLU D 253 -9.07 30.59 -48.60
C GLU D 253 -8.81 32.09 -48.45
N ASN D 254 -9.14 32.62 -47.26
CA ASN D 254 -9.00 34.05 -46.93
C ASN D 254 -9.86 34.98 -47.78
N GLY D 255 -10.95 34.46 -48.31
CA GLY D 255 -11.90 35.28 -49.04
C GLY D 255 -13.10 35.54 -48.15
N HIS D 256 -14.14 36.15 -48.72
CA HIS D 256 -15.38 36.39 -47.98
C HIS D 256 -16.00 35.12 -47.43
N ILE D 257 -16.28 35.13 -46.13
CA ILE D 257 -16.84 33.98 -45.44
C ILE D 257 -18.34 33.88 -45.69
N GLN D 258 -18.76 32.75 -46.28
CA GLN D 258 -20.15 32.52 -46.61
C GLN D 258 -20.76 31.47 -45.68
N SER D 259 -22.07 31.33 -45.74
CA SER D 259 -22.80 30.39 -44.90
C SER D 259 -22.38 28.92 -45.08
N GLU D 260 -21.36 28.69 -45.90
CA GLU D 260 -20.92 27.36 -46.27
C GLU D 260 -19.51 27.13 -45.73
N HIS D 261 -18.86 28.22 -45.36
CA HIS D 261 -17.53 28.14 -44.76
C HIS D 261 -17.65 28.02 -43.24
N ILE D 262 -18.86 28.27 -42.73
CA ILE D 262 -19.09 28.16 -41.30
C ILE D 262 -19.64 26.78 -40.94
N LEU D 263 -18.74 25.93 -40.46
CA LEU D 263 -19.11 24.60 -39.99
C LEU D 263 -19.07 24.56 -38.46
N LEU D 264 -20.19 24.24 -37.84
CA LEU D 264 -20.24 24.18 -36.38
C LEU D 264 -20.17 22.73 -35.92
N GLU D 265 -21.05 22.36 -35.00
CA GLU D 265 -21.12 20.98 -34.53
C GLU D 265 -22.56 20.50 -34.48
N GLY D 266 -23.04 19.96 -35.60
CA GLY D 266 -24.40 19.48 -35.70
C GLY D 266 -25.01 19.76 -37.05
N MET E 21 0.68 8.61 -52.40
CA MET E 21 -0.62 8.22 -51.86
C MET E 21 -1.69 8.31 -52.96
N VAL E 22 -2.44 7.23 -53.16
CA VAL E 22 -3.47 7.17 -54.20
C VAL E 22 -4.86 6.83 -53.66
N VAL E 23 -5.82 7.73 -53.88
CA VAL E 23 -7.21 7.51 -53.49
C VAL E 23 -8.09 7.66 -54.72
N ALA E 24 -9.34 7.21 -54.64
CA ALA E 24 -10.20 7.24 -55.82
C ALA E 24 -11.70 7.42 -55.53
N ASP E 25 -12.18 6.98 -54.36
CA ASP E 25 -13.59 7.15 -54.04
C ASP E 25 -13.91 8.64 -53.95
N THR E 26 -15.13 9.00 -54.35
CA THR E 26 -15.52 10.41 -54.42
C THR E 26 -15.51 11.07 -53.05
N LYS E 27 -15.77 10.28 -52.00
CA LYS E 27 -15.78 10.82 -50.65
C LYS E 27 -14.33 11.02 -50.18
N SER E 28 -13.41 10.22 -50.74
CA SER E 28 -12.00 10.34 -50.42
C SER E 28 -11.42 11.55 -51.15
N LEU E 29 -11.90 11.79 -52.37
CA LEU E 29 -11.45 12.91 -53.18
C LEU E 29 -11.86 14.23 -52.51
N LYS E 30 -13.01 14.21 -51.85
CA LYS E 30 -13.49 15.36 -51.11
C LYS E 30 -12.61 15.64 -49.89
N LEU E 31 -12.07 14.58 -49.31
CA LEU E 31 -11.15 14.70 -48.18
C LEU E 31 -9.83 15.34 -48.61
N LEU E 32 -9.31 14.91 -49.75
CA LEU E 32 -8.08 15.49 -50.28
C LEU E 32 -8.30 16.95 -50.67
N ALA E 33 -9.53 17.28 -51.05
CA ALA E 33 -9.88 18.65 -51.38
C ALA E 33 -9.69 19.57 -50.18
N LEU E 34 -10.10 19.11 -49.01
CA LEU E 34 -9.88 19.87 -47.78
C LEU E 34 -8.40 19.85 -47.44
N ALA E 35 -7.76 18.70 -47.65
CA ALA E 35 -6.35 18.54 -47.34
C ALA E 35 -5.48 19.57 -48.05
N ASP E 36 -5.79 19.82 -49.32
CA ASP E 36 -5.05 20.79 -50.10
C ASP E 36 -5.26 22.19 -49.53
N LYS E 37 -6.46 22.42 -48.98
CA LYS E 37 -6.83 23.72 -48.47
C LYS E 37 -6.10 24.07 -47.17
N VAL E 38 -5.88 23.07 -46.32
CA VAL E 38 -5.23 23.30 -45.03
C VAL E 38 -3.71 23.19 -45.11
N ALA E 39 -3.23 22.37 -46.03
CA ALA E 39 -1.80 22.15 -46.19
C ALA E 39 -1.10 23.46 -46.49
N LYS E 40 -1.73 24.29 -47.32
CA LYS E 40 -1.20 25.58 -47.71
C LYS E 40 -1.02 26.53 -46.53
N THR E 41 -1.70 26.24 -45.42
CA THR E 41 -1.63 27.09 -44.22
C THR E 41 -0.69 26.51 -43.16
N ASP E 42 -0.69 27.15 -41.98
CA ASP E 42 0.12 26.71 -40.86
C ASP E 42 -0.76 26.14 -39.76
N ALA E 43 -2.00 25.82 -40.12
CA ALA E 43 -3.00 25.38 -39.15
C ALA E 43 -2.69 24.01 -38.57
N ASN E 44 -3.11 23.80 -37.33
CA ASN E 44 -3.00 22.50 -36.68
C ASN E 44 -4.03 21.54 -37.27
N VAL E 45 -3.58 20.47 -37.89
CA VAL E 45 -4.50 19.53 -38.52
C VAL E 45 -4.70 18.30 -37.64
N MET E 46 -5.97 17.92 -37.46
CA MET E 46 -6.31 16.77 -36.65
C MET E 46 -6.91 15.66 -37.51
N ILE E 47 -6.18 14.56 -37.70
CA ILE E 47 -6.66 13.50 -38.57
C ILE E 47 -7.20 12.30 -37.78
N LEU E 48 -8.52 12.17 -37.74
CA LEU E 48 -9.16 11.06 -37.04
C LEU E 48 -9.50 9.93 -37.99
N GLY E 49 -10.32 9.00 -37.53
CA GLY E 49 -10.68 7.83 -38.31
C GLY E 49 -10.19 6.59 -37.59
N PRO E 50 -10.57 5.40 -38.08
CA PRO E 50 -10.12 4.23 -37.34
C PRO E 50 -8.65 3.95 -37.62
N SER E 51 -8.04 3.07 -36.83
CA SER E 51 -6.64 2.72 -37.03
C SER E 51 -6.46 1.78 -38.22
N GLY E 52 -5.51 2.12 -39.08
CA GLY E 52 -5.26 1.32 -40.25
C GLY E 52 -5.85 1.91 -41.52
N SER E 53 -6.11 3.22 -41.49
CA SER E 53 -6.74 3.85 -42.64
C SER E 53 -5.81 4.79 -43.41
N GLY E 54 -4.54 4.86 -43.00
CA GLY E 54 -3.58 5.75 -43.65
C GLY E 54 -3.66 7.21 -43.26
N LYS E 55 -3.79 7.46 -41.97
CA LYS E 55 -3.77 8.81 -41.42
C LYS E 55 -2.39 9.42 -41.49
N GLU E 56 -1.37 8.58 -41.46
CA GLU E 56 -0.01 9.08 -41.52
C GLU E 56 0.33 9.47 -42.94
N VAL E 57 -0.05 8.62 -43.89
CA VAL E 57 0.18 8.90 -45.30
C VAL E 57 -0.67 10.08 -45.76
N MET E 58 -1.71 10.40 -45.00
CA MET E 58 -2.52 11.57 -45.29
C MET E 58 -1.88 12.79 -44.64
N SER E 59 -1.21 12.58 -43.51
CA SER E 59 -0.45 13.63 -42.84
C SER E 59 0.78 13.99 -43.66
N ARG E 60 1.41 12.96 -44.23
CA ARG E 60 2.59 13.14 -45.07
C ARG E 60 2.22 13.90 -46.34
N TYR E 61 1.01 13.65 -46.84
CA TYR E 61 0.50 14.36 -48.01
C TYR E 61 0.36 15.84 -47.71
N ILE E 62 -0.09 16.16 -46.50
CA ILE E 62 -0.25 17.54 -46.07
C ILE E 62 1.09 18.27 -46.01
N HIS E 63 2.11 17.57 -45.51
CA HIS E 63 3.45 18.14 -45.45
C HIS E 63 3.97 18.48 -46.84
N ASN E 64 3.82 17.53 -47.77
CA ASN E 64 4.33 17.72 -49.13
C ASN E 64 3.53 18.75 -49.90
N ALA E 65 2.36 19.10 -49.39
CA ALA E 65 1.51 20.10 -50.02
C ALA E 65 1.61 21.45 -49.29
N SER E 66 2.44 21.49 -48.26
CA SER E 66 2.60 22.71 -47.46
C SER E 66 3.82 23.51 -47.93
N PRO E 67 3.85 24.82 -47.62
CA PRO E 67 5.04 25.63 -47.90
C PRO E 67 6.28 25.14 -47.14
N ARG E 68 6.08 24.18 -46.24
CA ARG E 68 7.17 23.60 -45.49
C ARG E 68 7.54 22.26 -46.11
N LYS E 69 7.23 22.14 -47.39
CA LYS E 69 7.44 20.93 -48.17
C LYS E 69 8.89 20.43 -48.07
N GLU E 70 9.82 21.36 -48.25
CA GLU E 70 11.23 21.01 -48.32
C GLU E 70 11.84 20.83 -46.93
N GLY E 71 11.06 21.14 -45.90
CA GLY E 71 11.50 21.00 -44.53
C GLY E 71 11.46 19.57 -44.03
N PRO E 72 11.90 19.35 -42.78
CA PRO E 72 11.91 18.03 -42.15
C PRO E 72 10.52 17.56 -41.76
N PHE E 73 10.31 16.24 -41.77
CA PHE E 73 9.06 15.65 -41.31
C PHE E 73 9.30 14.65 -40.19
N ILE E 74 8.99 15.06 -38.97
CA ILE E 74 9.29 14.25 -37.80
C ILE E 74 8.03 13.60 -37.24
N ALA E 75 8.03 12.28 -37.14
CA ALA E 75 6.88 11.55 -36.63
C ALA E 75 7.18 10.86 -35.30
N ILE E 76 6.20 10.86 -34.40
CA ILE E 76 6.34 10.16 -33.14
C ILE E 76 5.00 9.55 -32.72
N ASN E 77 4.98 8.23 -32.55
CA ASN E 77 3.75 7.54 -32.21
C ASN E 77 3.62 7.43 -30.69
N CYS E 78 2.68 8.18 -30.13
CA CYS E 78 2.53 8.28 -28.67
C CYS E 78 2.00 7.00 -28.04
N ALA E 79 1.63 6.03 -28.86
CA ALA E 79 1.07 4.78 -28.35
C ALA E 79 2.07 3.64 -28.49
N ALA E 80 3.27 3.96 -28.96
CA ALA E 80 4.27 2.93 -29.26
C ALA E 80 5.65 3.24 -28.67
N ILE E 81 5.73 4.25 -27.81
CA ILE E 81 7.01 4.59 -27.18
C ILE E 81 7.17 3.85 -25.85
N PRO E 82 8.07 2.85 -25.82
CA PRO E 82 8.24 1.98 -24.65
C PRO E 82 8.95 2.68 -23.50
N ASP E 83 8.99 2.02 -22.35
CA ASP E 83 9.73 2.49 -21.18
C ASP E 83 9.34 3.90 -20.74
N ASN E 84 8.10 4.29 -21.03
CA ASN E 84 7.57 5.59 -20.61
C ASN E 84 8.43 6.76 -21.10
N MET E 85 8.98 6.61 -22.30
CA MET E 85 9.89 7.62 -22.84
C MET E 85 9.20 8.60 -23.78
N LEU E 86 7.87 8.61 -23.75
CA LEU E 86 7.11 9.49 -24.63
C LEU E 86 7.44 10.96 -24.35
N GLU E 87 7.33 11.34 -23.08
CA GLU E 87 7.64 12.71 -22.67
C GLU E 87 9.10 13.03 -22.99
N ALA E 88 9.97 12.07 -22.71
CA ALA E 88 11.41 12.27 -22.88
C ALA E 88 11.80 12.48 -24.34
N THR E 89 11.10 11.80 -25.26
CA THR E 89 11.46 11.84 -26.67
C THR E 89 10.96 13.11 -27.36
N LEU E 90 9.81 13.62 -26.90
CA LEU E 90 9.25 14.84 -27.47
C LEU E 90 10.05 16.08 -27.11
N PHE E 91 10.32 16.22 -25.82
CA PHE E 91 10.92 17.44 -25.29
C PHE E 91 12.44 17.36 -25.24
N GLY E 92 12.97 16.13 -25.23
CA GLY E 92 14.40 15.94 -25.09
C GLY E 92 14.81 16.05 -23.63
N TYR E 93 16.07 15.76 -23.34
CA TYR E 93 16.52 15.79 -21.95
C TYR E 93 18.02 16.10 -21.84
N GLU E 94 18.40 16.70 -20.72
CA GLU E 94 19.80 16.94 -20.41
C GLU E 94 20.33 15.77 -19.59
N LYS E 95 21.65 15.66 -19.50
CA LYS E 95 22.26 14.57 -18.75
C LYS E 95 21.84 14.64 -17.29
N GLY E 96 21.11 13.62 -16.82
CA GLY E 96 20.72 13.53 -15.43
C GLY E 96 19.31 13.98 -15.12
N ALA E 97 18.51 14.24 -16.16
CA ALA E 97 17.14 14.72 -15.96
C ALA E 97 16.23 13.67 -15.34
N PHE E 98 16.60 12.41 -15.49
CA PHE E 98 15.85 11.30 -14.92
C PHE E 98 16.74 10.08 -14.80
N THR E 99 16.32 9.10 -14.00
CA THR E 99 17.09 7.87 -13.84
C THR E 99 17.22 7.16 -15.18
N GLY E 100 18.41 7.22 -15.78
CA GLY E 100 18.65 6.61 -17.07
C GLY E 100 19.22 7.58 -18.10
N ALA E 101 19.16 8.87 -17.81
CA ALA E 101 19.69 9.86 -18.73
C ALA E 101 21.19 9.99 -18.57
N VAL E 102 21.93 9.15 -19.30
CA VAL E 102 23.39 9.16 -19.24
C VAL E 102 23.94 10.21 -20.19
N GLN E 103 23.13 10.59 -21.17
CA GLN E 103 23.53 11.56 -22.18
C GLN E 103 22.48 12.64 -22.36
N ALA E 104 22.85 13.71 -23.07
CA ALA E 104 21.87 14.69 -23.52
C ALA E 104 21.21 14.24 -24.82
N CYS E 105 20.02 14.74 -25.09
CA CYS E 105 19.27 14.31 -26.27
C CYS E 105 18.25 15.36 -26.69
N PRO E 106 18.30 15.78 -27.96
CA PRO E 106 17.36 16.74 -28.52
C PRO E 106 15.96 16.15 -28.69
N GLY E 107 14.93 16.97 -28.53
CA GLY E 107 13.57 16.49 -28.64
C GLY E 107 13.08 16.47 -30.07
N LYS E 108 11.97 15.80 -30.31
CA LYS E 108 11.42 15.66 -31.65
C LYS E 108 10.90 17.00 -32.17
N PHE E 109 10.51 17.88 -31.26
CA PHE E 109 10.09 19.23 -31.63
C PHE E 109 11.28 20.01 -32.19
N GLU E 110 12.45 19.78 -31.60
CA GLU E 110 13.66 20.42 -32.08
C GLU E 110 14.03 19.91 -33.46
N GLN E 111 13.85 18.61 -33.66
CA GLN E 111 14.17 17.98 -34.94
C GLN E 111 13.23 18.42 -36.05
N ALA E 112 12.05 18.90 -35.67
CA ALA E 112 11.04 19.29 -36.63
C ALA E 112 11.10 20.78 -36.92
N GLN E 113 12.21 21.41 -36.53
CA GLN E 113 12.38 22.84 -36.71
C GLN E 113 12.34 23.21 -38.20
N GLY E 114 11.46 24.15 -38.54
CA GLY E 114 11.30 24.60 -39.90
C GLY E 114 10.48 23.62 -40.74
N GLY E 115 9.98 22.58 -40.10
CA GLY E 115 9.20 21.56 -40.78
C GLY E 115 7.88 21.21 -40.13
N THR E 116 7.58 19.92 -40.09
CA THR E 116 6.31 19.42 -39.57
C THR E 116 6.51 18.27 -38.59
N ILE E 117 5.79 18.30 -37.47
CA ILE E 117 5.81 17.18 -36.54
C ILE E 117 4.44 16.49 -36.53
N LEU E 118 4.46 15.16 -36.43
CA LEU E 118 3.24 14.38 -36.39
C LEU E 118 3.13 13.67 -35.04
N LEU E 119 2.15 14.06 -34.25
CA LEU E 119 1.91 13.40 -32.97
C LEU E 119 0.89 12.29 -33.15
N ASP E 120 1.39 11.11 -33.49
CA ASP E 120 0.56 9.95 -33.80
C ASP E 120 -0.13 9.39 -32.54
N GLU E 121 -1.41 9.11 -32.66
CA GLU E 121 -2.23 8.60 -31.56
C GLU E 121 -2.08 9.46 -30.32
N ILE E 122 -2.39 10.75 -30.46
CA ILE E 122 -2.15 11.74 -29.43
C ILE E 122 -3.02 11.53 -28.19
N SER E 123 -4.02 10.66 -28.31
CA SER E 123 -4.94 10.39 -27.21
C SER E 123 -4.31 9.59 -26.07
N GLU E 124 -3.04 9.23 -26.21
CA GLU E 124 -2.36 8.39 -25.22
C GLU E 124 -1.44 9.17 -24.30
N MET E 125 -1.40 10.50 -24.48
CA MET E 125 -0.62 11.33 -23.58
C MET E 125 -1.33 11.46 -22.24
N ASP E 126 -0.57 11.33 -21.15
CA ASP E 126 -1.11 11.56 -19.81
C ASP E 126 -1.53 13.01 -19.67
N LEU E 127 -2.39 13.29 -18.70
CA LEU E 127 -2.90 14.65 -18.49
C LEU E 127 -1.78 15.66 -18.27
N ASN E 128 -0.68 15.21 -17.69
CA ASN E 128 0.47 16.08 -17.45
C ASN E 128 1.19 16.41 -18.75
N LEU E 129 1.35 15.41 -19.61
CA LEU E 129 2.00 15.63 -20.90
C LEU E 129 1.19 16.56 -21.78
N GLN E 130 -0.13 16.54 -21.61
CA GLN E 130 -1.00 17.44 -22.36
C GLN E 130 -0.79 18.88 -21.93
N ALA E 131 -0.48 19.08 -20.65
CA ALA E 131 -0.23 20.42 -20.13
C ALA E 131 1.10 20.98 -20.65
N LYS E 132 2.07 20.09 -20.82
CA LYS E 132 3.38 20.47 -21.32
C LYS E 132 3.30 20.76 -22.81
N LEU E 133 2.53 19.95 -23.53
CA LEU E 133 2.30 20.15 -24.95
C LEU E 133 1.53 21.45 -25.20
N LEU E 134 0.58 21.74 -24.32
CA LEU E 134 -0.24 22.93 -24.45
C LEU E 134 0.63 24.18 -24.39
N ARG E 135 1.57 24.19 -23.44
CA ARG E 135 2.49 25.32 -23.27
C ARG E 135 3.31 25.52 -24.55
N VAL E 136 3.69 24.42 -25.18
CA VAL E 136 4.46 24.46 -26.41
C VAL E 136 3.68 25.11 -27.55
N LEU E 137 2.43 24.70 -27.70
CA LEU E 137 1.59 25.22 -28.77
C LEU E 137 1.27 26.72 -28.63
N GLN E 138 1.04 27.17 -27.40
CA GLN E 138 0.73 28.58 -27.18
C GLN E 138 1.96 29.47 -27.23
N GLU E 139 3.03 29.07 -26.54
CA GLU E 139 4.23 29.90 -26.42
C GLU E 139 5.16 29.77 -27.63
N ARG E 140 4.90 28.78 -28.48
CA ARG E 140 5.74 28.49 -29.64
C ARG E 140 7.20 28.29 -29.25
N GLU E 141 7.42 27.65 -28.11
CA GLU E 141 8.76 27.39 -27.60
C GLU E 141 8.79 26.10 -26.80
N VAL E 142 9.95 25.45 -26.75
CA VAL E 142 10.09 24.19 -26.01
C VAL E 142 11.31 24.22 -25.10
N GLU E 143 11.26 23.47 -24.00
CA GLU E 143 12.38 23.33 -23.09
C GLU E 143 12.59 21.86 -22.70
N ARG E 144 13.84 21.41 -22.75
CA ARG E 144 14.18 20.02 -22.48
C ARG E 144 13.92 19.64 -21.03
N LEU E 145 13.73 18.36 -20.77
CA LEU E 145 13.59 17.86 -19.41
C LEU E 145 14.88 18.12 -18.64
N GLY E 146 14.76 18.77 -17.49
CA GLY E 146 15.92 19.10 -16.69
C GLY E 146 16.56 20.40 -17.15
N SER E 147 15.94 21.05 -18.12
CA SER E 147 16.44 22.32 -18.63
C SER E 147 15.48 23.47 -18.36
N ARG E 148 16.03 24.64 -18.07
CA ARG E 148 15.22 25.82 -17.83
C ARG E 148 15.26 26.73 -19.05
N LYS E 149 16.14 26.40 -19.97
CA LYS E 149 16.37 27.21 -21.17
C LYS E 149 15.40 26.85 -22.29
N SER E 150 14.61 27.84 -22.69
CA SER E 150 13.60 27.64 -23.73
C SER E 150 14.18 27.80 -25.13
N ILE E 151 13.66 27.02 -26.06
CA ILE E 151 14.11 27.03 -27.44
C ILE E 151 12.98 27.51 -28.36
N LYS E 152 13.23 28.58 -29.10
CA LYS E 152 12.21 29.12 -30.00
C LYS E 152 11.87 28.10 -31.08
N LEU E 153 10.58 27.90 -31.30
CA LEU E 153 10.11 26.82 -32.18
C LEU E 153 9.30 27.32 -33.37
N ASP E 154 9.76 26.96 -34.57
CA ASP E 154 8.99 27.19 -35.80
C ASP E 154 8.56 25.85 -36.40
N VAL E 155 7.49 25.27 -35.86
CA VAL E 155 7.06 23.92 -36.22
C VAL E 155 5.56 23.82 -36.48
N ARG E 156 5.20 23.21 -37.61
CA ARG E 156 3.80 22.94 -37.92
C ARG E 156 3.38 21.62 -37.29
N VAL E 157 2.25 21.62 -36.59
CA VAL E 157 1.84 20.45 -35.83
C VAL E 157 0.67 19.69 -36.46
N LEU E 158 0.88 18.39 -36.66
CA LEU E 158 -0.17 17.47 -37.08
C LEU E 158 -0.36 16.45 -35.96
N ALA E 159 -1.57 15.91 -35.84
CA ALA E 159 -1.85 14.91 -34.83
C ALA E 159 -2.88 13.91 -35.32
N THR E 160 -2.88 12.72 -34.71
CA THR E 160 -3.83 11.69 -35.09
C THR E 160 -4.49 11.07 -33.85
N SER E 161 -5.69 10.51 -34.04
CA SER E 161 -6.38 9.79 -32.97
C SER E 161 -7.49 8.92 -33.53
N ASN E 162 -7.62 7.71 -32.98
CA ASN E 162 -8.69 6.81 -33.33
C ASN E 162 -9.76 6.85 -32.25
N ARG E 163 -9.86 8.00 -31.59
CA ARG E 163 -10.83 8.20 -30.51
C ARG E 163 -11.57 9.51 -30.71
N ASP E 164 -12.87 9.51 -30.41
CA ASP E 164 -13.64 10.75 -30.42
C ASP E 164 -13.13 11.62 -29.28
N LEU E 165 -12.24 12.57 -29.57
CA LEU E 165 -11.61 13.36 -28.52
C LEU E 165 -12.61 14.17 -27.71
N LYS E 166 -13.71 14.58 -28.33
CA LYS E 166 -14.73 15.34 -27.64
C LYS E 166 -15.28 14.50 -26.49
N GLN E 167 -15.58 13.24 -26.79
CA GLN E 167 -16.07 12.32 -25.77
C GLN E 167 -14.94 11.95 -24.82
N TYR E 168 -13.71 11.97 -25.32
CA TYR E 168 -12.54 11.67 -24.49
C TYR E 168 -12.27 12.82 -23.51
N VAL E 169 -12.54 14.04 -23.96
CA VAL E 169 -12.45 15.22 -23.11
C VAL E 169 -13.50 15.17 -22.02
N GLN E 170 -14.73 14.84 -22.41
CA GLN E 170 -15.85 14.76 -21.49
C GLN E 170 -15.67 13.65 -20.48
N ALA E 171 -14.88 12.65 -20.84
CA ALA E 171 -14.57 11.54 -19.93
C ALA E 171 -13.49 11.96 -18.93
N GLY E 172 -12.91 13.14 -19.15
CA GLY E 172 -11.91 13.69 -18.26
C GLY E 172 -10.52 13.12 -18.43
N HIS E 173 -10.24 12.59 -19.62
CA HIS E 173 -8.94 12.01 -19.90
C HIS E 173 -8.15 12.89 -20.87
N PHE E 174 -8.77 14.00 -21.30
CA PHE E 174 -8.13 14.90 -22.25
C PHE E 174 -8.51 16.34 -21.92
N ARG E 175 -7.54 17.24 -21.96
CA ARG E 175 -7.76 18.65 -21.66
C ARG E 175 -8.65 19.30 -22.71
N GLU E 176 -9.67 20.03 -22.29
CA GLU E 176 -10.59 20.65 -23.22
C GLU E 176 -9.90 21.74 -24.05
N ASP E 177 -8.99 22.48 -23.43
CA ASP E 177 -8.29 23.56 -24.13
C ASP E 177 -7.31 23.05 -25.15
N LEU E 178 -6.64 21.94 -24.83
CA LEU E 178 -5.73 21.30 -25.77
C LEU E 178 -6.50 20.73 -26.96
N TYR E 179 -7.66 20.14 -26.67
CA TYR E 179 -8.50 19.56 -27.71
C TYR E 179 -8.95 20.63 -28.70
N ALA E 180 -9.22 21.83 -28.18
CA ALA E 180 -9.75 22.92 -28.99
C ALA E 180 -8.67 23.64 -29.79
N ARG E 181 -7.41 23.36 -29.49
CA ARG E 181 -6.30 24.01 -30.18
C ARG E 181 -5.88 23.12 -31.32
N LEU E 182 -6.32 21.86 -31.25
CA LEU E 182 -5.97 20.87 -32.23
C LEU E 182 -7.16 20.61 -33.15
N ASN E 183 -8.34 21.13 -32.77
CA ASN E 183 -9.57 20.82 -33.50
C ASN E 183 -10.07 22.00 -34.32
N VAL E 184 -9.14 22.79 -34.86
CA VAL E 184 -9.52 23.89 -35.74
C VAL E 184 -10.00 23.33 -37.07
N PHE E 185 -9.30 22.31 -37.57
CA PHE E 185 -9.64 21.74 -38.87
C PHE E 185 -9.51 20.22 -38.85
N PRO E 186 -10.51 19.54 -38.29
CA PRO E 186 -10.48 18.08 -38.26
C PRO E 186 -10.77 17.47 -39.63
N LEU E 187 -10.11 16.35 -39.92
CA LEU E 187 -10.38 15.58 -41.12
C LEU E 187 -10.67 14.14 -40.71
N THR E 188 -11.83 13.63 -41.11
CA THR E 188 -12.18 12.27 -40.71
C THR E 188 -11.98 11.35 -41.89
N TRP E 189 -10.91 10.60 -41.81
CA TRP E 189 -10.55 9.61 -42.81
C TRP E 189 -11.41 8.37 -42.50
N PRO E 190 -12.35 8.03 -43.39
CA PRO E 190 -13.34 7.00 -43.07
C PRO E 190 -12.81 5.58 -43.20
N ALA E 191 -13.59 4.61 -42.70
CA ALA E 191 -13.22 3.20 -42.78
C ALA E 191 -13.14 2.78 -44.24
N LEU E 192 -12.51 1.65 -44.49
CA LEU E 192 -12.30 1.19 -45.85
C LEU E 192 -13.59 0.80 -46.56
N CYS E 193 -14.57 0.31 -45.81
CA CYS E 193 -15.82 -0.16 -46.41
C CYS E 193 -16.81 0.95 -46.75
N GLU E 194 -16.57 2.16 -46.27
CA GLU E 194 -17.41 3.30 -46.64
C GLU E 194 -16.79 4.12 -47.77
N ARG E 195 -15.62 3.70 -48.23
CA ARG E 195 -14.95 4.33 -49.37
C ARG E 195 -14.45 3.22 -50.29
N LYS E 196 -15.38 2.38 -50.73
CA LYS E 196 -15.09 1.12 -51.39
C LYS E 196 -14.36 1.25 -52.74
N ASP E 197 -14.45 2.40 -53.37
CA ASP E 197 -13.78 2.60 -54.65
C ASP E 197 -12.27 2.72 -54.48
N ASP E 198 -11.82 2.86 -53.24
CA ASP E 198 -10.40 2.93 -52.93
C ASP E 198 -9.73 1.57 -52.89
N ILE E 199 -10.54 0.52 -52.73
CA ILE E 199 -10.00 -0.81 -52.43
C ILE E 199 -9.13 -1.37 -53.57
N GLU E 200 -9.65 -1.34 -54.80
CA GLU E 200 -8.89 -1.84 -55.94
C GLU E 200 -7.58 -1.07 -56.19
N PRO E 201 -7.63 0.29 -56.24
CA PRO E 201 -6.37 1.00 -56.43
C PRO E 201 -5.39 0.78 -55.28
N LEU E 202 -5.91 0.62 -54.08
CA LEU E 202 -5.09 0.46 -52.89
C LEU E 202 -4.38 -0.89 -52.90
N ALA E 203 -5.12 -1.92 -53.30
CA ALA E 203 -4.59 -3.28 -53.38
C ALA E 203 -3.40 -3.34 -54.34
N ASN E 204 -3.59 -2.79 -55.55
CA ASN E 204 -2.51 -2.74 -56.52
C ASN E 204 -1.31 -1.93 -56.04
N HIS E 205 -1.57 -0.91 -55.21
CA HIS E 205 -0.50 -0.08 -54.68
C HIS E 205 0.31 -0.84 -53.64
N LEU E 206 -0.38 -1.58 -52.80
CA LEU E 206 0.26 -2.37 -51.75
C LEU E 206 1.10 -3.50 -52.34
N ILE E 207 0.60 -4.12 -53.41
CA ILE E 207 1.37 -5.14 -54.12
C ILE E 207 2.65 -4.54 -54.70
N GLU E 208 2.50 -3.38 -55.33
CA GLU E 208 3.58 -2.78 -56.08
C GLU E 208 4.75 -2.40 -55.19
N ARG E 209 4.44 -1.84 -54.03
CA ARG E 209 5.49 -1.38 -53.13
C ARG E 209 6.14 -2.54 -52.40
N HIS E 210 5.40 -3.64 -52.27
CA HIS E 210 5.93 -4.82 -51.58
C HIS E 210 6.81 -5.64 -52.52
N CYS E 211 6.47 -5.63 -53.81
CA CYS E 211 7.27 -6.31 -54.82
C CYS E 211 8.54 -5.51 -55.12
N LYS E 212 8.45 -4.19 -55.02
CA LYS E 212 9.59 -3.31 -55.26
C LYS E 212 10.57 -3.37 -54.11
N LYS E 213 10.10 -3.77 -52.93
CA LYS E 213 10.94 -3.86 -51.75
C LYS E 213 11.73 -5.17 -51.79
N LEU E 214 11.29 -6.10 -52.63
CA LEU E 214 11.97 -7.39 -52.72
C LEU E 214 12.43 -7.72 -54.13
N GLY E 215 12.61 -6.70 -54.95
CA GLY E 215 13.12 -6.88 -56.31
C GLY E 215 12.31 -7.84 -57.16
N LEU E 216 11.04 -7.99 -56.83
CA LEU E 216 10.14 -8.84 -57.59
C LEU E 216 9.30 -8.08 -58.61
N PRO E 217 8.92 -8.74 -59.72
CA PRO E 217 7.96 -8.18 -60.67
C PRO E 217 6.57 -8.09 -60.06
N VAL E 218 5.85 -7.00 -60.32
CA VAL E 218 4.52 -6.85 -59.75
C VAL E 218 3.48 -7.65 -60.54
N PRO E 219 2.68 -8.45 -59.84
CA PRO E 219 1.64 -9.19 -60.54
C PRO E 219 0.33 -8.41 -60.60
N SER E 220 -0.57 -8.82 -61.48
CA SER E 220 -1.89 -8.21 -61.59
C SER E 220 -2.88 -8.94 -60.69
N ILE E 221 -4.08 -8.39 -60.56
CA ILE E 221 -5.11 -9.03 -59.75
C ILE E 221 -6.31 -9.38 -60.59
N ALA E 222 -6.70 -10.65 -60.54
CA ALA E 222 -7.81 -11.16 -61.35
C ALA E 222 -9.10 -10.44 -61.01
N PRO E 223 -10.00 -10.33 -62.01
CA PRO E 223 -11.31 -9.69 -61.78
C PRO E 223 -12.09 -10.33 -60.63
N ASN E 224 -12.07 -11.66 -60.55
CA ASN E 224 -12.75 -12.37 -59.47
C ASN E 224 -12.10 -12.12 -58.12
N ALA E 225 -10.81 -11.84 -58.13
CA ALA E 225 -10.06 -11.56 -56.91
C ALA E 225 -10.43 -10.17 -56.37
N ILE E 226 -10.60 -9.22 -57.29
CA ILE E 226 -11.03 -7.87 -56.92
C ILE E 226 -12.42 -7.89 -56.29
N THR E 227 -13.33 -8.64 -56.91
CA THR E 227 -14.70 -8.77 -56.41
C THR E 227 -14.72 -9.33 -54.99
N LYS E 228 -13.84 -10.28 -54.74
CA LYS E 228 -13.73 -10.90 -53.43
C LYS E 228 -13.26 -9.89 -52.39
N LEU E 229 -12.38 -8.99 -52.82
CA LEU E 229 -11.84 -7.95 -51.95
C LEU E 229 -12.86 -6.85 -51.68
N LEU E 230 -13.70 -6.56 -52.66
CA LEU E 230 -14.67 -5.48 -52.54
C LEU E 230 -15.81 -5.83 -51.59
N ASN E 231 -16.18 -7.11 -51.54
CA ASN E 231 -17.33 -7.53 -50.74
C ASN E 231 -16.94 -8.04 -49.35
N TYR E 232 -15.75 -7.64 -48.90
CA TYR E 232 -15.33 -7.88 -47.52
C TYR E 232 -15.40 -6.55 -46.78
N PRO E 233 -15.97 -6.55 -45.56
CA PRO E 233 -16.17 -5.30 -44.80
C PRO E 233 -14.87 -4.63 -44.35
N TRP E 234 -13.76 -5.37 -44.38
CA TRP E 234 -12.45 -4.84 -43.97
C TRP E 234 -12.49 -4.15 -42.59
N PRO E 235 -12.59 -4.96 -41.53
CA PRO E 235 -12.61 -4.41 -40.16
C PRO E 235 -11.24 -3.89 -39.75
N GLY E 236 -10.19 -4.35 -40.42
CA GLY E 236 -8.84 -3.93 -40.12
C GLY E 236 -8.37 -2.89 -41.12
N ASN E 237 -9.28 -2.54 -42.03
CA ASN E 237 -9.03 -1.53 -43.06
C ASN E 237 -7.77 -1.81 -43.88
N VAL E 238 -7.06 -0.75 -44.28
CA VAL E 238 -5.97 -0.89 -45.24
C VAL E 238 -4.80 -1.72 -44.70
N ARG E 239 -4.63 -1.72 -43.37
CA ARG E 239 -3.53 -2.48 -42.78
C ARG E 239 -3.85 -3.97 -42.85
N GLU E 240 -5.12 -4.28 -43.06
CA GLU E 240 -5.54 -5.67 -43.23
C GLU E 240 -5.45 -6.05 -44.69
N LEU E 241 -5.87 -5.11 -45.56
CA LEU E 241 -5.73 -5.24 -47.00
C LEU E 241 -4.28 -5.55 -47.37
N ASP E 242 -3.36 -4.91 -46.67
CA ASP E 242 -1.93 -5.11 -46.91
C ASP E 242 -1.54 -6.54 -46.57
N ASN E 243 -2.12 -7.08 -45.50
CA ASN E 243 -1.85 -8.46 -45.11
C ASN E 243 -2.43 -9.46 -46.09
N VAL E 244 -3.70 -9.28 -46.42
CA VAL E 244 -4.41 -10.15 -47.36
C VAL E 244 -3.66 -10.25 -48.67
N VAL E 245 -3.12 -9.12 -49.11
CA VAL E 245 -2.35 -9.04 -50.35
C VAL E 245 -1.01 -9.77 -50.25
N GLN E 246 -0.26 -9.50 -49.17
CA GLN E 246 1.02 -10.15 -48.96
C GLN E 246 0.86 -11.65 -48.82
N ARG E 247 -0.21 -12.06 -48.16
CA ARG E 247 -0.55 -13.46 -48.01
C ARG E 247 -0.90 -14.04 -49.37
N ALA E 248 -1.67 -13.27 -50.16
CA ALA E 248 -2.05 -13.69 -51.50
C ALA E 248 -0.82 -13.84 -52.40
N LEU E 249 0.14 -12.95 -52.26
CA LEU E 249 1.38 -13.02 -53.03
C LEU E 249 2.20 -14.26 -52.70
N ILE E 250 2.14 -14.71 -51.44
CA ILE E 250 2.84 -15.92 -51.03
C ILE E 250 2.17 -17.13 -51.67
N LEU E 251 0.85 -17.15 -51.63
CA LEU E 251 0.06 -18.25 -52.17
C LEU E 251 0.17 -18.34 -53.69
N SER E 252 0.18 -17.18 -54.36
CA SER E 252 0.28 -17.16 -55.82
C SER E 252 1.71 -17.41 -56.29
N GLU E 253 2.61 -17.53 -55.32
CA GLU E 253 4.04 -17.68 -55.58
C GLU E 253 4.51 -16.59 -56.53
N ASN E 254 4.10 -15.36 -56.22
CA ASN E 254 4.44 -14.16 -56.96
C ASN E 254 3.89 -14.15 -58.39
N GLY E 255 2.82 -14.90 -58.61
CA GLY E 255 2.15 -14.87 -59.89
C GLY E 255 0.90 -14.01 -59.78
N HIS E 256 0.10 -14.01 -60.83
CA HIS E 256 -1.17 -13.27 -60.82
C HIS E 256 -2.07 -13.75 -59.68
N ILE E 257 -2.56 -12.80 -58.88
CA ILE E 257 -3.38 -13.14 -57.72
C ILE E 257 -4.81 -13.47 -58.14
N GLN E 258 -5.24 -14.68 -57.80
CA GLN E 258 -6.57 -15.16 -58.17
C GLN E 258 -7.49 -15.23 -56.94
N SER E 259 -8.78 -15.40 -57.18
CA SER E 259 -9.79 -15.47 -56.12
C SER E 259 -9.58 -16.63 -55.13
N GLU E 260 -8.47 -17.33 -55.27
CA GLU E 260 -8.18 -18.53 -54.48
C GLU E 260 -6.96 -18.27 -53.60
N HIS E 261 -6.24 -17.20 -53.94
CA HIS E 261 -5.09 -16.78 -53.14
C HIS E 261 -5.51 -15.77 -52.09
N ILE E 262 -6.74 -15.28 -52.23
CA ILE E 262 -7.27 -14.29 -51.29
C ILE E 262 -8.05 -14.98 -50.18
N LEU E 263 -7.40 -15.10 -49.02
CA LEU E 263 -8.02 -15.67 -47.83
C LEU E 263 -8.35 -14.51 -46.89
N LEU E 264 -9.63 -14.36 -46.56
CA LEU E 264 -10.08 -13.25 -45.71
C LEU E 264 -10.29 -13.68 -44.27
N GLU E 265 -11.20 -14.61 -44.04
CA GLU E 265 -11.45 -15.14 -42.71
C GLU E 265 -12.30 -16.42 -42.76
N GLY E 266 -11.88 -17.36 -43.60
CA GLY E 266 -12.60 -18.61 -43.74
C GLY E 266 -11.68 -19.77 -44.08
N HIS F 20 14.17 -34.45 -38.33
CA HIS F 20 13.18 -34.52 -39.39
C HIS F 20 11.78 -34.26 -38.84
N MET F 21 10.86 -33.92 -39.74
CA MET F 21 9.44 -33.95 -39.42
C MET F 21 8.89 -35.33 -39.77
N VAL F 22 7.63 -35.55 -39.45
CA VAL F 22 6.95 -36.78 -39.83
C VAL F 22 5.45 -36.56 -39.74
N VAL F 23 4.82 -36.54 -40.90
CA VAL F 23 3.37 -36.42 -41.00
C VAL F 23 2.83 -37.49 -41.93
N ALA F 24 1.53 -37.74 -41.86
CA ALA F 24 0.90 -38.76 -42.69
C ALA F 24 -0.55 -38.39 -42.95
N ASP F 25 -1.16 -37.68 -42.00
CA ASP F 25 -2.53 -37.24 -42.14
C ASP F 25 -2.59 -36.22 -43.27
N THR F 26 -3.67 -36.27 -44.05
CA THR F 26 -3.78 -35.41 -45.23
C THR F 26 -3.82 -33.94 -44.86
N LYS F 27 -4.36 -33.63 -43.69
CA LYS F 27 -4.45 -32.25 -43.24
C LYS F 27 -3.10 -31.74 -42.77
N SER F 28 -2.24 -32.65 -42.31
CA SER F 28 -0.89 -32.28 -41.90
C SER F 28 -0.05 -32.06 -43.15
N LEU F 29 -0.29 -32.87 -44.18
CA LEU F 29 0.40 -32.74 -45.46
C LEU F 29 0.03 -31.44 -46.13
N LYS F 30 -1.22 -31.01 -45.94
CA LYS F 30 -1.68 -29.75 -46.51
C LYS F 30 -1.00 -28.58 -45.84
N LEU F 31 -0.73 -28.71 -44.54
CA LEU F 31 -0.04 -27.67 -43.80
C LEU F 31 1.43 -27.58 -44.22
N LEU F 32 2.07 -28.73 -44.39
CA LEU F 32 3.45 -28.76 -44.87
C LEU F 32 3.50 -28.20 -46.28
N ALA F 33 2.40 -28.38 -47.01
CA ALA F 33 2.27 -27.81 -48.35
C ALA F 33 2.34 -26.28 -48.29
N LEU F 34 1.65 -25.68 -47.31
CA LEU F 34 1.72 -24.23 -47.12
C LEU F 34 3.08 -23.82 -46.58
N ALA F 35 3.65 -24.65 -45.71
CA ALA F 35 4.93 -24.36 -45.09
C ALA F 35 6.01 -24.09 -46.13
N ASP F 36 6.01 -24.89 -47.19
CA ASP F 36 6.99 -24.77 -48.25
C ASP F 36 6.84 -23.45 -49.01
N LYS F 37 5.60 -22.98 -49.14
CA LYS F 37 5.35 -21.75 -49.90
C LYS F 37 5.83 -20.51 -49.16
N VAL F 38 5.69 -20.51 -47.84
CA VAL F 38 6.08 -19.36 -47.04
C VAL F 38 7.55 -19.42 -46.65
N ALA F 39 8.09 -20.63 -46.52
CA ALA F 39 9.49 -20.81 -46.13
C ALA F 39 10.46 -20.16 -47.10
N LYS F 40 10.19 -20.29 -48.40
CA LYS F 40 11.08 -19.73 -49.42
C LYS F 40 11.15 -18.20 -49.36
N THR F 41 10.18 -17.59 -48.70
CA THR F 41 10.14 -16.13 -48.60
C THR F 41 10.68 -15.67 -47.25
N ASP F 42 10.57 -14.37 -46.98
CA ASP F 42 11.07 -13.81 -45.73
C ASP F 42 9.92 -13.39 -44.81
N ALA F 43 8.73 -13.89 -45.10
CA ALA F 43 7.53 -13.47 -44.37
C ALA F 43 7.55 -13.94 -42.93
N ASN F 44 6.92 -13.16 -42.05
CA ASN F 44 6.76 -13.54 -40.66
C ASN F 44 5.71 -14.64 -40.51
N VAL F 45 6.12 -15.80 -40.00
CA VAL F 45 5.18 -16.90 -39.86
C VAL F 45 4.69 -17.02 -38.41
N MET F 46 3.38 -17.14 -38.25
CA MET F 46 2.78 -17.32 -36.93
C MET F 46 2.14 -18.70 -36.82
N ILE F 47 2.72 -19.53 -35.95
CA ILE F 47 2.27 -20.90 -35.84
C ILE F 47 1.36 -21.09 -34.62
N LEU F 48 0.09 -21.32 -34.89
CA LEU F 48 -0.89 -21.52 -33.83
C LEU F 48 -1.03 -23.00 -33.56
N GLY F 49 -2.03 -23.38 -32.76
CA GLY F 49 -2.20 -24.77 -32.39
C GLY F 49 -2.02 -24.97 -30.91
N PRO F 50 -2.33 -26.18 -30.41
CA PRO F 50 -2.19 -26.38 -28.97
C PRO F 50 -0.74 -26.53 -28.57
N SER F 51 -0.46 -26.46 -27.28
CA SER F 51 0.90 -26.66 -26.80
C SER F 51 1.22 -28.14 -26.76
N GLY F 52 2.36 -28.51 -27.34
CA GLY F 52 2.77 -29.90 -27.40
C GLY F 52 2.44 -30.54 -28.73
N SER F 53 2.75 -29.84 -29.82
CA SER F 53 2.40 -30.33 -31.15
C SER F 53 3.51 -30.19 -32.19
N GLY F 54 4.71 -29.77 -31.78
CA GLY F 54 5.79 -29.61 -32.73
C GLY F 54 5.71 -28.34 -33.57
N LYS F 55 5.35 -27.24 -32.92
CA LYS F 55 5.37 -25.94 -33.59
C LYS F 55 6.81 -25.50 -33.80
N GLU F 56 7.72 -26.00 -32.95
CA GLU F 56 9.13 -25.68 -33.07
C GLU F 56 9.74 -26.52 -34.19
N VAL F 57 9.37 -27.80 -34.21
CA VAL F 57 9.85 -28.72 -35.25
C VAL F 57 9.26 -28.30 -36.59
N MET F 58 8.17 -27.54 -36.52
CA MET F 58 7.55 -26.98 -37.70
C MET F 58 8.23 -25.66 -38.04
N SER F 59 8.73 -24.98 -37.01
CA SER F 59 9.49 -23.74 -37.21
C SER F 59 10.85 -24.04 -37.81
N ARG F 60 11.50 -25.09 -37.32
CA ARG F 60 12.80 -25.49 -37.82
C ARG F 60 12.72 -25.99 -39.27
N TYR F 61 11.60 -26.65 -39.59
CA TYR F 61 11.39 -27.11 -40.94
C TYR F 61 11.35 -25.93 -41.90
N ILE F 62 10.72 -24.85 -41.47
CA ILE F 62 10.64 -23.63 -42.27
C ILE F 62 12.04 -23.06 -42.49
N HIS F 63 12.86 -23.09 -41.44
CA HIS F 63 14.23 -22.61 -41.51
C HIS F 63 15.02 -23.40 -42.55
N ASN F 64 14.91 -24.73 -42.49
CA ASN F 64 15.63 -25.60 -43.41
C ASN F 64 15.09 -25.53 -44.83
N ALA F 65 13.88 -24.99 -44.99
CA ALA F 65 13.27 -24.83 -46.31
C ALA F 65 13.39 -23.40 -46.81
N SER F 66 14.02 -22.55 -46.01
CA SER F 66 14.19 -21.14 -46.35
C SER F 66 15.58 -20.92 -46.97
N PRO F 67 15.75 -19.81 -47.72
CA PRO F 67 17.06 -19.45 -48.28
C PRO F 67 18.15 -19.26 -47.21
N ARG F 68 17.74 -19.30 -45.95
CA ARG F 68 18.63 -19.11 -44.81
C ARG F 68 19.05 -20.44 -44.16
N LYS F 69 19.13 -21.51 -44.95
CA LYS F 69 19.42 -22.86 -44.45
C LYS F 69 20.66 -22.94 -43.56
N GLU F 70 21.79 -22.41 -44.04
CA GLU F 70 23.06 -22.49 -43.32
C GLU F 70 23.22 -21.40 -42.26
N GLY F 71 22.27 -20.48 -42.19
CA GLY F 71 22.34 -19.42 -41.21
C GLY F 71 21.99 -19.94 -39.83
N PRO F 72 22.08 -19.07 -38.81
CA PRO F 72 21.77 -19.48 -37.44
C PRO F 72 20.28 -19.69 -37.20
N PHE F 73 19.95 -20.58 -36.28
CA PHE F 73 18.55 -20.76 -35.87
C PHE F 73 18.46 -20.55 -34.37
N ILE F 74 17.93 -19.39 -33.96
CA ILE F 74 17.89 -19.04 -32.56
C ILE F 74 16.47 -19.13 -32.00
N ALA F 75 16.30 -19.94 -30.97
CA ALA F 75 14.98 -20.11 -30.36
C ALA F 75 14.98 -19.57 -28.93
N ILE F 76 13.87 -18.95 -28.56
CA ILE F 76 13.71 -18.42 -27.20
C ILE F 76 12.26 -18.56 -26.73
N ASN F 77 12.06 -19.24 -25.60
CA ASN F 77 10.71 -19.45 -25.08
C ASN F 77 10.31 -18.34 -24.12
N CYS F 78 9.37 -17.51 -24.56
CA CYS F 78 8.97 -16.33 -23.80
C CYS F 78 8.17 -16.69 -22.54
N ALA F 79 7.85 -17.96 -22.38
CA ALA F 79 7.06 -18.41 -21.24
C ALA F 79 7.91 -19.21 -20.26
N ALA F 80 9.21 -19.30 -20.53
CA ALA F 80 10.08 -20.16 -19.74
C ALA F 80 11.34 -19.45 -19.25
N ILE F 81 11.38 -18.14 -19.41
CA ILE F 81 12.52 -17.35 -18.96
C ILE F 81 12.33 -16.84 -17.54
N PRO F 82 13.08 -17.42 -16.58
CA PRO F 82 12.92 -17.08 -15.17
C PRO F 82 13.48 -15.70 -14.83
N ASP F 83 13.20 -15.23 -13.62
CA ASP F 83 13.74 -13.97 -13.10
C ASP F 83 13.45 -12.77 -14.01
N ASN F 84 12.37 -12.88 -14.79
CA ASN F 84 11.92 -11.79 -15.65
C ASN F 84 13.01 -11.31 -16.61
N MET F 85 13.83 -12.24 -17.08
CA MET F 85 14.97 -11.90 -17.93
C MET F 85 14.63 -12.01 -19.41
N LEU F 86 13.34 -12.09 -19.72
CA LEU F 86 12.90 -12.23 -21.11
C LEU F 86 13.34 -11.05 -21.97
N GLU F 87 13.04 -9.83 -21.49
CA GLU F 87 13.43 -8.62 -22.20
C GLU F 87 14.94 -8.56 -22.36
N ALA F 88 15.65 -8.90 -21.29
CA ALA F 88 17.10 -8.82 -21.26
C ALA F 88 17.73 -9.80 -22.26
N THR F 89 17.10 -10.95 -22.44
CA THR F 89 17.66 -12.00 -23.28
C THR F 89 17.40 -11.73 -24.77
N LEU F 90 16.28 -11.08 -25.07
CA LEU F 90 15.95 -10.76 -26.46
C LEU F 90 16.84 -9.67 -27.04
N PHE F 91 16.93 -8.55 -26.33
CA PHE F 91 17.60 -7.37 -26.84
C PHE F 91 19.08 -7.29 -26.44
N GLY F 92 19.42 -8.01 -25.37
CA GLY F 92 20.75 -7.91 -24.80
C GLY F 92 20.84 -6.68 -23.93
N TYR F 93 21.96 -6.53 -23.23
CA TYR F 93 22.12 -5.42 -22.29
C TYR F 93 23.59 -5.09 -22.08
N GLU F 94 23.86 -3.83 -21.74
CA GLU F 94 25.20 -3.40 -21.37
C GLU F 94 25.40 -3.51 -19.87
N LYS F 95 26.65 -3.47 -19.44
CA LYS F 95 26.97 -3.55 -18.01
C LYS F 95 26.31 -2.39 -17.26
N GLY F 96 25.40 -2.72 -16.35
CA GLY F 96 24.75 -1.72 -15.53
C GLY F 96 23.36 -1.29 -15.98
N ALA F 97 22.81 -1.98 -16.97
CA ALA F 97 21.48 -1.62 -17.49
C ALA F 97 20.37 -1.90 -16.48
N PHE F 98 20.63 -2.81 -15.54
CA PHE F 98 19.65 -3.15 -14.51
C PHE F 98 20.34 -3.82 -13.33
N THR F 99 19.67 -3.87 -12.19
CA THR F 99 20.23 -4.51 -11.01
C THR F 99 20.47 -5.98 -11.30
N GLY F 100 21.75 -6.35 -11.48
CA GLY F 100 22.11 -7.71 -11.80
C GLY F 100 22.97 -7.81 -13.05
N ALA F 101 23.03 -6.72 -13.82
CA ALA F 101 23.83 -6.69 -15.04
C ALA F 101 25.29 -6.43 -14.72
N VAL F 102 26.04 -7.50 -14.48
CA VAL F 102 27.45 -7.39 -14.16
C VAL F 102 28.32 -7.33 -15.42
N GLN F 103 27.77 -7.83 -16.52
CA GLN F 103 28.50 -7.90 -17.78
C GLN F 103 27.67 -7.36 -18.94
N ALA F 104 28.32 -7.14 -20.08
CA ALA F 104 27.59 -6.86 -21.31
C ALA F 104 27.16 -8.19 -21.93
N CYS F 105 26.10 -8.17 -22.72
CA CYS F 105 25.57 -9.41 -23.27
C CYS F 105 24.77 -9.17 -24.55
N PRO F 106 25.11 -9.88 -25.63
CA PRO F 106 24.38 -9.78 -26.89
C PRO F 106 22.99 -10.40 -26.80
N GLY F 107 22.03 -9.84 -27.53
CA GLY F 107 20.66 -10.33 -27.52
C GLY F 107 20.44 -11.46 -28.50
N LYS F 108 19.29 -12.13 -28.37
CA LYS F 108 18.96 -13.26 -29.24
C LYS F 108 18.80 -12.81 -30.69
N PHE F 109 18.41 -11.55 -30.88
CA PHE F 109 18.30 -10.99 -32.22
C PHE F 109 19.66 -10.83 -32.89
N GLU F 110 20.68 -10.48 -32.11
CA GLU F 110 22.04 -10.35 -32.64
C GLU F 110 22.60 -11.71 -33.03
N GLN F 111 22.28 -12.72 -32.22
CA GLN F 111 22.77 -14.07 -32.45
C GLN F 111 22.14 -14.67 -33.72
N ALA F 112 20.99 -14.13 -34.12
CA ALA F 112 20.25 -14.66 -35.26
C ALA F 112 20.53 -13.90 -36.55
N GLN F 113 21.62 -13.14 -36.58
CA GLN F 113 21.96 -12.34 -37.76
C GLN F 113 22.17 -13.23 -38.99
N GLY F 114 21.43 -12.92 -40.06
CA GLY F 114 21.53 -13.67 -41.30
C GLY F 114 20.78 -14.99 -41.27
N GLY F 115 20.07 -15.25 -40.17
CA GLY F 115 19.35 -16.49 -40.02
C GLY F 115 17.90 -16.34 -39.61
N THR F 116 17.46 -17.18 -38.68
CA THR F 116 16.06 -17.20 -38.27
C THR F 116 15.92 -17.20 -36.74
N ILE F 117 15.00 -16.40 -36.23
CA ILE F 117 14.71 -16.39 -34.80
C ILE F 117 13.30 -16.93 -34.55
N LEU F 118 13.15 -17.69 -33.47
CA LEU F 118 11.86 -18.24 -33.10
C LEU F 118 11.40 -17.69 -31.75
N LEU F 119 10.33 -16.91 -31.78
CA LEU F 119 9.75 -16.37 -30.54
C LEU F 119 8.64 -17.29 -30.04
N ASP F 120 9.03 -18.29 -29.26
CA ASP F 120 8.10 -19.29 -28.75
C ASP F 120 7.17 -18.71 -27.69
N GLU F 121 5.89 -19.04 -27.81
CA GLU F 121 4.85 -18.55 -26.89
C GLU F 121 4.89 -17.03 -26.73
N ILE F 122 4.77 -16.33 -27.85
CA ILE F 122 4.94 -14.88 -27.89
C ILE F 122 3.81 -14.16 -27.15
N SER F 123 2.74 -14.90 -26.84
CA SER F 123 1.58 -14.32 -26.17
C SER F 123 1.86 -13.97 -24.71
N GLU F 124 3.07 -14.26 -24.25
CA GLU F 124 3.40 -14.07 -22.85
C GLU F 124 4.28 -12.84 -22.63
N MET F 125 4.55 -12.12 -23.72
CA MET F 125 5.29 -10.88 -23.59
C MET F 125 4.37 -9.81 -23.03
N ASP F 126 4.86 -9.06 -22.04
CA ASP F 126 4.09 -7.95 -21.48
C ASP F 126 3.85 -6.87 -22.54
N LEU F 127 2.86 -6.01 -22.31
CA LEU F 127 2.49 -4.99 -23.29
C LEU F 127 3.66 -4.08 -23.66
N ASN F 128 4.58 -3.86 -22.72
CA ASN F 128 5.72 -3.00 -22.98
C ASN F 128 6.72 -3.67 -23.92
N LEU F 129 6.96 -4.96 -23.69
CA LEU F 129 7.89 -5.73 -24.51
C LEU F 129 7.41 -5.84 -25.95
N GLN F 130 6.10 -5.86 -26.12
CA GLN F 130 5.50 -5.93 -27.44
C GLN F 130 5.75 -4.65 -28.21
N ALA F 131 5.79 -3.53 -27.48
CA ALA F 131 6.06 -2.24 -28.09
C ALA F 131 7.51 -2.17 -28.53
N LYS F 132 8.39 -2.83 -27.77
CA LYS F 132 9.79 -2.88 -28.12
C LYS F 132 10.02 -3.82 -29.30
N LEU F 133 9.31 -4.94 -29.29
CA LEU F 133 9.38 -5.91 -30.38
C LEU F 133 8.81 -5.31 -31.67
N LEU F 134 7.74 -4.54 -31.52
CA LEU F 134 7.09 -3.91 -32.66
C LEU F 134 8.06 -2.98 -33.39
N ARG F 135 8.78 -2.15 -32.63
CA ARG F 135 9.76 -1.25 -33.22
C ARG F 135 10.88 -2.00 -33.94
N VAL F 136 11.31 -3.12 -33.36
CA VAL F 136 12.37 -3.92 -33.96
C VAL F 136 11.91 -4.50 -35.31
N LEU F 137 10.70 -5.01 -35.34
CA LEU F 137 10.16 -5.58 -36.58
C LEU F 137 9.99 -4.50 -37.66
N GLN F 138 9.60 -3.30 -37.22
CA GLN F 138 9.38 -2.20 -38.15
C GLN F 138 10.69 -1.59 -38.64
N GLU F 139 11.57 -1.27 -37.70
CA GLU F 139 12.81 -0.56 -38.04
C GLU F 139 13.92 -1.49 -38.49
N ARG F 140 13.72 -2.79 -38.31
CA ARG F 140 14.73 -3.80 -38.65
C ARG F 140 16.08 -3.50 -38.01
N GLU F 141 16.02 -3.03 -36.77
CA GLU F 141 17.21 -2.71 -36.00
C GLU F 141 16.92 -2.99 -34.53
N VAL F 142 17.98 -3.28 -33.77
CA VAL F 142 17.81 -3.56 -32.36
C VAL F 142 18.81 -2.74 -31.56
N GLU F 143 18.46 -2.40 -30.32
CA GLU F 143 19.36 -1.69 -29.42
C GLU F 143 19.32 -2.33 -28.04
N ARG F 144 20.50 -2.58 -27.49
CA ARG F 144 20.64 -3.25 -26.20
C ARG F 144 20.08 -2.39 -25.07
N LEU F 145 19.70 -3.06 -23.98
CA LEU F 145 19.27 -2.34 -22.78
C LEU F 145 20.43 -1.54 -22.22
N GLY F 146 20.20 -0.26 -22.01
CA GLY F 146 21.25 0.62 -21.50
C GLY F 146 22.12 1.15 -22.62
N SER F 147 21.74 0.83 -23.85
CA SER F 147 22.48 1.31 -25.03
C SER F 147 21.61 2.20 -25.91
N ARG F 148 22.24 3.23 -26.48
CA ARG F 148 21.54 4.11 -27.40
C ARG F 148 21.90 3.77 -28.84
N LYS F 149 22.91 2.92 -29.00
CA LYS F 149 23.40 2.55 -30.32
C LYS F 149 22.64 1.36 -30.89
N SER F 150 21.97 1.58 -32.02
CA SER F 150 21.17 0.55 -32.67
C SER F 150 22.01 -0.32 -33.60
N ILE F 151 21.63 -1.59 -33.70
CA ILE F 151 22.35 -2.55 -34.53
C ILE F 151 21.48 -3.01 -35.70
N LYS F 152 22.01 -2.84 -36.91
CA LYS F 152 21.27 -3.21 -38.12
C LYS F 152 20.99 -4.72 -38.11
N LEU F 153 19.74 -5.08 -38.40
CA LEU F 153 19.31 -6.48 -38.28
C LEU F 153 18.78 -7.09 -39.57
N ASP F 154 19.38 -8.21 -39.96
CA ASP F 154 18.86 -9.04 -41.05
C ASP F 154 18.39 -10.37 -40.49
N VAL F 155 17.19 -10.40 -39.92
CA VAL F 155 16.69 -11.58 -39.23
C VAL F 155 15.27 -11.95 -39.64
N ARG F 156 15.06 -13.22 -39.98
CA ARG F 156 13.74 -13.73 -40.30
C ARG F 156 13.04 -14.16 -39.02
N VAL F 157 11.81 -13.70 -38.82
CA VAL F 157 11.11 -13.92 -37.56
C VAL F 157 10.00 -14.96 -37.62
N LEU F 158 10.08 -15.94 -36.73
CA LEU F 158 9.00 -16.90 -36.54
C LEU F 158 8.44 -16.76 -35.11
N ALA F 159 7.17 -17.07 -34.94
CA ALA F 159 6.56 -17.00 -33.61
C ALA F 159 5.46 -18.05 -33.43
N THR F 160 5.19 -18.41 -32.19
CA THR F 160 4.16 -19.40 -31.87
C THR F 160 3.26 -18.91 -30.74
N SER F 161 2.06 -19.49 -30.66
CA SER F 161 1.13 -19.16 -29.59
C SER F 161 0.06 -20.24 -29.44
N ASN F 162 -0.28 -20.58 -28.21
CA ASN F 162 -1.35 -21.52 -27.95
C ASN F 162 -2.61 -20.77 -27.53
N ARG F 163 -2.70 -19.52 -27.97
CA ARG F 163 -3.83 -18.69 -27.64
C ARG F 163 -4.32 -17.96 -28.88
N ASP F 164 -5.63 -17.79 -28.99
CA ASP F 164 -6.20 -17.00 -30.07
C ASP F 164 -5.76 -15.55 -29.91
N LEU F 165 -4.72 -15.17 -30.64
CA LEU F 165 -4.14 -13.84 -30.50
C LEU F 165 -5.15 -12.74 -30.82
N LYS F 166 -6.08 -13.06 -31.71
CA LYS F 166 -7.11 -12.11 -32.11
C LYS F 166 -7.98 -11.68 -30.92
N GLN F 167 -8.48 -12.66 -30.17
CA GLN F 167 -9.29 -12.35 -28.99
C GLN F 167 -8.41 -11.81 -27.87
N TYR F 168 -7.14 -12.21 -27.88
CA TYR F 168 -6.18 -11.78 -26.88
C TYR F 168 -5.89 -10.30 -27.10
N VAL F 169 -5.91 -9.88 -28.36
CA VAL F 169 -5.83 -8.47 -28.71
C VAL F 169 -7.10 -7.78 -28.23
N GLN F 170 -8.24 -8.41 -28.50
CA GLN F 170 -9.54 -7.87 -28.10
C GLN F 170 -9.67 -7.82 -26.58
N ALA F 171 -8.93 -8.69 -25.89
CA ALA F 171 -8.93 -8.70 -24.43
C ALA F 171 -7.97 -7.62 -23.90
N GLY F 172 -7.21 -7.02 -24.79
CA GLY F 172 -6.32 -5.93 -24.43
C GLY F 172 -5.01 -6.35 -23.78
N HIS F 173 -4.60 -7.60 -24.03
CA HIS F 173 -3.37 -8.12 -23.45
C HIS F 173 -2.29 -8.23 -24.51
N PHE F 174 -2.64 -7.89 -25.74
CA PHE F 174 -1.73 -7.97 -26.88
C PHE F 174 -1.98 -6.82 -27.83
N ARG F 175 -0.90 -6.21 -28.32
CA ARG F 175 -1.01 -5.07 -29.24
C ARG F 175 -1.64 -5.50 -30.55
N GLU F 176 -2.62 -4.74 -31.01
CA GLU F 176 -3.34 -5.07 -32.24
C GLU F 176 -2.42 -4.99 -33.45
N ASP F 177 -1.51 -4.03 -33.42
CA ASP F 177 -0.57 -3.81 -34.50
C ASP F 177 0.51 -4.89 -34.59
N LEU F 178 0.95 -5.40 -33.45
CA LEU F 178 1.91 -6.50 -33.44
C LEU F 178 1.28 -7.78 -34.00
N TYR F 179 0.04 -8.03 -33.59
CA TYR F 179 -0.72 -9.18 -34.08
C TYR F 179 -0.96 -9.03 -35.57
N ALA F 180 -1.13 -7.79 -36.02
CA ALA F 180 -1.48 -7.56 -37.41
C ALA F 180 -0.23 -7.67 -38.29
N ARG F 181 0.94 -7.66 -37.66
CA ARG F 181 2.19 -7.73 -38.41
C ARG F 181 2.72 -9.15 -38.44
N LEU F 182 2.21 -9.98 -37.54
CA LEU F 182 2.69 -11.35 -37.42
C LEU F 182 1.69 -12.31 -38.05
N ASN F 183 0.53 -11.78 -38.44
CA ASN F 183 -0.56 -12.59 -38.95
C ASN F 183 -0.69 -12.46 -40.46
N VAL F 184 0.45 -12.30 -41.13
CA VAL F 184 0.47 -12.25 -42.58
C VAL F 184 0.21 -13.64 -43.13
N PHE F 185 0.85 -14.63 -42.50
CA PHE F 185 0.73 -16.01 -42.95
C PHE F 185 0.65 -16.93 -41.73
N PRO F 186 -0.52 -16.97 -41.08
CA PRO F 186 -0.69 -17.83 -39.92
C PRO F 186 -0.82 -19.30 -40.31
N LEU F 187 -0.27 -20.18 -39.48
CA LEU F 187 -0.44 -21.61 -39.68
C LEU F 187 -0.94 -22.28 -38.41
N THR F 188 -2.06 -23.00 -38.52
CA THR F 188 -2.63 -23.61 -37.33
C THR F 188 -2.37 -25.10 -37.36
N TRP F 189 -1.41 -25.50 -36.53
CA TRP F 189 -1.03 -26.88 -36.34
C TRP F 189 -2.04 -27.55 -35.40
N PRO F 190 -2.84 -28.49 -35.92
CA PRO F 190 -3.97 -29.01 -35.13
C PRO F 190 -3.62 -30.04 -34.06
N ALA F 191 -4.57 -30.31 -33.18
CA ALA F 191 -4.42 -31.31 -32.12
C ALA F 191 -4.23 -32.70 -32.73
N LEU F 192 -3.76 -33.63 -31.92
CA LEU F 192 -3.48 -34.99 -32.41
C LEU F 192 -4.73 -35.77 -32.78
N CYS F 193 -5.83 -35.50 -32.09
CA CYS F 193 -7.06 -36.24 -32.30
C CYS F 193 -7.80 -35.73 -33.53
N GLU F 194 -7.33 -34.62 -34.08
CA GLU F 194 -7.90 -34.10 -35.31
C GLU F 194 -7.04 -34.52 -36.50
N ARG F 195 -5.93 -35.19 -36.22
CA ARG F 195 -5.07 -35.73 -37.26
C ARG F 195 -4.56 -37.13 -36.91
N LYS F 196 -5.48 -38.05 -36.66
CA LYS F 196 -5.12 -39.35 -36.06
C LYS F 196 -4.18 -40.20 -36.92
N ASP F 197 -4.11 -39.89 -38.22
CA ASP F 197 -3.23 -40.64 -39.10
C ASP F 197 -1.76 -40.33 -38.83
N ASP F 198 -1.53 -39.29 -38.03
CA ASP F 198 -0.18 -38.92 -37.64
C ASP F 198 0.33 -39.75 -36.46
N ILE F 199 -0.59 -40.36 -35.73
CA ILE F 199 -0.28 -40.96 -34.44
C ILE F 199 0.70 -42.14 -34.55
N GLU F 200 0.40 -43.10 -35.42
CA GLU F 200 1.27 -44.25 -35.60
C GLU F 200 2.67 -43.87 -36.12
N PRO F 201 2.77 -43.05 -37.18
CA PRO F 201 4.12 -42.69 -37.61
C PRO F 201 4.89 -41.94 -36.51
N LEU F 202 4.17 -41.17 -35.71
CA LEU F 202 4.79 -40.38 -34.64
C LEU F 202 5.31 -41.27 -33.52
N ALA F 203 4.49 -42.25 -33.14
CA ALA F 203 4.84 -43.19 -32.09
C ALA F 203 6.11 -43.97 -32.45
N ASN F 204 6.12 -44.52 -33.66
CA ASN F 204 7.27 -45.28 -34.15
C ASN F 204 8.53 -44.42 -34.21
N HIS F 205 8.37 -43.14 -34.47
CA HIS F 205 9.50 -42.22 -34.56
C HIS F 205 10.10 -41.96 -33.19
N LEU F 206 9.24 -41.78 -32.19
CA LEU F 206 9.68 -41.51 -30.83
C LEU F 206 10.37 -42.72 -30.21
N ILE F 207 9.85 -43.91 -30.51
CA ILE F 207 10.48 -45.15 -30.07
C ILE F 207 11.89 -45.23 -30.66
N GLU F 208 12.00 -44.91 -31.94
CA GLU F 208 13.25 -45.05 -32.68
C GLU F 208 14.34 -44.11 -32.20
N ARG F 209 13.97 -42.86 -31.90
CA ARG F 209 14.95 -41.86 -31.51
C ARG F 209 15.40 -42.08 -30.06
N HIS F 210 14.54 -42.73 -29.27
CA HIS F 210 14.86 -43.02 -27.87
C HIS F 210 15.78 -44.23 -27.78
N CYS F 211 15.62 -45.16 -28.72
CA CYS F 211 16.48 -46.33 -28.81
C CYS F 211 17.84 -45.93 -29.35
N LYS F 212 17.86 -44.89 -30.17
CA LYS F 212 19.11 -44.38 -30.74
C LYS F 212 19.95 -43.66 -29.68
N LYS F 213 19.31 -43.23 -28.60
CA LYS F 213 20.03 -42.55 -27.53
C LYS F 213 20.75 -43.53 -26.60
N LEU F 214 20.35 -44.80 -26.65
CA LEU F 214 20.97 -45.80 -25.79
C LEU F 214 21.52 -47.00 -26.56
N GLY F 215 21.78 -46.81 -27.85
CA GLY F 215 22.37 -47.85 -28.69
C GLY F 215 21.62 -49.17 -28.72
N LEU F 216 20.33 -49.14 -28.43
CA LEU F 216 19.50 -50.35 -28.49
C LEU F 216 18.78 -50.46 -29.82
N PRO F 217 18.50 -51.71 -30.25
CA PRO F 217 17.68 -51.94 -31.42
C PRO F 217 16.23 -51.53 -31.16
N VAL F 218 15.57 -50.95 -32.16
CA VAL F 218 14.21 -50.49 -31.99
C VAL F 218 13.28 -51.70 -32.01
N PRO F 219 12.36 -51.76 -31.05
CA PRO F 219 11.43 -52.88 -30.93
C PRO F 219 10.17 -52.64 -31.76
N SER F 220 9.37 -53.68 -31.94
CA SER F 220 8.15 -53.52 -32.70
C SER F 220 7.03 -53.05 -31.78
N ILE F 221 5.92 -52.62 -32.38
CA ILE F 221 4.78 -52.15 -31.61
C ILE F 221 3.56 -52.98 -31.97
N ALA F 222 2.90 -53.55 -30.96
CA ALA F 222 1.79 -54.47 -31.17
C ALA F 222 0.62 -53.82 -31.90
N PRO F 223 -0.10 -54.62 -32.71
CA PRO F 223 -1.29 -54.14 -33.41
C PRO F 223 -2.31 -53.58 -32.42
N ASN F 224 -2.49 -54.29 -31.32
CA ASN F 224 -3.40 -53.90 -30.25
C ASN F 224 -2.91 -52.64 -29.54
N ALA F 225 -1.60 -52.43 -29.56
CA ALA F 225 -1.00 -51.25 -28.94
C ALA F 225 -1.27 -50.02 -29.80
N ILE F 226 -1.20 -50.20 -31.12
CA ILE F 226 -1.50 -49.13 -32.06
C ILE F 226 -2.95 -48.71 -31.90
N THR F 227 -3.85 -49.68 -31.83
CA THR F 227 -5.28 -49.44 -31.69
C THR F 227 -5.58 -48.67 -30.40
N LYS F 228 -4.86 -49.01 -29.34
CA LYS F 228 -5.04 -48.34 -28.05
C LYS F 228 -4.60 -46.88 -28.16
N LEU F 229 -3.57 -46.65 -28.97
CA LEU F 229 -3.04 -45.30 -29.18
C LEU F 229 -3.95 -44.46 -30.07
N LEU F 230 -4.58 -45.09 -31.05
CA LEU F 230 -5.43 -44.38 -32.00
C LEU F 230 -6.76 -43.95 -31.38
N ASN F 231 -7.25 -44.73 -30.43
CA ASN F 231 -8.55 -44.47 -29.83
C ASN F 231 -8.44 -43.69 -28.52
N TYR F 232 -7.30 -43.02 -28.34
CA TYR F 232 -7.12 -42.09 -27.23
C TYR F 232 -7.13 -40.67 -27.77
N PRO F 233 -7.88 -39.76 -27.13
CA PRO F 233 -8.03 -38.38 -27.59
C PRO F 233 -6.75 -37.53 -27.52
N TRP F 234 -5.76 -37.98 -26.75
CA TRP F 234 -4.49 -37.24 -26.60
C TRP F 234 -4.70 -35.78 -26.24
N PRO F 235 -5.09 -35.50 -24.98
CA PRO F 235 -5.29 -34.12 -24.55
C PRO F 235 -3.98 -33.35 -24.41
N GLY F 236 -2.88 -34.08 -24.27
CA GLY F 236 -1.57 -33.46 -24.14
C GLY F 236 -0.83 -33.54 -25.46
N ASN F 237 -1.50 -34.12 -26.46
CA ASN F 237 -0.96 -34.27 -27.81
C ASN F 237 0.41 -34.97 -27.81
N VAL F 238 1.32 -34.58 -28.70
CA VAL F 238 2.55 -35.37 -28.90
C VAL F 238 3.45 -35.41 -27.67
N ARG F 239 3.37 -34.38 -26.82
CA ARG F 239 4.22 -34.34 -25.64
C ARG F 239 3.73 -35.38 -24.64
N GLU F 240 2.50 -35.85 -24.84
CA GLU F 240 1.95 -36.92 -24.03
C GLU F 240 2.26 -38.27 -24.64
N LEU F 241 2.12 -38.38 -25.96
CA LEU F 241 2.49 -39.58 -26.70
C LEU F 241 3.92 -40.01 -26.40
N ASP F 242 4.82 -39.02 -26.29
CA ASP F 242 6.22 -39.29 -26.00
C ASP F 242 6.37 -39.94 -24.64
N ASN F 243 5.57 -39.48 -23.68
CA ASN F 243 5.59 -40.04 -22.33
C ASN F 243 5.04 -41.46 -22.32
N VAL F 244 3.88 -41.65 -22.93
CA VAL F 244 3.27 -42.97 -23.03
C VAL F 244 4.24 -43.96 -23.64
N VAL F 245 4.98 -43.50 -24.65
CA VAL F 245 5.97 -44.33 -25.32
C VAL F 245 7.16 -44.65 -24.43
N GLN F 246 7.73 -43.64 -23.76
CA GLN F 246 8.87 -43.88 -22.88
C GLN F 246 8.55 -44.86 -21.76
N ARG F 247 7.35 -44.72 -21.18
CA ARG F 247 6.94 -45.66 -20.13
C ARG F 247 6.75 -47.04 -20.74
N ALA F 248 6.16 -47.11 -21.93
CA ALA F 248 5.96 -48.39 -22.60
C ALA F 248 7.32 -49.06 -22.83
N LEU F 249 8.31 -48.26 -23.19
CA LEU F 249 9.66 -48.77 -23.39
C LEU F 249 10.25 -49.27 -22.07
N ILE F 250 9.84 -48.64 -20.97
CA ILE F 250 10.28 -49.07 -19.64
C ILE F 250 9.63 -50.40 -19.26
N LEU F 251 8.33 -50.50 -19.47
CA LEU F 251 7.60 -51.72 -19.12
C LEU F 251 8.00 -52.91 -19.99
N SER F 252 8.17 -52.68 -21.29
CA SER F 252 8.57 -53.75 -22.18
C SER F 252 10.07 -53.96 -22.06
N GLU F 253 10.71 -53.13 -21.24
CA GLU F 253 12.15 -53.15 -21.06
C GLU F 253 12.86 -53.12 -22.39
N ASN F 254 12.42 -52.18 -23.24
CA ASN F 254 12.96 -51.95 -24.58
C ASN F 254 12.72 -53.15 -25.50
N GLY F 255 11.71 -53.95 -25.16
CA GLY F 255 11.30 -55.08 -25.96
C GLY F 255 10.04 -54.77 -26.73
N HIS F 256 9.45 -55.79 -27.37
CA HIS F 256 8.21 -55.60 -28.10
C HIS F 256 7.15 -54.99 -27.20
N ILE F 257 6.66 -53.82 -27.57
CA ILE F 257 5.66 -53.15 -26.75
C ILE F 257 4.25 -53.64 -27.11
N GLN F 258 3.56 -54.16 -26.10
CA GLN F 258 2.22 -54.68 -26.28
C GLN F 258 1.19 -53.76 -25.61
N SER F 259 -0.09 -54.02 -25.88
CA SER F 259 -1.21 -53.21 -25.39
C SER F 259 -1.31 -53.09 -23.86
N GLU F 260 -0.31 -53.62 -23.15
CA GLU F 260 -0.33 -53.66 -21.70
C GLU F 260 0.78 -52.75 -21.21
N HIS F 261 1.67 -52.40 -22.15
CA HIS F 261 2.75 -51.48 -21.87
C HIS F 261 2.31 -50.04 -22.16
N ILE F 262 1.17 -49.90 -22.83
CA ILE F 262 0.61 -48.58 -23.10
C ILE F 262 -0.40 -48.24 -22.01
N LEU F 263 0.03 -47.42 -21.06
CA LEU F 263 -0.84 -46.93 -19.99
C LEU F 263 -1.21 -45.49 -20.29
N LEU F 264 -2.50 -45.20 -20.45
CA LEU F 264 -2.93 -43.85 -20.79
C LEU F 264 -3.51 -43.06 -19.62
N GLU F 265 -4.81 -42.77 -19.68
CA GLU F 265 -5.47 -42.07 -18.59
C GLU F 265 -6.83 -42.71 -18.31
N GLY F 266 -7.14 -43.78 -19.04
CA GLY F 266 -8.40 -44.47 -18.90
C GLY F 266 -8.41 -45.41 -17.71
N MET G 21 13.89 -50.68 3.44
CA MET G 21 12.45 -50.79 3.27
C MET G 21 11.94 -52.23 3.28
N VAL G 22 10.93 -52.48 4.11
CA VAL G 22 10.30 -53.79 4.20
C VAL G 22 8.80 -53.70 3.92
N VAL G 23 8.35 -54.36 2.85
CA VAL G 23 6.93 -54.40 2.51
C VAL G 23 6.50 -55.85 2.40
N ALA G 24 5.18 -56.08 2.41
CA ALA G 24 4.66 -57.44 2.40
C ALA G 24 3.31 -57.54 1.72
N ASP G 25 2.53 -56.47 1.76
CA ASP G 25 1.22 -56.48 1.11
C ASP G 25 1.42 -56.62 -0.39
N THR G 26 0.49 -57.34 -1.02
CA THR G 26 0.58 -57.66 -2.44
C THR G 26 0.53 -56.38 -3.27
N LYS G 27 -0.15 -55.38 -2.73
CA LYS G 27 -0.32 -54.10 -3.40
C LYS G 27 0.98 -53.30 -3.36
N SER G 28 1.76 -53.52 -2.31
CA SER G 28 3.08 -52.89 -2.18
C SER G 28 4.15 -53.60 -3.00
N LEU G 29 4.06 -54.92 -3.06
CA LEU G 29 5.04 -55.72 -3.79
C LEU G 29 4.99 -55.42 -5.28
N LYS G 30 3.81 -55.14 -5.80
CA LYS G 30 3.66 -54.80 -7.21
C LYS G 30 4.26 -53.43 -7.52
N LEU G 31 4.19 -52.51 -6.56
CA LEU G 31 4.78 -51.19 -6.76
C LEU G 31 6.29 -51.27 -6.83
N LEU G 32 6.88 -52.07 -5.94
CA LEU G 32 8.32 -52.29 -5.93
C LEU G 32 8.75 -53.00 -7.21
N ALA G 33 7.85 -53.81 -7.74
CA ALA G 33 8.09 -54.50 -9.01
C ALA G 33 8.28 -53.49 -10.14
N LEU G 34 7.47 -52.46 -10.15
CA LEU G 34 7.60 -51.37 -11.12
C LEU G 34 8.85 -50.58 -10.82
N ALA G 35 9.15 -50.41 -9.53
CA ALA G 35 10.32 -49.66 -9.10
C ALA G 35 11.59 -50.23 -9.71
N ASP G 36 11.67 -51.56 -9.76
CA ASP G 36 12.83 -52.24 -10.32
C ASP G 36 12.98 -51.96 -11.81
N LYS G 37 11.85 -51.82 -12.51
CA LYS G 37 11.88 -51.59 -13.95
C LYS G 37 12.39 -50.20 -14.30
N VAL G 38 12.03 -49.22 -13.47
CA VAL G 38 12.43 -47.85 -13.72
C VAL G 38 13.80 -47.54 -13.12
N ALA G 39 14.15 -48.23 -12.04
CA ALA G 39 15.42 -48.00 -11.36
C ALA G 39 16.62 -48.24 -12.28
N LYS G 40 16.55 -49.30 -13.07
CA LYS G 40 17.64 -49.66 -13.97
C LYS G 40 17.90 -48.57 -15.01
N THR G 41 16.90 -47.70 -15.23
CA THR G 41 17.01 -46.65 -16.22
C THR G 41 17.33 -45.29 -15.60
N ASP G 42 17.29 -44.24 -16.42
CA ASP G 42 17.57 -42.88 -15.96
C ASP G 42 16.32 -42.00 -15.93
N ALA G 43 15.15 -42.64 -15.97
CA ALA G 43 13.90 -41.90 -16.07
C ALA G 43 13.60 -41.11 -14.80
N ASN G 44 12.92 -39.98 -14.97
CA ASN G 44 12.45 -39.19 -13.84
C ASN G 44 11.26 -39.88 -13.20
N VAL G 45 11.39 -40.23 -11.92
CA VAL G 45 10.30 -40.90 -11.23
C VAL G 45 9.51 -39.92 -10.40
N MET G 46 8.20 -39.98 -10.52
CA MET G 46 7.31 -39.13 -9.75
C MET G 46 6.54 -39.97 -8.75
N ILE G 47 6.85 -39.78 -7.47
CA ILE G 47 6.26 -40.61 -6.44
C ILE G 47 5.13 -39.88 -5.73
N LEU G 48 3.89 -40.30 -6.02
CA LEU G 48 2.73 -39.68 -5.38
C LEU G 48 2.29 -40.49 -4.16
N GLY G 49 1.11 -40.18 -3.64
CA GLY G 49 0.61 -40.82 -2.45
C GLY G 49 0.45 -39.78 -1.36
N PRO G 50 -0.17 -40.17 -0.23
CA PRO G 50 -0.36 -39.17 0.83
C PRO G 50 0.94 -38.93 1.58
N SER G 51 0.99 -37.90 2.41
CA SER G 51 2.18 -37.64 3.21
C SER G 51 2.26 -38.59 4.40
N GLY G 52 3.41 -39.20 4.60
CA GLY G 52 3.58 -40.14 5.68
C GLY G 52 3.53 -41.59 5.27
N SER G 53 3.77 -41.86 3.98
CA SER G 53 3.71 -43.24 3.49
C SER G 53 5.07 -43.78 3.09
N GLY G 54 6.13 -43.02 3.36
CA GLY G 54 7.48 -43.46 3.00
C GLY G 54 7.92 -43.30 1.57
N LYS G 55 7.68 -42.12 0.98
CA LYS G 55 8.18 -41.83 -0.36
C LYS G 55 9.69 -41.61 -0.45
N GLU G 56 10.34 -41.17 0.63
CA GLU G 56 11.78 -40.96 0.56
C GLU G 56 12.48 -42.31 0.63
N VAL G 57 12.00 -43.16 1.53
CA VAL G 57 12.55 -44.51 1.65
C VAL G 57 12.20 -45.30 0.38
N MET G 58 11.23 -44.79 -0.37
CA MET G 58 10.90 -45.40 -1.65
C MET G 58 11.77 -44.86 -2.78
N SER G 59 12.18 -43.60 -2.66
CA SER G 59 13.08 -43.01 -3.64
C SER G 59 14.48 -43.59 -3.50
N ARG G 60 14.93 -43.80 -2.27
CA ARG G 60 16.24 -44.39 -2.03
C ARG G 60 16.29 -45.83 -2.51
N TYR G 61 15.17 -46.53 -2.43
CA TYR G 61 15.10 -47.89 -2.95
C TYR G 61 15.39 -47.87 -4.44
N ILE G 62 14.85 -46.88 -5.13
CA ILE G 62 15.09 -46.71 -6.55
C ILE G 62 16.58 -46.44 -6.80
N HIS G 63 17.17 -45.60 -5.96
CA HIS G 63 18.59 -45.28 -6.07
C HIS G 63 19.47 -46.53 -5.94
N ASN G 64 19.21 -47.32 -4.90
CA ASN G 64 19.98 -48.53 -4.66
C ASN G 64 19.70 -49.62 -5.68
N ALA G 65 18.62 -49.46 -6.42
CA ALA G 65 18.26 -50.41 -7.47
C ALA G 65 18.67 -49.86 -8.83
N SER G 66 19.25 -48.67 -8.83
CA SER G 66 19.70 -48.00 -10.04
C SER G 66 21.19 -48.26 -10.26
N PRO G 67 21.68 -48.11 -11.49
CA PRO G 67 23.13 -48.24 -11.75
C PRO G 67 23.99 -47.25 -10.98
N ARG G 68 23.36 -46.32 -10.28
CA ARG G 68 24.04 -45.29 -9.52
C ARG G 68 24.11 -45.61 -8.02
N LYS G 69 24.13 -46.90 -7.67
CA LYS G 69 24.08 -47.32 -6.26
C LYS G 69 25.10 -46.63 -5.37
N GLU G 70 26.37 -46.62 -5.77
CA GLU G 70 27.42 -46.02 -4.97
C GLU G 70 27.54 -44.51 -5.16
N GLY G 71 26.73 -43.96 -6.07
CA GLY G 71 26.77 -42.53 -6.29
C GLY G 71 26.08 -41.84 -5.14
N PRO G 72 26.10 -40.50 -5.14
CA PRO G 72 25.49 -39.74 -4.05
C PRO G 72 23.97 -39.76 -4.08
N PHE G 73 23.34 -39.65 -2.92
CA PHE G 73 21.89 -39.52 -2.84
C PHE G 73 21.55 -38.25 -2.07
N ILE G 74 21.15 -37.22 -2.79
CA ILE G 74 20.91 -35.92 -2.19
C ILE G 74 19.41 -35.65 -2.09
N ALA G 75 18.94 -35.39 -0.87
CA ALA G 75 17.52 -35.12 -0.66
C ALA G 75 17.31 -33.69 -0.19
N ILE G 76 16.26 -33.06 -0.68
CA ILE G 76 15.91 -31.71 -0.28
C ILE G 76 14.39 -31.53 -0.24
N ASN G 77 13.87 -31.16 0.92
CA ASN G 77 12.42 -31.01 1.09
C ASN G 77 11.97 -29.58 0.82
N CYS G 78 11.25 -29.40 -0.29
CA CYS G 78 10.86 -28.08 -0.74
C CYS G 78 9.81 -27.42 0.16
N ALA G 79 9.32 -28.17 1.15
CA ALA G 79 8.28 -27.67 2.03
C ALA G 79 8.81 -27.38 3.44
N ALA G 80 10.12 -27.55 3.63
CA ALA G 80 10.69 -27.44 4.98
C ALA G 80 11.93 -26.54 5.03
N ILE G 81 12.23 -25.84 3.94
CA ILE G 81 13.37 -24.94 3.92
C ILE G 81 12.98 -23.51 4.30
N PRO G 82 13.40 -23.07 5.49
CA PRO G 82 13.04 -21.76 6.05
C PRO G 82 13.73 -20.60 5.34
N ASP G 83 13.32 -19.39 5.68
CA ASP G 83 13.95 -18.15 5.18
C ASP G 83 14.01 -18.08 3.66
N ASN G 84 13.06 -18.78 3.01
CA ASN G 84 12.90 -18.72 1.55
C ASN G 84 14.19 -19.11 0.82
N MET G 85 14.93 -20.07 1.39
CA MET G 85 16.23 -20.45 0.86
C MET G 85 16.14 -21.67 -0.07
N LEU G 86 14.94 -22.00 -0.50
CA LEU G 86 14.75 -23.17 -1.35
C LEU G 86 15.53 -23.02 -2.66
N GLU G 87 15.33 -21.91 -3.34
CA GLU G 87 16.03 -21.63 -4.59
C GLU G 87 17.54 -21.57 -4.38
N ALA G 88 17.95 -20.88 -3.33
CA ALA G 88 19.37 -20.64 -3.07
C ALA G 88 20.13 -21.93 -2.75
N THR G 89 19.49 -22.83 -2.02
CA THR G 89 20.16 -24.05 -1.57
C THR G 89 20.18 -25.09 -2.69
N LEU G 90 19.17 -25.02 -3.56
CA LEU G 90 19.06 -25.95 -4.69
C LEU G 90 20.12 -25.66 -5.75
N PHE G 91 20.23 -24.39 -6.15
CA PHE G 91 21.12 -24.01 -7.25
C PHE G 91 22.50 -23.57 -6.78
N GLY G 92 22.60 -23.19 -5.52
CA GLY G 92 23.83 -22.61 -4.99
C GLY G 92 23.94 -21.14 -5.36
N TYR G 93 24.94 -20.47 -4.81
CA TYR G 93 25.12 -19.04 -5.01
C TYR G 93 26.58 -18.61 -4.82
N GLU G 94 26.97 -17.52 -5.49
CA GLU G 94 28.27 -16.90 -5.31
C GLU G 94 28.16 -15.81 -4.27
N LYS G 95 29.30 -15.30 -3.79
CA LYS G 95 29.27 -14.27 -2.77
C LYS G 95 28.46 -13.04 -3.14
N GLY G 96 27.38 -12.81 -2.39
CA GLY G 96 26.62 -11.59 -2.54
C GLY G 96 25.41 -11.63 -3.47
N ALA G 97 25.02 -12.82 -3.92
CA ALA G 97 23.98 -12.93 -4.94
C ALA G 97 22.62 -12.47 -4.46
N PHE G 98 22.48 -12.41 -3.15
CA PHE G 98 21.26 -11.94 -2.54
C PHE G 98 21.63 -11.45 -1.13
N THR G 99 20.77 -10.60 -0.56
CA THR G 99 21.07 -10.02 0.75
C THR G 99 21.17 -11.05 1.86
N GLY G 100 22.40 -11.31 2.31
CA GLY G 100 22.67 -12.28 3.35
C GLY G 100 23.68 -13.33 2.93
N ALA G 101 23.91 -13.43 1.63
CA ALA G 101 24.86 -14.39 1.09
C ALA G 101 26.30 -13.90 1.12
N VAL G 102 27.00 -14.18 2.21
CA VAL G 102 28.40 -13.77 2.30
C VAL G 102 29.34 -14.81 1.68
N GLN G 103 29.09 -16.10 1.87
CA GLN G 103 30.01 -17.09 1.31
C GLN G 103 29.52 -17.59 -0.03
N ALA G 104 30.41 -18.24 -0.76
CA ALA G 104 29.99 -18.99 -1.93
C ALA G 104 29.53 -20.37 -1.46
N CYS G 105 28.66 -21.01 -2.25
CA CYS G 105 28.08 -22.29 -1.84
C CYS G 105 27.58 -23.19 -2.98
N PRO G 106 28.03 -24.46 -2.99
CA PRO G 106 27.58 -25.41 -4.00
C PRO G 106 26.10 -25.74 -3.81
N GLY G 107 25.39 -25.97 -4.90
CA GLY G 107 23.98 -26.29 -4.86
C GLY G 107 23.76 -27.78 -4.68
N LYS G 108 22.51 -28.17 -4.40
CA LYS G 108 22.19 -29.57 -4.18
C LYS G 108 22.37 -30.41 -5.45
N PHE G 109 22.21 -29.78 -6.61
CA PHE G 109 22.43 -30.45 -7.89
C PHE G 109 23.90 -30.80 -8.08
N GLU G 110 24.78 -29.91 -7.62
CA GLU G 110 26.21 -30.13 -7.70
C GLU G 110 26.60 -31.30 -6.79
N GLN G 111 25.97 -31.35 -5.62
CA GLN G 111 26.27 -32.41 -4.65
C GLN G 111 25.82 -33.79 -5.11
N ALA G 112 24.85 -33.82 -6.01
CA ALA G 112 24.26 -35.08 -6.47
C ALA G 112 24.89 -35.56 -7.78
N GLN G 113 26.05 -35.00 -8.11
CA GLN G 113 26.72 -35.34 -9.36
C GLN G 113 27.06 -36.84 -9.45
N GLY G 114 26.62 -37.47 -10.53
CA GLY G 114 26.88 -38.88 -10.74
C GLY G 114 25.95 -39.77 -9.93
N GLY G 115 25.01 -39.16 -9.23
CA GLY G 115 24.09 -39.91 -8.38
C GLY G 115 22.64 -39.54 -8.61
N THR G 116 21.90 -39.41 -7.51
CA THR G 116 20.46 -39.17 -7.56
C THR G 116 20.05 -38.03 -6.62
N ILE G 117 19.19 -37.13 -7.10
CA ILE G 117 18.64 -36.08 -6.26
C ILE G 117 17.14 -36.30 -6.05
N LEU G 118 16.67 -36.00 -4.84
CA LEU G 118 15.25 -36.14 -4.53
C LEU G 118 14.61 -34.79 -4.23
N LEU G 119 13.68 -34.37 -5.08
CA LEU G 119 12.97 -33.11 -4.85
C LEU G 119 11.68 -33.39 -4.08
N ASP G 120 11.78 -33.40 -2.76
CA ASP G 120 10.67 -33.73 -1.87
C ASP G 120 9.61 -32.62 -1.81
N GLU G 121 8.34 -33.02 -1.90
CA GLU G 121 7.21 -32.09 -1.91
C GLU G 121 7.39 -30.99 -2.97
N ILE G 122 7.57 -31.41 -4.22
CA ILE G 122 7.92 -30.49 -5.29
C ILE G 122 6.80 -29.50 -5.62
N SER G 123 5.60 -29.75 -5.09
CA SER G 123 4.45 -28.90 -5.36
C SER G 123 4.56 -27.55 -4.67
N GLU G 124 5.65 -27.34 -3.94
CA GLU G 124 5.81 -26.13 -3.14
C GLU G 124 6.77 -25.13 -3.77
N MET G 125 7.28 -25.45 -4.94
CA MET G 125 8.11 -24.49 -5.67
C MET G 125 7.22 -23.42 -6.29
N ASP G 126 7.60 -22.16 -6.16
CA ASP G 126 6.89 -21.07 -6.81
C ASP G 126 7.02 -21.24 -8.33
N LEU G 127 6.12 -20.61 -9.09
CA LEU G 127 6.12 -20.76 -10.55
C LEU G 127 7.46 -20.37 -11.17
N ASN G 128 8.15 -19.42 -10.54
CA ASN G 128 9.43 -18.95 -11.03
C ASN G 128 10.53 -19.96 -10.80
N LEU G 129 10.54 -20.58 -9.62
CA LEU G 129 11.54 -21.58 -9.28
C LEU G 129 11.35 -22.81 -10.17
N GLN G 130 10.11 -23.07 -10.56
CA GLN G 130 9.80 -24.19 -11.45
C GLN G 130 10.37 -23.94 -12.84
N ALA G 131 10.40 -22.67 -13.24
CA ALA G 131 10.94 -22.31 -14.54
C ALA G 131 12.45 -22.53 -14.57
N LYS G 132 13.11 -22.30 -13.43
CA LYS G 132 14.54 -22.52 -13.34
C LYS G 132 14.84 -24.01 -13.30
N LEU G 133 14.00 -24.76 -12.60
CA LEU G 133 14.14 -26.20 -12.52
C LEU G 133 13.93 -26.82 -13.90
N LEU G 134 13.00 -26.24 -14.65
CA LEU G 134 12.72 -26.74 -16.00
C LEU G 134 13.96 -26.63 -16.89
N ARG G 135 14.63 -25.49 -16.84
CA ARG G 135 15.85 -25.29 -17.62
C ARG G 135 16.94 -26.30 -17.26
N VAL G 136 17.04 -26.63 -15.98
CA VAL G 136 18.03 -27.60 -15.53
C VAL G 136 17.72 -28.99 -16.08
N LEU G 137 16.46 -29.39 -16.03
CA LEU G 137 16.05 -30.70 -16.53
C LEU G 137 16.24 -30.81 -18.04
N GLN G 138 15.96 -29.72 -18.75
CA GLN G 138 16.07 -29.72 -20.21
C GLN G 138 17.53 -29.64 -20.68
N GLU G 139 18.28 -28.67 -20.15
CA GLU G 139 19.65 -28.44 -20.60
C GLU G 139 20.68 -29.33 -19.90
N ARG G 140 20.25 -30.00 -18.84
CA ARG G 140 21.13 -30.83 -18.01
C ARG G 140 22.37 -30.06 -17.54
N GLU G 141 22.16 -28.80 -17.19
CA GLU G 141 23.22 -27.94 -16.67
C GLU G 141 22.60 -26.95 -15.68
N VAL G 142 23.40 -26.49 -14.71
CA VAL G 142 22.91 -25.57 -13.71
C VAL G 142 23.85 -24.38 -13.51
N GLU G 143 23.31 -23.24 -13.08
CA GLU G 143 24.12 -22.07 -12.76
C GLU G 143 23.68 -21.45 -11.44
N ARG G 144 24.65 -21.15 -10.59
CA ARG G 144 24.40 -20.62 -9.25
C ARG G 144 23.78 -19.23 -9.30
N LEU G 145 23.11 -18.85 -8.21
CA LEU G 145 22.57 -17.50 -8.10
C LEU G 145 23.71 -16.49 -8.13
N GLY G 146 23.61 -15.50 -9.02
CA GLY G 146 24.64 -14.49 -9.14
C GLY G 146 25.76 -14.98 -10.03
N SER G 147 25.58 -16.16 -10.60
CA SER G 147 26.57 -16.74 -11.50
C SER G 147 26.08 -16.94 -12.93
N ARG G 148 26.98 -16.72 -13.87
CA ARG G 148 26.73 -16.97 -15.29
C ARG G 148 27.38 -18.26 -15.78
N LYS G 149 28.19 -18.89 -14.93
CA LYS G 149 28.91 -20.08 -15.32
C LYS G 149 28.03 -21.32 -15.15
N SER G 150 27.78 -21.99 -16.27
CA SER G 150 26.92 -23.19 -16.27
C SER G 150 27.73 -24.43 -15.92
N ILE G 151 27.10 -25.34 -15.19
CA ILE G 151 27.77 -26.55 -14.74
C ILE G 151 27.12 -27.81 -15.32
N LYS G 152 27.90 -28.61 -16.03
CA LYS G 152 27.38 -29.85 -16.63
C LYS G 152 26.93 -30.82 -15.55
N LEU G 153 25.73 -31.36 -15.72
CA LEU G 153 25.13 -32.20 -14.69
C LEU G 153 24.82 -33.62 -15.16
N ASP G 154 25.34 -34.60 -14.44
CA ASP G 154 24.96 -35.99 -14.63
C ASP G 154 24.19 -36.41 -13.39
N VAL G 155 22.92 -36.03 -13.32
CA VAL G 155 22.12 -36.24 -12.12
C VAL G 155 20.79 -36.87 -12.45
N ARG G 156 20.46 -37.95 -11.76
CA ARG G 156 19.17 -38.60 -11.90
C ARG G 156 18.17 -37.94 -10.95
N VAL G 157 17.01 -37.56 -11.47
CA VAL G 157 16.05 -36.82 -10.68
C VAL G 157 14.86 -37.65 -10.27
N LEU G 158 14.60 -37.68 -8.96
CA LEU G 158 13.39 -38.26 -8.41
C LEU G 158 12.66 -37.14 -7.72
N ALA G 159 11.34 -37.23 -7.63
CA ALA G 159 10.56 -36.19 -6.99
C ALA G 159 9.34 -36.76 -6.29
N THR G 160 8.82 -36.02 -5.33
CA THR G 160 7.67 -36.46 -4.56
C THR G 160 6.62 -35.36 -4.47
N SER G 161 5.37 -35.74 -4.27
CA SER G 161 4.29 -34.78 -4.05
C SER G 161 3.10 -35.45 -3.41
N ASN G 162 2.50 -34.76 -2.45
CA ASN G 162 1.29 -35.25 -1.78
C ASN G 162 0.08 -34.53 -2.33
N ARG G 163 0.20 -34.06 -3.57
CA ARG G 163 -0.86 -33.32 -4.22
C ARG G 163 -1.06 -33.83 -5.64
N ASP G 164 -2.31 -33.85 -6.09
CA ASP G 164 -2.61 -34.21 -7.47
C ASP G 164 -2.02 -33.15 -8.38
N LEU G 165 -0.83 -33.40 -8.92
CA LEU G 165 -0.12 -32.41 -9.72
C LEU G 165 -0.89 -31.98 -10.97
N LYS G 166 -1.63 -32.92 -11.56
CA LYS G 166 -2.43 -32.63 -12.75
C LYS G 166 -3.48 -31.58 -12.41
N GLN G 167 -4.15 -31.79 -11.29
CA GLN G 167 -5.17 -30.88 -10.80
C GLN G 167 -4.55 -29.57 -10.33
N TYR G 168 -3.32 -29.66 -9.86
CA TYR G 168 -2.57 -28.49 -9.41
C TYR G 168 -2.16 -27.64 -10.61
N VAL G 169 -1.88 -28.30 -11.72
CA VAL G 169 -1.59 -27.63 -12.98
C VAL G 169 -2.84 -26.91 -13.46
N GLN G 170 -3.97 -27.61 -13.37
CA GLN G 170 -5.25 -27.05 -13.79
C GLN G 170 -5.65 -25.87 -12.90
N ALA G 171 -5.14 -25.86 -11.68
CA ALA G 171 -5.41 -24.78 -10.74
C ALA G 171 -4.48 -23.59 -11.02
N GLY G 172 -3.52 -23.79 -11.90
CA GLY G 172 -2.61 -22.74 -12.32
C GLY G 172 -1.49 -22.46 -11.34
N HIS G 173 -1.16 -23.44 -10.51
CA HIS G 173 -0.12 -23.26 -9.50
C HIS G 173 1.13 -24.06 -9.84
N PHE G 174 1.08 -24.80 -10.95
CA PHE G 174 2.20 -25.63 -11.38
C PHE G 174 2.30 -25.62 -12.90
N ARG G 175 3.53 -25.50 -13.40
CA ARG G 175 3.75 -25.46 -14.85
C ARG G 175 3.41 -26.79 -15.50
N GLU G 176 2.62 -26.74 -16.57
CA GLU G 176 2.21 -27.96 -17.25
C GLU G 176 3.40 -28.64 -17.93
N ASP G 177 4.32 -27.83 -18.44
CA ASP G 177 5.48 -28.39 -19.14
C ASP G 177 6.43 -29.09 -18.16
N LEU G 178 6.58 -28.52 -16.96
CA LEU G 178 7.38 -29.17 -15.93
C LEU G 178 6.71 -30.44 -15.41
N TYR G 179 5.39 -30.37 -15.22
CA TYR G 179 4.63 -31.51 -14.74
C TYR G 179 4.71 -32.68 -15.71
N ALA G 180 4.74 -32.37 -17.00
CA ALA G 180 4.70 -33.40 -18.03
C ALA G 180 6.08 -34.03 -18.27
N ARG G 181 7.12 -33.44 -17.70
CA ARG G 181 8.47 -33.94 -17.89
C ARG G 181 8.81 -34.86 -16.72
N LEU G 182 8.00 -34.74 -15.68
CA LEU G 182 8.21 -35.50 -14.46
C LEU G 182 7.22 -36.67 -14.40
N ASN G 183 6.28 -36.67 -15.34
CA ASN G 183 5.19 -37.63 -15.31
C ASN G 183 5.36 -38.74 -16.35
N VAL G 184 6.62 -39.12 -16.61
CA VAL G 184 6.90 -40.23 -17.52
C VAL G 184 6.55 -41.53 -16.83
N PHE G 185 6.93 -41.64 -15.57
CA PHE G 185 6.71 -42.87 -14.81
C PHE G 185 6.30 -42.57 -13.38
N PRO G 186 5.03 -42.20 -13.18
CA PRO G 186 4.53 -41.90 -11.83
C PRO G 186 4.32 -43.17 -11.02
N LEU G 187 4.59 -43.10 -9.72
CA LEU G 187 4.31 -44.21 -8.83
C LEU G 187 3.48 -43.75 -7.64
N THR G 188 2.33 -44.38 -7.43
CA THR G 188 1.42 -43.95 -6.37
C THR G 188 1.46 -44.89 -5.18
N TRP G 189 2.11 -44.40 -4.13
CA TRP G 189 2.29 -45.10 -2.87
C TRP G 189 0.99 -44.96 -2.08
N PRO G 190 0.25 -46.06 -1.85
CA PRO G 190 -1.09 -45.91 -1.26
C PRO G 190 -1.07 -45.65 0.25
N ALA G 191 -2.21 -45.26 0.80
CA ALA G 191 -2.33 -45.03 2.23
C ALA G 191 -2.08 -46.34 2.99
N LEU G 192 -1.82 -46.24 4.28
CA LEU G 192 -1.51 -47.43 5.08
C LEU G 192 -2.71 -48.36 5.17
N CYS G 193 -3.91 -47.78 5.12
CA CYS G 193 -5.14 -48.54 5.27
C CYS G 193 -5.54 -49.26 3.99
N GLU G 194 -4.87 -48.94 2.88
CA GLU G 194 -5.11 -49.64 1.62
C GLU G 194 -4.08 -50.72 1.38
N ARG G 195 -3.11 -50.83 2.29
CA ARG G 195 -2.08 -51.87 2.22
C ARG G 195 -1.87 -52.45 3.61
N LYS G 196 -2.95 -53.02 4.16
CA LYS G 196 -3.03 -53.38 5.56
C LYS G 196 -2.02 -54.45 6.00
N ASP G 197 -1.52 -55.25 5.06
CA ASP G 197 -0.56 -56.30 5.39
C ASP G 197 0.83 -55.73 5.67
N ASP G 198 1.02 -54.45 5.37
CA ASP G 198 2.30 -53.80 5.62
C ASP G 198 2.41 -53.37 7.08
N ILE G 199 1.29 -53.28 7.77
CA ILE G 199 1.23 -52.67 9.09
C ILE G 199 2.03 -53.44 10.14
N GLU G 200 1.84 -54.76 10.25
CA GLU G 200 2.61 -55.54 11.22
C GLU G 200 4.13 -55.51 10.97
N PRO G 201 4.58 -55.80 9.73
CA PRO G 201 6.04 -55.76 9.53
C PRO G 201 6.62 -54.37 9.76
N LEU G 202 5.83 -53.36 9.45
CA LEU G 202 6.25 -51.98 9.57
C LEU G 202 6.38 -51.61 11.04
N ALA G 203 5.41 -52.05 11.85
CA ALA G 203 5.42 -51.79 13.28
C ALA G 203 6.67 -52.37 13.95
N ASN G 204 6.95 -53.65 13.71
CA ASN G 204 8.15 -54.27 14.26
C ASN G 204 9.42 -53.60 13.76
N HIS G 205 9.37 -53.06 12.55
CA HIS G 205 10.52 -52.36 11.99
C HIS G 205 10.79 -51.04 12.69
N LEU G 206 9.73 -50.29 12.96
CA LEU G 206 9.84 -48.99 13.61
C LEU G 206 10.33 -49.16 15.04
N ILE G 207 9.86 -50.23 15.71
CA ILE G 207 10.34 -50.57 17.04
C ILE G 207 11.82 -50.88 17.04
N GLU G 208 12.25 -51.68 16.07
CA GLU G 208 13.59 -52.21 16.01
C GLU G 208 14.64 -51.13 15.85
N ARG G 209 14.37 -50.18 14.96
CA ARG G 209 15.33 -49.12 14.67
C ARG G 209 15.35 -48.07 15.78
N HIS G 210 14.24 -47.95 16.50
CA HIS G 210 14.15 -46.99 17.59
C HIS G 210 14.80 -47.51 18.86
N CYS G 211 14.70 -48.81 19.08
CA CYS G 211 15.34 -49.43 20.23
C CYS G 211 16.83 -49.56 20.01
N LYS G 212 17.23 -49.78 18.76
CA LYS G 212 18.65 -49.90 18.42
C LYS G 212 19.34 -48.54 18.42
N LYS G 213 18.58 -47.47 18.23
CA LYS G 213 19.16 -46.13 18.22
C LYS G 213 19.32 -45.61 19.65
N LEU G 214 18.70 -46.29 20.60
CA LEU G 214 18.81 -45.90 22.00
C LEU G 214 19.37 -47.05 22.85
N GLY G 215 20.06 -47.97 22.20
CA GLY G 215 20.72 -49.08 22.88
C GLY G 215 19.82 -49.95 23.75
N LEU G 216 18.54 -49.97 23.43
CA LEU G 216 17.57 -50.79 24.17
C LEU G 216 17.29 -52.12 23.49
N PRO G 217 16.94 -53.15 24.28
CA PRO G 217 16.51 -54.42 23.70
C PRO G 217 15.16 -54.26 23.00
N VAL G 218 14.99 -54.88 21.84
CA VAL G 218 13.74 -54.76 21.08
C VAL G 218 12.66 -55.69 21.62
N PRO G 219 11.47 -55.15 21.88
CA PRO G 219 10.36 -55.97 22.36
C PRO G 219 9.47 -56.49 21.23
N SER G 220 8.65 -57.49 21.52
CA SER G 220 7.68 -58.03 20.58
C SER G 220 6.34 -57.33 20.71
N ILE G 221 5.40 -57.63 19.81
CA ILE G 221 4.08 -57.03 19.87
C ILE G 221 3.01 -58.10 20.03
N ALA G 222 2.18 -57.94 21.05
CA ALA G 222 1.15 -58.91 21.41
C ALA G 222 0.17 -59.13 20.26
N PRO G 223 -0.41 -60.35 20.18
CA PRO G 223 -1.40 -60.64 19.15
C PRO G 223 -2.57 -59.67 19.13
N ASN G 224 -3.09 -59.34 20.32
CA ASN G 224 -4.19 -58.39 20.44
C ASN G 224 -3.77 -56.97 20.10
N ALA G 225 -2.49 -56.66 20.27
CA ALA G 225 -1.98 -55.34 19.95
C ALA G 225 -1.87 -55.16 18.44
N ILE G 226 -1.45 -56.21 17.75
CA ILE G 226 -1.37 -56.19 16.29
C ILE G 226 -2.75 -55.96 15.67
N THR G 227 -3.74 -56.72 16.14
CA THR G 227 -5.10 -56.61 15.65
C THR G 227 -5.65 -55.20 15.88
N LYS G 228 -5.29 -54.62 17.02
CA LYS G 228 -5.71 -53.26 17.34
C LYS G 228 -5.10 -52.26 16.36
N LEU G 229 -3.87 -52.53 15.93
CA LEU G 229 -3.16 -51.69 14.98
C LEU G 229 -3.74 -51.82 13.58
N LEU G 230 -4.23 -53.02 13.26
CA LEU G 230 -4.76 -53.30 11.93
C LEU G 230 -6.11 -52.61 11.71
N ASN G 231 -6.88 -52.42 12.77
CA ASN G 231 -8.23 -51.87 12.64
C ASN G 231 -8.30 -50.36 12.86
N TYR G 232 -7.18 -49.67 12.69
CA TYR G 232 -7.16 -48.21 12.73
C TYR G 232 -6.96 -47.68 11.31
N PRO G 233 -7.74 -46.64 10.92
CA PRO G 233 -7.67 -46.13 9.55
C PRO G 233 -6.34 -45.46 9.19
N TRP G 234 -5.54 -45.11 10.20
CA TRP G 234 -4.24 -44.47 10.01
C TRP G 234 -4.29 -43.26 9.07
N PRO G 235 -4.88 -42.15 9.55
CA PRO G 235 -4.94 -40.92 8.74
C PRO G 235 -3.58 -40.25 8.61
N GLY G 236 -2.68 -40.58 9.52
CA GLY G 236 -1.34 -40.02 9.51
C GLY G 236 -0.38 -41.03 8.90
N ASN G 237 -0.94 -42.17 8.50
CA ASN G 237 -0.18 -43.25 7.88
C ASN G 237 1.02 -43.69 8.72
N VAL G 238 2.13 -44.02 8.05
CA VAL G 238 3.26 -44.65 8.73
C VAL G 238 3.92 -43.76 9.78
N ARG G 239 3.85 -42.45 9.58
CA ARG G 239 4.47 -41.52 10.53
C ARG G 239 3.64 -41.45 11.80
N GLU G 240 2.40 -41.92 11.72
CA GLU G 240 1.54 -41.98 12.89
C GLU G 240 1.80 -43.30 13.61
N LEU G 241 1.93 -44.36 12.83
CA LEU G 241 2.32 -45.67 13.35
C LEU G 241 3.60 -45.57 14.16
N ASP G 242 4.55 -44.76 13.68
CA ASP G 242 5.83 -44.59 14.35
C ASP G 242 5.62 -43.94 15.72
N ASN G 243 4.69 -42.99 15.77
CA ASN G 243 4.33 -42.33 17.03
C ASN G 243 3.61 -43.25 18.00
N VAL G 244 2.58 -43.93 17.50
CA VAL G 244 1.79 -44.85 18.30
C VAL G 244 2.70 -45.89 18.94
N VAL G 245 3.71 -46.32 18.20
CA VAL G 245 4.68 -47.29 18.67
C VAL G 245 5.59 -46.73 19.77
N GLN G 246 6.16 -45.55 19.52
CA GLN G 246 7.04 -44.91 20.50
C GLN G 246 6.29 -44.61 21.79
N ARG G 247 5.04 -44.21 21.65
CA ARG G 247 4.18 -43.97 22.80
C ARG G 247 3.94 -45.28 23.53
N ALA G 248 3.68 -46.34 22.77
CA ALA G 248 3.47 -47.66 23.34
C ALA G 248 4.71 -48.16 24.09
N LEU G 249 5.89 -47.90 23.53
CA LEU G 249 7.14 -48.29 24.17
C LEU G 249 7.38 -47.56 25.48
N ILE G 250 6.90 -46.32 25.59
CA ILE G 250 7.03 -45.56 26.82
C ILE G 250 6.10 -46.16 27.87
N LEU G 251 4.87 -46.45 27.45
CA LEU G 251 3.85 -47.02 28.32
C LEU G 251 4.21 -48.43 28.78
N SER G 252 4.76 -49.23 27.87
CA SER G 252 5.14 -50.61 28.19
C SER G 252 6.44 -50.62 28.97
N GLU G 253 7.01 -49.43 29.17
CA GLU G 253 8.29 -49.26 29.84
C GLU G 253 9.33 -50.18 29.21
N ASN G 254 9.35 -50.16 27.88
CA ASN G 254 10.28 -50.94 27.06
C ASN G 254 10.09 -52.45 27.19
N GLY G 255 8.89 -52.86 27.57
CA GLY G 255 8.57 -54.27 27.62
C GLY G 255 7.74 -54.63 26.40
N HIS G 256 7.24 -55.87 26.37
CA HIS G 256 6.39 -56.34 25.29
C HIS G 256 5.14 -55.47 25.16
N ILE G 257 4.87 -55.00 23.94
CA ILE G 257 3.75 -54.09 23.70
C ILE G 257 2.42 -54.84 23.64
N GLN G 258 1.51 -54.46 24.53
CA GLN G 258 0.20 -55.10 24.64
C GLN G 258 -0.90 -54.18 24.11
N SER G 259 -2.09 -54.73 23.89
CA SER G 259 -3.25 -53.99 23.38
C SER G 259 -3.70 -52.85 24.32
N GLU G 260 -2.94 -52.61 25.37
CA GLU G 260 -3.30 -51.66 26.41
C GLU G 260 -2.31 -50.50 26.37
N HIS G 261 -1.20 -50.74 25.69
CA HIS G 261 -0.19 -49.73 25.46
C HIS G 261 -0.42 -49.00 24.14
N ILE G 262 -1.34 -49.51 23.34
CA ILE G 262 -1.64 -48.92 22.03
C ILE G 262 -2.76 -47.89 22.16
N LEU G 263 -2.39 -46.61 22.19
CA LEU G 263 -3.37 -45.53 22.23
C LEU G 263 -3.48 -44.81 20.90
N LEU G 264 -4.69 -44.83 20.33
CA LEU G 264 -4.99 -44.18 19.06
C LEU G 264 -5.76 -42.88 19.29
N GLU G 265 -7.07 -42.95 19.07
CA GLU G 265 -7.97 -41.82 19.25
C GLU G 265 -9.19 -42.18 20.10
N GLY G 266 -8.96 -42.69 21.30
CA GLY G 266 -10.05 -43.06 22.17
C GLY G 266 -9.65 -42.80 23.60
#